data_3DCK
# 
_entry.id   3DCK 
# 
_audit_conform.dict_name       mmcif_pdbx.dic 
_audit_conform.dict_version    5.388 
_audit_conform.dict_location   http://mmcif.pdb.org/dictionaries/ascii/mmcif_pdbx.dic 
# 
loop_
_database_2.database_id 
_database_2.database_code 
_database_2.pdbx_database_accession 
_database_2.pdbx_DOI 
PDB   3DCK         pdb_00003dck 10.2210/pdb3dck/pdb 
RCSB  RCSB047868   ?            ?                   
WWPDB D_1000047868 ?            ?                   
# 
loop_
_pdbx_audit_revision_history.ordinal 
_pdbx_audit_revision_history.data_content_type 
_pdbx_audit_revision_history.major_revision 
_pdbx_audit_revision_history.minor_revision 
_pdbx_audit_revision_history.revision_date 
1 'Structure model' 1 0 2008-08-19 
2 'Structure model' 1 1 2011-07-13 
3 'Structure model' 1 2 2013-10-16 
4 'Structure model' 1 3 2017-10-25 
5 'Structure model' 1 4 2023-11-01 
6 'Structure model' 1 5 2023-11-15 
7 'Structure model' 1 6 2024-03-20 
# 
_pdbx_audit_revision_details.ordinal             1 
_pdbx_audit_revision_details.revision_ordinal    1 
_pdbx_audit_revision_details.data_content_type   'Structure model' 
_pdbx_audit_revision_details.provider            repository 
_pdbx_audit_revision_details.type                'Initial release' 
_pdbx_audit_revision_details.description         ? 
_pdbx_audit_revision_details.details             ? 
# 
loop_
_pdbx_audit_revision_group.ordinal 
_pdbx_audit_revision_group.revision_ordinal 
_pdbx_audit_revision_group.data_content_type 
_pdbx_audit_revision_group.group 
1  2 'Structure model' Advisory                    
2  2 'Structure model' 'Version format compliance' 
3  3 'Structure model' 'Non-polymer description'   
4  4 'Structure model' 'Refinement description'    
5  5 'Structure model' 'Data collection'           
6  5 'Structure model' 'Database references'       
7  5 'Structure model' 'Derived calculations'      
8  5 'Structure model' 'Refinement description'    
9  6 'Structure model' 'Data collection'           
10 7 'Structure model' 'Source and taxonomy'       
11 7 'Structure model' 'Structure summary'         
# 
loop_
_pdbx_audit_revision_category.ordinal 
_pdbx_audit_revision_category.revision_ordinal 
_pdbx_audit_revision_category.data_content_type 
_pdbx_audit_revision_category.category 
1  4 'Structure model' software                      
2  5 'Structure model' chem_comp_atom                
3  5 'Structure model' chem_comp_bond                
4  5 'Structure model' database_2                    
5  5 'Structure model' pdbx_initial_refinement_model 
6  5 'Structure model' struct_conn                   
7  5 'Structure model' struct_sheet                  
8  5 'Structure model' struct_site                   
9  6 'Structure model' chem_comp_atom                
10 6 'Structure model' chem_comp_bond                
11 7 'Structure model' entity                        
12 7 'Structure model' pdbx_entity_src_syn           
# 
loop_
_pdbx_audit_revision_item.ordinal 
_pdbx_audit_revision_item.revision_ordinal 
_pdbx_audit_revision_item.data_content_type 
_pdbx_audit_revision_item.item 
1  5 'Structure model' '_database_2.pdbx_DOI'                
2  5 'Structure model' '_database_2.pdbx_database_accession' 
3  5 'Structure model' '_struct_conn.pdbx_leaving_atom_flag' 
4  5 'Structure model' '_struct_sheet.number_strands'        
5  5 'Structure model' '_struct_site.pdbx_auth_asym_id'      
6  5 'Structure model' '_struct_site.pdbx_auth_comp_id'      
7  5 'Structure model' '_struct_site.pdbx_auth_seq_id'       
8  6 'Structure model' '_chem_comp_atom.atom_id'             
9  6 'Structure model' '_chem_comp_bond.atom_id_2'           
10 7 'Structure model' '_entity.details'                     
# 
_pdbx_database_status.entry_id                        3DCK 
_pdbx_database_status.deposit_site                    RCSB 
_pdbx_database_status.process_site                    PDBJ 
_pdbx_database_status.recvd_initial_deposition_date   2008-06-03 
_pdbx_database_status.status_code                     REL 
_pdbx_database_status.status_code_sf                  REL 
_pdbx_database_status.status_code_mr                  ? 
_pdbx_database_status.SG_entry                        ? 
_pdbx_database_status.status_code_cs                  ? 
_pdbx_database_status.methods_development_category    ? 
_pdbx_database_status.pdb_format_compatible           Y 
_pdbx_database_status.status_code_nmr_data            ? 
# 
_pdbx_database_related.db_name        PDB 
_pdbx_database_related.db_id          3DCR 
_pdbx_database_related.details        . 
_pdbx_database_related.content_type   unspecified 
# 
loop_
_audit_author.name 
_audit_author.pdbx_ordinal 
'Torbeev, V.Y.'  1 
'Mandal, K.'     2 
'Terechko, V.A.' 3 
'Kent, S.B.H.'   4 
# 
_citation.id                        primary 
_citation.title                     
'Crystal structure of chemically synthesized HIV-1 protease and a ketomethylene isostere inhibitor based on the p2/NC cleavage site' 
_citation.journal_abbrev            Bioorg.Med.Chem.Lett. 
_citation.journal_volume            18 
_citation.page_first                4554 
_citation.page_last                 4557 
_citation.year                      2008 
_citation.journal_id_ASTM           BMCLE8 
_citation.country                   UK 
_citation.journal_id_ISSN           0960-894X 
_citation.journal_id_CSD            1127 
_citation.book_publisher            ? 
_citation.pdbx_database_id_PubMed   18657969 
_citation.pdbx_database_id_DOI      10.1016/j.bmcl.2008.07.039 
# 
loop_
_citation_author.citation_id 
_citation_author.name 
_citation_author.ordinal 
_citation_author.identifier_ORCID 
primary 'Torbeev, V.Y.'  1 ? 
primary 'Mandal, K.'     2 ? 
primary 'Terechko, V.A.' 3 ? 
primary 'Kent, S.B.H.'   4 ? 
# 
loop_
_entity.id 
_entity.type 
_entity.src_method 
_entity.pdbx_description 
_entity.formula_weight 
_entity.pdbx_number_of_molecules 
_entity.pdbx_ec 
_entity.pdbx_mutation 
_entity.pdbx_fragment 
_entity.details 
1 polymer     syn 'Chemical analogue HIV-1 protease' 10759.640 2  3.4.23.16 D25N 'HIV-1 protease' ? 
2 non-polymer syn 
;(2S)-2-{[(2R,5S)-5-{[(2S,3S)-2-{[(2S,3R)-2-(acetylamino)-3-hydroxybutanoyl]amino}-3-methylpentanoyl]amino}-2-butyl-4-oxononanoyl]amino}-N~1~-[(2S)-1-amino-5-carbamimidamido-1-oxopentan-2-yl]pentanediamide
;
782.971   1  ?         ?    ?                'The peptide inhibitor was chemically synthesized' 
3 water       nat water 18.015    83 ?         ?    ?                ?                                                  
# 
_entity_poly.entity_id                      1 
_entity_poly.type                           'polypeptide(L)' 
_entity_poly.nstd_linkage                   no 
_entity_poly.nstd_monomer                   yes 
_entity_poly.pdbx_seq_one_letter_code       
;PQITLWKRPLVTIRIGGQLKEALLNTGADDTVIEE(NLE)NLPG(YCM)WKPK(NLE)IGGIGGFIKVRQYDQIPVEI
(ABA)GHKAIGTVLVGPTPVNIIGRNLLTQIG(ABA)TLNF
;
_entity_poly.pdbx_seq_one_letter_code_can   
;PQITLWKRPLVTIRIGGQLKEALLNTGADDTVIEELNLPGCWKPKLIGGIGGFIKVRQYDQIPVEIAGHKAIGTVLVGPT
PVNIIGRNLLTQIGATLNF
;
_entity_poly.pdbx_strand_id                 A,B 
_entity_poly.pdbx_target_identifier         ? 
# 
loop_
_pdbx_entity_nonpoly.entity_id 
_pdbx_entity_nonpoly.name 
_pdbx_entity_nonpoly.comp_id 
2 
;(2S)-2-{[(2R,5S)-5-{[(2S,3S)-2-{[(2S,3R)-2-(acetylamino)-3-hydroxybutanoyl]amino}-3-methylpentanoyl]amino}-2-butyl-4-oxononanoyl]amino}-N~1~-[(2S)-1-amino-5-carbamimidamido-1-oxopentan-2-yl]pentanediamide
;
KVI 
3 water HOH 
# 
loop_
_entity_poly_seq.entity_id 
_entity_poly_seq.num 
_entity_poly_seq.mon_id 
_entity_poly_seq.hetero 
1 1  PRO n 
1 2  GLN n 
1 3  ILE n 
1 4  THR n 
1 5  LEU n 
1 6  TRP n 
1 7  LYS n 
1 8  ARG n 
1 9  PRO n 
1 10 LEU n 
1 11 VAL n 
1 12 THR n 
1 13 ILE n 
1 14 ARG n 
1 15 ILE n 
1 16 GLY n 
1 17 GLY n 
1 18 GLN n 
1 19 LEU n 
1 20 LYS n 
1 21 GLU n 
1 22 ALA n 
1 23 LEU n 
1 24 LEU n 
1 25 ASN n 
1 26 THR n 
1 27 GLY n 
1 28 ALA n 
1 29 ASP n 
1 30 ASP n 
1 31 THR n 
1 32 VAL n 
1 33 ILE n 
1 34 GLU n 
1 35 GLU n 
1 36 NLE n 
1 37 ASN n 
1 38 LEU n 
1 39 PRO n 
1 40 GLY n 
1 41 YCM n 
1 42 TRP n 
1 43 LYS n 
1 44 PRO n 
1 45 LYS n 
1 46 NLE n 
1 47 ILE n 
1 48 GLY n 
1 49 GLY n 
1 50 ILE n 
1 51 GLY n 
1 52 GLY n 
1 53 PHE n 
1 54 ILE n 
1 55 LYS n 
1 56 VAL n 
1 57 ARG n 
1 58 GLN n 
1 59 TYR n 
1 60 ASP n 
1 61 GLN n 
1 62 ILE n 
1 63 PRO n 
1 64 VAL n 
1 65 GLU n 
1 66 ILE n 
1 67 ABA n 
1 68 GLY n 
1 69 HIS n 
1 70 LYS n 
1 71 ALA n 
1 72 ILE n 
1 73 GLY n 
1 74 THR n 
1 75 VAL n 
1 76 LEU n 
1 77 VAL n 
1 78 GLY n 
1 79 PRO n 
1 80 THR n 
1 81 PRO n 
1 82 VAL n 
1 83 ASN n 
1 84 ILE n 
1 85 ILE n 
1 86 GLY n 
1 87 ARG n 
1 88 ASN n 
1 89 LEU n 
1 90 LEU n 
1 91 THR n 
1 92 GLN n 
1 93 ILE n 
1 94 GLY n 
1 95 ABA n 
1 96 THR n 
1 97 LEU n 
1 98 ASN n 
1 99 PHE n 
# 
_pdbx_entity_src_syn.entity_id              1 
_pdbx_entity_src_syn.pdbx_src_id            1 
_pdbx_entity_src_syn.pdbx_alt_source_flag   sample 
_pdbx_entity_src_syn.pdbx_beg_seq_num       ? 
_pdbx_entity_src_syn.pdbx_end_seq_num       ? 
_pdbx_entity_src_syn.organism_scientific    ? 
_pdbx_entity_src_syn.organism_common_name   ? 
_pdbx_entity_src_syn.ncbi_taxonomy_id       ? 
_pdbx_entity_src_syn.details                
'total chemical protein synthesis using solid phase peptide synthesis and native chemical ligation' 
# 
loop_
_chem_comp.id 
_chem_comp.type 
_chem_comp.mon_nstd_flag 
_chem_comp.name 
_chem_comp.pdbx_synonyms 
_chem_comp.formula 
_chem_comp.formula_weight 
ABA 'L-peptide linking' n 'ALPHA-AMINOBUTYRIC ACID' ?                    'C4 H9 N O2'     103.120 
ALA 'L-peptide linking' y ALANINE ?                    'C3 H7 N O2'     89.093  
ARG 'L-peptide linking' y ARGININE ?                    'C6 H15 N4 O2 1' 175.209 
ASN 'L-peptide linking' y ASPARAGINE ?                    'C4 H8 N2 O3'    132.118 
ASP 'L-peptide linking' y 'ASPARTIC ACID' ?                    'C4 H7 N O4'     133.103 
GLN 'L-peptide linking' y GLUTAMINE ?                    'C5 H10 N2 O3'   146.144 
GLU 'L-peptide linking' y 'GLUTAMIC ACID' ?                    'C5 H9 N O4'     147.129 
GLY 'peptide linking'   y GLYCINE ?                    'C2 H5 N O2'     75.067  
HIS 'L-peptide linking' y HISTIDINE ?                    'C6 H10 N3 O2 1' 156.162 
HOH non-polymer         . WATER ?                    'H2 O'           18.015  
ILE 'L-peptide linking' y ISOLEUCINE ?                    'C6 H13 N O2'    131.173 
KVI peptide-like        . 
;(2S)-2-{[(2R,5S)-5-{[(2S,3S)-2-{[(2S,3R)-2-(acetylamino)-3-hydroxybutanoyl]amino}-3-methylpentanoyl]amino}-2-butyl-4-oxononanoyl]amino}-N~1~-[(2S)-1-amino-5-carbamimidamido-1-oxopentan-2-yl]pentanediamide
;
?                    'C36 H66 N10 O9' 782.971 
LEU 'L-peptide linking' y LEUCINE ?                    'C6 H13 N O2'    131.173 
LYS 'L-peptide linking' y LYSINE ?                    'C6 H15 N2 O2 1' 147.195 
NLE 'L-peptide linking' n NORLEUCINE ?                    'C6 H13 N O2'    131.173 
PHE 'L-peptide linking' y PHENYLALANINE ?                    'C9 H11 N O2'    165.189 
PRO 'L-peptide linking' y PROLINE ?                    'C5 H9 N O2'     115.130 
THR 'L-peptide linking' y THREONINE ?                    'C4 H9 N O3'     119.119 
TRP 'L-peptide linking' y TRYPTOPHAN ?                    'C11 H12 N2 O2'  204.225 
TYR 'L-peptide linking' y TYROSINE ?                    'C9 H11 N O3'    181.189 
VAL 'L-peptide linking' y VALINE ?                    'C5 H11 N O2'    117.146 
YCM 'L-peptide linking' n 'S-(2-AMINO-2-OXOETHYL)-L-CYSTEINE' CYSTEINE-S-ACETAMIDE 'C5 H10 N2 O3 S' 178.209 
# 
loop_
_pdbx_poly_seq_scheme.asym_id 
_pdbx_poly_seq_scheme.entity_id 
_pdbx_poly_seq_scheme.seq_id 
_pdbx_poly_seq_scheme.mon_id 
_pdbx_poly_seq_scheme.ndb_seq_num 
_pdbx_poly_seq_scheme.pdb_seq_num 
_pdbx_poly_seq_scheme.auth_seq_num 
_pdbx_poly_seq_scheme.pdb_mon_id 
_pdbx_poly_seq_scheme.auth_mon_id 
_pdbx_poly_seq_scheme.pdb_strand_id 
_pdbx_poly_seq_scheme.pdb_ins_code 
_pdbx_poly_seq_scheme.hetero 
A 1 1  PRO 1  1  1  PRO PRO A . n 
A 1 2  GLN 2  2  2  GLN GLN A . n 
A 1 3  ILE 3  3  3  ILE ILE A . n 
A 1 4  THR 4  4  4  THR THR A . n 
A 1 5  LEU 5  5  5  LEU LEU A . n 
A 1 6  TRP 6  6  6  TRP TRP A . n 
A 1 7  LYS 7  7  7  LYS LYS A . n 
A 1 8  ARG 8  8  8  ARG ARG A . n 
A 1 9  PRO 9  9  9  PRO PRO A . n 
A 1 10 LEU 10 10 10 LEU LEU A . n 
A 1 11 VAL 11 11 11 VAL VAL A . n 
A 1 12 THR 12 12 12 THR THR A . n 
A 1 13 ILE 13 13 13 ILE ILE A . n 
A 1 14 ARG 14 14 14 ARG ARG A . n 
A 1 15 ILE 15 15 15 ILE ILE A . n 
A 1 16 GLY 16 16 16 GLY GLY A . n 
A 1 17 GLY 17 17 17 GLY GLY A . n 
A 1 18 GLN 18 18 18 GLN GLN A . n 
A 1 19 LEU 19 19 19 LEU LEU A . n 
A 1 20 LYS 20 20 20 LYS LYS A . n 
A 1 21 GLU 21 21 21 GLU GLU A . n 
A 1 22 ALA 22 22 22 ALA ALA A . n 
A 1 23 LEU 23 23 23 LEU LEU A . n 
A 1 24 LEU 24 24 24 LEU LEU A . n 
A 1 25 ASN 25 25 25 ASN ASN A . n 
A 1 26 THR 26 26 26 THR THR A . n 
A 1 27 GLY 27 27 27 GLY GLY A . n 
A 1 28 ALA 28 28 28 ALA ALA A . n 
A 1 29 ASP 29 29 29 ASP ASP A . n 
A 1 30 ASP 30 30 30 ASP ASP A . n 
A 1 31 THR 31 31 31 THR THR A . n 
A 1 32 VAL 32 32 32 VAL VAL A . n 
A 1 33 ILE 33 33 33 ILE ILE A . n 
A 1 34 GLU 34 34 34 GLU GLU A . n 
A 1 35 GLU 35 35 35 GLU GLU A . n 
A 1 36 NLE 36 36 36 NLE NLE A . n 
A 1 37 ASN 37 37 37 ASN ASN A . n 
A 1 38 LEU 38 38 38 LEU LEU A . n 
A 1 39 PRO 39 39 39 PRO PRO A . n 
A 1 40 GLY 40 40 40 GLY GLY A . n 
A 1 41 YCM 41 41 41 YCM YCM A . n 
A 1 42 TRP 42 42 42 TRP TRP A . n 
A 1 43 LYS 43 43 43 LYS LYS A . n 
A 1 44 PRO 44 44 44 PRO PRO A . n 
A 1 45 LYS 45 45 45 LYS LYS A . n 
A 1 46 NLE 46 46 46 NLE NLE A . n 
A 1 47 ILE 47 47 47 ILE ILE A . n 
A 1 48 GLY 48 48 48 GLY GLY A . n 
A 1 49 GLY 49 49 49 GLY GLY A . n 
A 1 50 ILE 50 50 50 ILE ILE A . n 
A 1 51 GLY 51 51 51 GLY GLY A . n 
A 1 52 GLY 52 52 52 GLY GLY A . n 
A 1 53 PHE 53 53 53 PHE PHE A . n 
A 1 54 ILE 54 54 54 ILE ILE A . n 
A 1 55 LYS 55 55 55 LYS LYS A . n 
A 1 56 VAL 56 56 56 VAL VAL A . n 
A 1 57 ARG 57 57 57 ARG ARG A . n 
A 1 58 GLN 58 58 58 GLN GLN A . n 
A 1 59 TYR 59 59 59 TYR TYR A . n 
A 1 60 ASP 60 60 60 ASP ASP A . n 
A 1 61 GLN 61 61 61 GLN GLN A . n 
A 1 62 ILE 62 62 62 ILE ILE A . n 
A 1 63 PRO 63 63 63 PRO PRO A . n 
A 1 64 VAL 64 64 64 VAL VAL A . n 
A 1 65 GLU 65 65 65 GLU GLU A . n 
A 1 66 ILE 66 66 66 ILE ILE A . n 
A 1 67 ABA 67 67 67 ABA ABA A . n 
A 1 68 GLY 68 68 68 GLY GLY A . n 
A 1 69 HIS 69 69 69 HIS HIS A . n 
A 1 70 LYS 70 70 70 LYS LYS A . n 
A 1 71 ALA 71 71 71 ALA ALA A . n 
A 1 72 ILE 72 72 72 ILE ILE A . n 
A 1 73 GLY 73 73 73 GLY GLY A . n 
A 1 74 THR 74 74 74 THR THR A . n 
A 1 75 VAL 75 75 75 VAL VAL A . n 
A 1 76 LEU 76 76 76 LEU LEU A . n 
A 1 77 VAL 77 77 77 VAL VAL A . n 
A 1 78 GLY 78 78 78 GLY GLY A . n 
A 1 79 PRO 79 79 79 PRO PRO A . n 
A 1 80 THR 80 80 80 THR THR A . n 
A 1 81 PRO 81 81 81 PRO PRO A . n 
A 1 82 VAL 82 82 82 VAL VAL A . n 
A 1 83 ASN 83 83 83 ASN ASN A . n 
A 1 84 ILE 84 84 84 ILE ILE A . n 
A 1 85 ILE 85 85 85 ILE ILE A . n 
A 1 86 GLY 86 86 86 GLY GLY A . n 
A 1 87 ARG 87 87 87 ARG ARG A . n 
A 1 88 ASN 88 88 88 ASN ASN A . n 
A 1 89 LEU 89 89 89 LEU LEU A . n 
A 1 90 LEU 90 90 90 LEU LEU A . n 
A 1 91 THR 91 91 91 THR THR A . n 
A 1 92 GLN 92 92 92 GLN GLN A . n 
A 1 93 ILE 93 93 93 ILE ILE A . n 
A 1 94 GLY 94 94 94 GLY GLY A . n 
A 1 95 ABA 95 95 95 ABA ABA A . n 
A 1 96 THR 96 96 96 THR THR A . n 
A 1 97 LEU 97 97 97 LEU LEU A . n 
A 1 98 ASN 98 98 98 ASN ASN A . n 
A 1 99 PHE 99 99 99 PHE PHE A . n 
B 1 1  PRO 1  1  1  PRO PRO B . n 
B 1 2  GLN 2  2  2  GLN GLN B . n 
B 1 3  ILE 3  3  3  ILE ILE B . n 
B 1 4  THR 4  4  4  THR THR B . n 
B 1 5  LEU 5  5  5  LEU LEU B . n 
B 1 6  TRP 6  6  6  TRP TRP B . n 
B 1 7  LYS 7  7  7  LYS LYS B . n 
B 1 8  ARG 8  8  8  ARG ARG B . n 
B 1 9  PRO 9  9  9  PRO PRO B . n 
B 1 10 LEU 10 10 10 LEU LEU B . n 
B 1 11 VAL 11 11 11 VAL VAL B . n 
B 1 12 THR 12 12 12 THR THR B . n 
B 1 13 ILE 13 13 13 ILE ILE B . n 
B 1 14 ARG 14 14 14 ARG ARG B . n 
B 1 15 ILE 15 15 15 ILE ILE B . n 
B 1 16 GLY 16 16 16 GLY GLY B . n 
B 1 17 GLY 17 17 17 GLY GLY B . n 
B 1 18 GLN 18 18 18 GLN GLN B . n 
B 1 19 LEU 19 19 19 LEU LEU B . n 
B 1 20 LYS 20 20 20 LYS LYS B . n 
B 1 21 GLU 21 21 21 GLU GLU B . n 
B 1 22 ALA 22 22 22 ALA ALA B . n 
B 1 23 LEU 23 23 23 LEU LEU B . n 
B 1 24 LEU 24 24 24 LEU LEU B . n 
B 1 25 ASN 25 25 25 ASN ASN B . n 
B 1 26 THR 26 26 26 THR THR B . n 
B 1 27 GLY 27 27 27 GLY GLY B . n 
B 1 28 ALA 28 28 28 ALA ALA B . n 
B 1 29 ASP 29 29 29 ASP ASP B . n 
B 1 30 ASP 30 30 30 ASP ASP B . n 
B 1 31 THR 31 31 31 THR THR B . n 
B 1 32 VAL 32 32 32 VAL VAL B . n 
B 1 33 ILE 33 33 33 ILE ILE B . n 
B 1 34 GLU 34 34 34 GLU GLU B . n 
B 1 35 GLU 35 35 35 GLU GLU B . n 
B 1 36 NLE 36 36 36 NLE NLE B . n 
B 1 37 ASN 37 37 37 ASN ASN B . n 
B 1 38 LEU 38 38 38 LEU LEU B . n 
B 1 39 PRO 39 39 39 PRO PRO B . n 
B 1 40 GLY 40 40 40 GLY GLY B . n 
B 1 41 YCM 41 41 41 YCM YCM B . n 
B 1 42 TRP 42 42 42 TRP TRP B . n 
B 1 43 LYS 43 43 43 LYS LYS B . n 
B 1 44 PRO 44 44 44 PRO PRO B . n 
B 1 45 LYS 45 45 45 LYS LYS B . n 
B 1 46 NLE 46 46 46 NLE NLE B . n 
B 1 47 ILE 47 47 47 ILE ILE B . n 
B 1 48 GLY 48 48 48 GLY GLY B . n 
B 1 49 GLY 49 49 49 GLY GLY B . n 
B 1 50 ILE 50 50 50 ILE ILE B . n 
B 1 51 GLY 51 51 51 GLY GLY B . n 
B 1 52 GLY 52 52 52 GLY GLY B . n 
B 1 53 PHE 53 53 53 PHE PHE B . n 
B 1 54 ILE 54 54 54 ILE ILE B . n 
B 1 55 LYS 55 55 55 LYS LYS B . n 
B 1 56 VAL 56 56 56 VAL VAL B . n 
B 1 57 ARG 57 57 57 ARG ARG B . n 
B 1 58 GLN 58 58 58 GLN GLN B . n 
B 1 59 TYR 59 59 59 TYR TYR B . n 
B 1 60 ASP 60 60 60 ASP ASP B . n 
B 1 61 GLN 61 61 61 GLN GLN B . n 
B 1 62 ILE 62 62 62 ILE ILE B . n 
B 1 63 PRO 63 63 63 PRO PRO B . n 
B 1 64 VAL 64 64 64 VAL VAL B . n 
B 1 65 GLU 65 65 65 GLU GLU B . n 
B 1 66 ILE 66 66 66 ILE ILE B . n 
B 1 67 ABA 67 67 67 ABA ABA B . n 
B 1 68 GLY 68 68 68 GLY GLY B . n 
B 1 69 HIS 69 69 69 HIS HIS B . n 
B 1 70 LYS 70 70 70 LYS LYS B . n 
B 1 71 ALA 71 71 71 ALA ALA B . n 
B 1 72 ILE 72 72 72 ILE ILE B . n 
B 1 73 GLY 73 73 73 GLY GLY B . n 
B 1 74 THR 74 74 74 THR THR B . n 
B 1 75 VAL 75 75 75 VAL VAL B . n 
B 1 76 LEU 76 76 76 LEU LEU B . n 
B 1 77 VAL 77 77 77 VAL VAL B . n 
B 1 78 GLY 78 78 78 GLY GLY B . n 
B 1 79 PRO 79 79 79 PRO PRO B . n 
B 1 80 THR 80 80 80 THR THR B . n 
B 1 81 PRO 81 81 81 PRO PRO B . n 
B 1 82 VAL 82 82 82 VAL VAL B . n 
B 1 83 ASN 83 83 83 ASN ASN B . n 
B 1 84 ILE 84 84 84 ILE ILE B . n 
B 1 85 ILE 85 85 85 ILE ILE B . n 
B 1 86 GLY 86 86 86 GLY GLY B . n 
B 1 87 ARG 87 87 87 ARG ARG B . n 
B 1 88 ASN 88 88 88 ASN ASN B . n 
B 1 89 LEU 89 89 89 LEU LEU B . n 
B 1 90 LEU 90 90 90 LEU LEU B . n 
B 1 91 THR 91 91 91 THR THR B . n 
B 1 92 GLN 92 92 92 GLN GLN B . n 
B 1 93 ILE 93 93 93 ILE ILE B . n 
B 1 94 GLY 94 94 94 GLY GLY B . n 
B 1 95 ABA 95 95 95 ABA ABA B . n 
B 1 96 THR 96 96 96 THR THR B . n 
B 1 97 LEU 97 97 97 LEU LEU B . n 
B 1 98 ASN 98 98 98 ASN ASN B . n 
B 1 99 PHE 99 99 99 PHE PHE B . n 
# 
loop_
_pdbx_nonpoly_scheme.asym_id 
_pdbx_nonpoly_scheme.entity_id 
_pdbx_nonpoly_scheme.mon_id 
_pdbx_nonpoly_scheme.ndb_seq_num 
_pdbx_nonpoly_scheme.pdb_seq_num 
_pdbx_nonpoly_scheme.auth_seq_num 
_pdbx_nonpoly_scheme.pdb_mon_id 
_pdbx_nonpoly_scheme.auth_mon_id 
_pdbx_nonpoly_scheme.pdb_strand_id 
_pdbx_nonpoly_scheme.pdb_ins_code 
C 2 KVI 1  101 0  KVI ACE B . 
D 3 HOH 1  101 2  HOH HOH A . 
D 3 HOH 2  102 7  HOH HOH A . 
D 3 HOH 3  103 8  HOH HOH A . 
D 3 HOH 4  104 9  HOH HOH A . 
D 3 HOH 5  105 12 HOH HOH A . 
D 3 HOH 6  106 15 HOH HOH A . 
D 3 HOH 7  107 16 HOH HOH A . 
D 3 HOH 8  108 18 HOH HOH A . 
D 3 HOH 9  109 22 HOH HOH A . 
D 3 HOH 10 110 24 HOH HOH A . 
D 3 HOH 11 111 25 HOH HOH A . 
D 3 HOH 12 112 26 HOH HOH A . 
D 3 HOH 13 113 27 HOH HOH A . 
D 3 HOH 14 114 30 HOH HOH A . 
D 3 HOH 15 115 31 HOH HOH A . 
D 3 HOH 16 116 34 HOH HOH A . 
D 3 HOH 17 117 35 HOH HOH A . 
D 3 HOH 18 118 44 HOH HOH A . 
D 3 HOH 19 119 45 HOH HOH A . 
D 3 HOH 20 120 47 HOH HOH A . 
D 3 HOH 21 121 49 HOH HOH A . 
D 3 HOH 22 122 50 HOH HOH A . 
D 3 HOH 23 123 57 HOH HOH A . 
D 3 HOH 24 124 60 HOH HOH A . 
D 3 HOH 25 125 62 HOH HOH A . 
D 3 HOH 26 126 63 HOH HOH A . 
D 3 HOH 27 127 64 HOH HOH A . 
D 3 HOH 28 128 65 HOH HOH A . 
D 3 HOH 29 129 66 HOH HOH A . 
D 3 HOH 30 130 67 HOH HOH A . 
D 3 HOH 31 131 68 HOH HOH A . 
D 3 HOH 32 132 69 HOH HOH A . 
D 3 HOH 33 133 70 HOH HOH A . 
D 3 HOH 34 134 71 HOH HOH A . 
D 3 HOH 35 135 74 HOH HOH A . 
D 3 HOH 36 136 75 HOH HOH A . 
D 3 HOH 37 137 76 HOH HOH A . 
D 3 HOH 38 138 80 HOH HOH A . 
D 3 HOH 39 139 10 HOH HOH A . 
D 3 HOH 40 140 53 HOH HOH A . 
E 3 HOH 1  201 54 HOH HOH B . 
E 3 HOH 2  202 81 HOH HOH B . 
E 3 HOH 3  203 1  HOH HOH B . 
E 3 HOH 4  204 4  HOH HOH B . 
E 3 HOH 5  205 5  HOH HOH B . 
E 3 HOH 6  206 6  HOH HOH B . 
E 3 HOH 7  207 11 HOH HOH B . 
E 3 HOH 8  208 13 HOH HOH B . 
E 3 HOH 9  209 14 HOH HOH B . 
E 3 HOH 10 210 17 HOH HOH B . 
E 3 HOH 11 211 19 HOH HOH B . 
E 3 HOH 12 212 20 HOH HOH B . 
E 3 HOH 13 213 21 HOH HOH B . 
E 3 HOH 14 214 23 HOH HOH B . 
E 3 HOH 15 215 28 HOH HOH B . 
E 3 HOH 16 216 29 HOH HOH B . 
E 3 HOH 17 217 32 HOH HOH B . 
E 3 HOH 18 218 33 HOH HOH B . 
E 3 HOH 19 219 36 HOH HOH B . 
E 3 HOH 20 220 38 HOH HOH B . 
E 3 HOH 21 221 39 HOH HOH B . 
E 3 HOH 22 222 40 HOH HOH B . 
E 3 HOH 23 223 41 HOH HOH B . 
E 3 HOH 24 224 42 HOH HOH B . 
E 3 HOH 25 225 43 HOH HOH B . 
E 3 HOH 26 226 46 HOH HOH B . 
E 3 HOH 27 227 48 HOH HOH B . 
E 3 HOH 28 228 51 HOH HOH B . 
E 3 HOH 29 229 52 HOH HOH B . 
E 3 HOH 30 230 55 HOH HOH B . 
E 3 HOH 31 231 56 HOH HOH B . 
E 3 HOH 32 232 58 HOH HOH B . 
E 3 HOH 33 233 59 HOH HOH B . 
E 3 HOH 34 234 61 HOH HOH B . 
E 3 HOH 35 235 72 HOH HOH B . 
E 3 HOH 36 236 73 HOH HOH B . 
E 3 HOH 37 237 77 HOH HOH B . 
E 3 HOH 38 238 78 HOH HOH B . 
E 3 HOH 39 239 79 HOH HOH B . 
E 3 HOH 40 240 83 HOH HOH B . 
E 3 HOH 41 241 3  HOH HOH B . 
E 3 HOH 42 242 37 HOH HOH B . 
E 3 HOH 43 243 82 HOH HOH B . 
# 
loop_
_software.name 
_software.version 
_software.date 
_software.type 
_software.contact_author 
_software.contact_author_email 
_software.classification 
_software.location 
_software.language 
_software.citation_id 
_software.pdbx_ordinal 
DENZO       .        ?                    package 'Zbyszek Otwinowski' zbyszek@mix.swmed.edu    'data reduction'  
http://www.lnls.br/infra/linhasluz/denzo-hkl.htm ?          ? 1 
SCALEPACK   .        ?                    package 'Zbyszek Otwinowski' zbyszek@mix.swmed.edu    'data scaling'    
http://www.lnls.br/infra/linhasluz/denzo-hkl.htm ?          ? 2 
REFMAC      5.2.0019 ?                    program 'Murshudov, G.N.'    ccp4@dl.ac.uk            refinement        
http://www.ccp4.ac.uk/main.html                  Fortran_77 ? 3 
PDB_EXTRACT 3.005    'September 10, 2007' package PDB                  sw-help@rcsb.rutgers.edu 'data extraction' 
http://pdb.rutgers.edu/software/                 C++        ? 4 
# 
_cell.length_a           51.028 
_cell.length_b           58.551 
_cell.length_c           61.584 
_cell.angle_alpha        90.000 
_cell.angle_beta         90.000 
_cell.angle_gamma        90.000 
_cell.entry_id           3DCK 
_cell.pdbx_unique_axis   ? 
_cell.Z_PDB              8 
_cell.length_a_esd       ? 
_cell.length_b_esd       ? 
_cell.length_c_esd       ? 
_cell.angle_alpha_esd    ? 
_cell.angle_beta_esd     ? 
_cell.angle_gamma_esd    ? 
# 
_symmetry.space_group_name_H-M             'P 21 21 21' 
_symmetry.entry_id                         3DCK 
_symmetry.pdbx_full_space_group_name_H-M   ? 
_symmetry.Int_Tables_number                19 
_symmetry.cell_setting                     ? 
_symmetry.space_group_name_Hall            ? 
# 
_exptl.crystals_number   1 
_exptl.entry_id          3DCK 
_exptl.method            'X-RAY DIFFRACTION' 
# 
_exptl_crystal.id                    1 
_exptl_crystal.pdbx_mosaicity        ? 
_exptl_crystal.pdbx_mosaicity_esd    ? 
_exptl_crystal.density_Matthews      2.07 
_exptl_crystal.density_diffrn        ? 
_exptl_crystal.density_meas          ? 
_exptl_crystal.density_meas_temp     ? 
_exptl_crystal.density_percent_sol   40.47 
_exptl_crystal.size_max              ? 
_exptl_crystal.size_mid              ? 
_exptl_crystal.size_min              ? 
_exptl_crystal.size_rad              ? 
_exptl_crystal.description           ? 
_exptl_crystal.F_000                 ? 
_exptl_crystal.preparation           ? 
# 
_exptl_crystal_grow.crystal_id      1 
_exptl_crystal_grow.method          'VAPOR DIFFUSION, HANGING DROP' 
_exptl_crystal_grow.pH              6.0 
_exptl_crystal_grow.temp            293 
_exptl_crystal_grow.temp_details    ? 
_exptl_crystal_grow.pdbx_details    
;0.1M CITRATE, 0.2M SODIUM PHOPHATE, 30% (W/V) AMMONIUM SULFATE, 10% (V/V) DMSO, pH 6.0, VAPOR DIFFUSION, HANGING DROP, temperature 293K
;
_exptl_crystal_grow.pdbx_pH_range   . 
# 
_diffrn.id                     1 
_diffrn.ambient_temp           110 
_diffrn.ambient_temp_details   ? 
_diffrn.crystal_id             1 
# 
_diffrn_detector.diffrn_id              1 
_diffrn_detector.detector               CCD 
_diffrn_detector.type                   'MARMOSAIC 300 mm CCD' 
_diffrn_detector.pdbx_collection_date   2007-06-07 
_diffrn_detector.details                'Si(111) Double Crystal Monochrometer. Adjustable focusing mirrors in K-B geometry' 
# 
_diffrn_radiation.diffrn_id                        1 
_diffrn_radiation.wavelength_id                    1 
_diffrn_radiation.pdbx_diffrn_protocol             'SINGLE WAVELENGTH' 
_diffrn_radiation.monochromator                    'Double crystal cryo-cooled Si(111)' 
_diffrn_radiation.pdbx_monochromatic_or_laue_m_l   M 
_diffrn_radiation.pdbx_scattering_type             x-ray 
# 
_diffrn_radiation_wavelength.id           1 
_diffrn_radiation_wavelength.wavelength   0.97934 
_diffrn_radiation_wavelength.wt           1.0 
# 
_diffrn_source.diffrn_id                   1 
_diffrn_source.source                      SYNCHROTRON 
_diffrn_source.type                        'APS BEAMLINE 23-ID-D' 
_diffrn_source.pdbx_wavelength             ? 
_diffrn_source.pdbx_wavelength_list        0.97934 
_diffrn_source.pdbx_synchrotron_site       APS 
_diffrn_source.pdbx_synchrotron_beamline   23-ID-D 
# 
_reflns.entry_id                     3DCK 
_reflns.observed_criterion_sigma_F   ? 
_reflns.observed_criterion_sigma_I   7.8 
_reflns.d_resolution_high            1.80 
_reflns.d_resolution_low             50.00 
_reflns.number_all                   17570 
_reflns.number_obs                   17428 
_reflns.percent_possible_obs         99.2 
_reflns.pdbx_Rmerge_I_obs            0.089 
_reflns.pdbx_Rsym_value              0.070 
_reflns.pdbx_netI_over_sigmaI        31.3 
_reflns.B_iso_Wilson_estimate        ? 
_reflns.pdbx_redundancy              7.8 
_reflns.R_free_details               ? 
_reflns.limit_h_max                  ? 
_reflns.limit_h_min                  ? 
_reflns.limit_k_max                  ? 
_reflns.limit_k_min                  ? 
_reflns.limit_l_max                  ? 
_reflns.limit_l_min                  ? 
_reflns.observed_criterion_F_max     ? 
_reflns.observed_criterion_F_min     ? 
_reflns.pdbx_chi_squared             ? 
_reflns.pdbx_scaling_rejects         ? 
_reflns.pdbx_ordinal                 1 
_reflns.pdbx_diffrn_id               1 
# 
_reflns_shell.d_res_high             1.80 
_reflns_shell.d_res_low              1.86 
_reflns_shell.percent_possible_obs   ? 
_reflns_shell.percent_possible_all   98.6 
_reflns_shell.Rmerge_I_obs           0.590 
_reflns_shell.meanI_over_sigI_obs    3.9 
_reflns_shell.pdbx_Rsym_value        0.495 
_reflns_shell.pdbx_redundancy        7.9 
_reflns_shell.number_unique_all      1708 
_reflns_shell.number_measured_all    ? 
_reflns_shell.number_measured_obs    ? 
_reflns_shell.number_unique_obs      ? 
_reflns_shell.pdbx_chi_squared       ? 
_reflns_shell.pdbx_ordinal           1 
_reflns_shell.pdbx_diffrn_id         1 
# 
_refine.entry_id                                 3DCK 
_refine.ls_d_res_high                            1.800 
_refine.ls_d_res_low                             20.000 
_refine.pdbx_ls_sigma_F                          0.00 
_refine.ls_percent_reflns_obs                    98.610 
_refine.ls_number_reflns_obs                     17373 
_refine.pdbx_ls_cross_valid_method               THROUGHOUT 
_refine.pdbx_R_Free_selection_details            RANDOM 
_refine.ls_R_factor_obs                          0.196 
_refine.ls_R_factor_R_work                       0.194 
_refine.ls_R_factor_R_free                       0.223 
_refine.ls_percent_reflns_R_free                 5.100 
_refine.ls_number_reflns_R_free                  882 
_refine.B_iso_mean                               24.053 
_refine.aniso_B[1][1]                            -1.470 
_refine.aniso_B[2][2]                            1.780 
_refine.aniso_B[3][3]                            -0.320 
_refine.aniso_B[1][2]                            0.000 
_refine.aniso_B[1][3]                            0.000 
_refine.aniso_B[2][3]                            0.000 
_refine.correlation_coeff_Fo_to_Fc               0.948 
_refine.correlation_coeff_Fo_to_Fc_free          0.946 
_refine.pdbx_overall_ESU_R                       0.147 
_refine.pdbx_overall_ESU_R_Free                  0.130 
_refine.overall_SU_ML                            0.082 
_refine.overall_SU_B                             5.356 
_refine.solvent_model_details                    MASK 
_refine.pdbx_solvent_vdw_probe_radii             1.200 
_refine.pdbx_solvent_ion_probe_radii             0.800 
_refine.pdbx_solvent_shrinkage_radii             0.800 
_refine.pdbx_method_to_determine_struct          'MOLECULAR REPLACEMENT' 
_refine.pdbx_stereochemistry_target_values       'MAXIMUM LIKELIHOOD' 
_refine.pdbx_ls_sigma_I                          ? 
_refine.ls_number_reflns_all                     ? 
_refine.ls_R_factor_all                          ? 
_refine.ls_redundancy_reflns_obs                 ? 
_refine.pdbx_data_cutoff_high_absF               ? 
_refine.pdbx_data_cutoff_low_absF                ? 
_refine.ls_number_parameters                     ? 
_refine.ls_number_restraints                     ? 
_refine.ls_R_factor_R_free_error                 ? 
_refine.ls_R_factor_R_free_error_details         ? 
_refine.pdbx_starting_model                      'PDB ENTRY 4HVP' 
_refine.pdbx_stereochem_target_val_spec_case     ? 
_refine.solvent_model_param_bsol                 ? 
_refine.solvent_model_param_ksol                 ? 
_refine.occupancy_max                            ? 
_refine.occupancy_min                            ? 
_refine.pdbx_isotropic_thermal_model             ? 
_refine.details                                  ? 
_refine.B_iso_min                                ? 
_refine.B_iso_max                                ? 
_refine.overall_SU_R_Cruickshank_DPI             ? 
_refine.overall_SU_R_free                        ? 
_refine.pdbx_data_cutoff_high_rms_absF           ? 
_refine.ls_wR_factor_R_free                      ? 
_refine.ls_wR_factor_R_work                      ? 
_refine.overall_FOM_free_R_set                   ? 
_refine.overall_FOM_work_R_set                   ? 
_refine.pdbx_overall_phase_error                 ? 
_refine.pdbx_refine_id                           'X-RAY DIFFRACTION' 
_refine.pdbx_TLS_residual_ADP_flag               'LIKELY RESIDUAL' 
_refine.pdbx_diffrn_id                           1 
_refine.pdbx_overall_SU_R_free_Cruickshank_DPI   ? 
_refine.pdbx_overall_SU_R_Blow_DPI               ? 
_refine.pdbx_overall_SU_R_free_Blow_DPI          ? 
# 
_refine_hist.pdbx_refine_id                   'X-RAY DIFFRACTION' 
_refine_hist.cycle_id                         LAST 
_refine_hist.pdbx_number_atoms_protein        1518 
_refine_hist.pdbx_number_atoms_nucleic_acid   0 
_refine_hist.pdbx_number_atoms_ligand         55 
_refine_hist.number_atoms_solvent             83 
_refine_hist.number_atoms_total               1656 
_refine_hist.d_res_high                       1.800 
_refine_hist.d_res_low                        20.000 
# 
loop_
_refine_ls_restr.type 
_refine_ls_restr.number 
_refine_ls_restr.dev_ideal 
_refine_ls_restr.dev_ideal_target 
_refine_ls_restr.weight 
_refine_ls_restr.pdbx_refine_id 
_refine_ls_restr.pdbx_restraint_function 
r_bond_refined_d         1597 0.017  0.022  ? 'X-RAY DIFFRACTION' ? 
r_angle_refined_deg      2158 1.595  1.996  ? 'X-RAY DIFFRACTION' ? 
r_dihedral_angle_1_deg   197  5.954  5.000  ? 'X-RAY DIFFRACTION' ? 
r_dihedral_angle_2_deg   57   37.584 25.088 ? 'X-RAY DIFFRACTION' ? 
r_dihedral_angle_3_deg   283  14.153 15.000 ? 'X-RAY DIFFRACTION' ? 
r_dihedral_angle_4_deg   8    22.400 15.000 ? 'X-RAY DIFFRACTION' ? 
r_chiral_restr           254  0.118  0.200  ? 'X-RAY DIFFRACTION' ? 
r_gen_planes_refined     1132 0.007  0.020  ? 'X-RAY DIFFRACTION' ? 
r_nbd_refined            662  0.257  0.200  ? 'X-RAY DIFFRACTION' ? 
r_nbtor_refined          1060 0.314  0.200  ? 'X-RAY DIFFRACTION' ? 
r_xyhbond_nbd_refined    80   0.163  0.200  ? 'X-RAY DIFFRACTION' ? 
r_symmetry_vdw_refined   34   0.173  0.200  ? 'X-RAY DIFFRACTION' ? 
r_symmetry_hbond_refined 3    0.187  0.200  ? 'X-RAY DIFFRACTION' ? 
r_mcbond_it              1035 1.048  1.500  ? 'X-RAY DIFFRACTION' ? 
r_mcangle_it             1633 1.648  2.000  ? 'X-RAY DIFFRACTION' ? 
r_scbond_it              633  2.514  3.000  ? 'X-RAY DIFFRACTION' ? 
r_scangle_it             525  4.185  4.500  ? 'X-RAY DIFFRACTION' ? 
# 
_refine_ls_shell.d_res_high                       1.801 
_refine_ls_shell.d_res_low                        1.848 
_refine_ls_shell.pdbx_total_number_of_bins_used   20 
_refine_ls_shell.percent_reflns_obs               89.250 
_refine_ls_shell.number_reflns_R_work             1057 
_refine_ls_shell.R_factor_all                     ? 
_refine_ls_shell.R_factor_R_work                  0.216 
_refine_ls_shell.R_factor_R_free                  0.310 
_refine_ls_shell.percent_reflns_R_free            ? 
_refine_ls_shell.number_reflns_R_free             72 
_refine_ls_shell.R_factor_R_free_error            ? 
_refine_ls_shell.number_reflns_all                1129 
_refine_ls_shell.number_reflns_obs                ? 
_refine_ls_shell.redundancy_reflns_obs            ? 
_refine_ls_shell.pdbx_refine_id                   'X-RAY DIFFRACTION' 
# 
_struct.entry_id                  3DCK 
_struct.title                     
'X-ray structure of D25N chemical analogue of HIV-1 protease complexed with ketomethylene isostere inhibitor' 
_struct.pdbx_model_details        ? 
_struct.pdbx_CASP_flag            ? 
_struct.pdbx_model_type_details   ? 
# 
_struct_keywords.entry_id        3DCK 
_struct_keywords.pdbx_keywords   'HYDROLASE/HYDROLASE INHIBITOR' 
_struct_keywords.text            
'HIV-1 protease, homodimer, beta-turns, beta-strand, HYDROLASE, HYDROLASE-HYDROLASE INHIBITOR complex' 
# 
loop_
_struct_asym.id 
_struct_asym.pdbx_blank_PDB_chainid_flag 
_struct_asym.pdbx_modified 
_struct_asym.entity_id 
_struct_asym.details 
A N N 1 ? 
B N N 1 ? 
C N N 2 ? 
D N N 3 ? 
E N N 3 ? 
# 
_struct_ref.id                         1 
_struct_ref.db_name                    PDB 
_struct_ref.db_code                    3DCK 
_struct_ref.pdbx_db_accession          3DCK 
_struct_ref.entity_id                  1 
_struct_ref.pdbx_align_begin           ? 
_struct_ref.pdbx_seq_one_letter_code   ? 
_struct_ref.pdbx_db_isoform            ? 
# 
loop_
_struct_ref_seq.align_id 
_struct_ref_seq.ref_id 
_struct_ref_seq.pdbx_PDB_id_code 
_struct_ref_seq.pdbx_strand_id 
_struct_ref_seq.seq_align_beg 
_struct_ref_seq.pdbx_seq_align_beg_ins_code 
_struct_ref_seq.seq_align_end 
_struct_ref_seq.pdbx_seq_align_end_ins_code 
_struct_ref_seq.pdbx_db_accession 
_struct_ref_seq.db_align_beg 
_struct_ref_seq.pdbx_db_align_beg_ins_code 
_struct_ref_seq.db_align_end 
_struct_ref_seq.pdbx_db_align_end_ins_code 
_struct_ref_seq.pdbx_auth_seq_align_beg 
_struct_ref_seq.pdbx_auth_seq_align_end 
1 1 3DCK A 1 ? 99 ? 3DCK 1 ? 99 ? 1 99 
2 1 3DCK B 1 ? 99 ? 3DCK 1 ? 99 ? 1 99 
# 
_pdbx_struct_assembly.id                   1 
_pdbx_struct_assembly.details              author_and_software_defined_assembly 
_pdbx_struct_assembly.method_details       PISA 
_pdbx_struct_assembly.oligomeric_details   dimeric 
_pdbx_struct_assembly.oligomeric_count     2 
# 
loop_
_pdbx_struct_assembly_prop.biol_id 
_pdbx_struct_assembly_prop.type 
_pdbx_struct_assembly_prop.value 
_pdbx_struct_assembly_prop.details 
1 'ABSA (A^2)' 4080 ? 
1 MORE         -22  ? 
1 'SSA (A^2)'  9550 ? 
# 
_pdbx_struct_assembly_gen.assembly_id       1 
_pdbx_struct_assembly_gen.oper_expression   1 
_pdbx_struct_assembly_gen.asym_id_list      A,B,C,D,E 
# 
_pdbx_struct_oper_list.id                   1 
_pdbx_struct_oper_list.type                 'identity operation' 
_pdbx_struct_oper_list.name                 1_555 
_pdbx_struct_oper_list.symmetry_operation   x,y,z 
_pdbx_struct_oper_list.matrix[1][1]         1.0000000000 
_pdbx_struct_oper_list.matrix[1][2]         0.0000000000 
_pdbx_struct_oper_list.matrix[1][3]         0.0000000000 
_pdbx_struct_oper_list.vector[1]            0.0000000000 
_pdbx_struct_oper_list.matrix[2][1]         0.0000000000 
_pdbx_struct_oper_list.matrix[2][2]         1.0000000000 
_pdbx_struct_oper_list.matrix[2][3]         0.0000000000 
_pdbx_struct_oper_list.vector[2]            0.0000000000 
_pdbx_struct_oper_list.matrix[3][1]         0.0000000000 
_pdbx_struct_oper_list.matrix[3][2]         0.0000000000 
_pdbx_struct_oper_list.matrix[3][3]         1.0000000000 
_pdbx_struct_oper_list.vector[3]            0.0000000000 
# 
_struct_biol.id        1 
_struct_biol.details   ? 
# 
loop_
_struct_conf.conf_type_id 
_struct_conf.id 
_struct_conf.pdbx_PDB_helix_id 
_struct_conf.beg_label_comp_id 
_struct_conf.beg_label_asym_id 
_struct_conf.beg_label_seq_id 
_struct_conf.pdbx_beg_PDB_ins_code 
_struct_conf.end_label_comp_id 
_struct_conf.end_label_asym_id 
_struct_conf.end_label_seq_id 
_struct_conf.pdbx_end_PDB_ins_code 
_struct_conf.beg_auth_comp_id 
_struct_conf.beg_auth_asym_id 
_struct_conf.beg_auth_seq_id 
_struct_conf.end_auth_comp_id 
_struct_conf.end_auth_asym_id 
_struct_conf.end_auth_seq_id 
_struct_conf.pdbx_PDB_helix_class 
_struct_conf.details 
_struct_conf.pdbx_PDB_helix_length 
HELX_P HELX_P1 1 GLY A 86 ? THR A 91 ? GLY A 86 THR A 91 1 ? 6 
HELX_P HELX_P2 2 GLY B 86 ? THR B 91 ? GLY B 86 THR B 91 1 ? 6 
# 
_struct_conf_type.id          HELX_P 
_struct_conf_type.criteria    ? 
_struct_conf_type.reference   ? 
# 
loop_
_struct_conn.id 
_struct_conn.conn_type_id 
_struct_conn.pdbx_leaving_atom_flag 
_struct_conn.pdbx_PDB_id 
_struct_conn.ptnr1_label_asym_id 
_struct_conn.ptnr1_label_comp_id 
_struct_conn.ptnr1_label_seq_id 
_struct_conn.ptnr1_label_atom_id 
_struct_conn.pdbx_ptnr1_label_alt_id 
_struct_conn.pdbx_ptnr1_PDB_ins_code 
_struct_conn.pdbx_ptnr1_standard_comp_id 
_struct_conn.ptnr1_symmetry 
_struct_conn.ptnr2_label_asym_id 
_struct_conn.ptnr2_label_comp_id 
_struct_conn.ptnr2_label_seq_id 
_struct_conn.ptnr2_label_atom_id 
_struct_conn.pdbx_ptnr2_label_alt_id 
_struct_conn.pdbx_ptnr2_PDB_ins_code 
_struct_conn.ptnr1_auth_asym_id 
_struct_conn.ptnr1_auth_comp_id 
_struct_conn.ptnr1_auth_seq_id 
_struct_conn.ptnr2_auth_asym_id 
_struct_conn.ptnr2_auth_comp_id 
_struct_conn.ptnr2_auth_seq_id 
_struct_conn.ptnr2_symmetry 
_struct_conn.pdbx_ptnr3_label_atom_id 
_struct_conn.pdbx_ptnr3_label_seq_id 
_struct_conn.pdbx_ptnr3_label_comp_id 
_struct_conn.pdbx_ptnr3_label_asym_id 
_struct_conn.pdbx_ptnr3_label_alt_id 
_struct_conn.pdbx_ptnr3_PDB_ins_code 
_struct_conn.details 
_struct_conn.pdbx_dist_value 
_struct_conn.pdbx_value_order 
_struct_conn.pdbx_role 
covale1  covale both ? A GLU 35 C ? ? ? 1_555 A NLE 36 N ? ? A GLU 35 A NLE 36 1_555 ? ? ? ? ? ? ? 1.331 ? ? 
covale2  covale both ? A NLE 36 C ? ? ? 1_555 A ASN 37 N ? ? A NLE 36 A ASN 37 1_555 ? ? ? ? ? ? ? 1.323 ? ? 
covale3  covale both ? A GLY 40 C ? ? ? 1_555 A YCM 41 N ? ? A GLY 40 A YCM 41 1_555 ? ? ? ? ? ? ? 1.320 ? ? 
covale4  covale both ? A YCM 41 C ? ? ? 1_555 A TRP 42 N ? ? A YCM 41 A TRP 42 1_555 ? ? ? ? ? ? ? 1.329 ? ? 
covale5  covale both ? A LYS 45 C ? ? ? 1_555 A NLE 46 N ? ? A LYS 45 A NLE 46 1_555 ? ? ? ? ? ? ? 1.328 ? ? 
covale6  covale both ? A NLE 46 C ? ? ? 1_555 A ILE 47 N ? ? A NLE 46 A ILE 47 1_555 ? ? ? ? ? ? ? 1.334 ? ? 
covale7  covale both ? A ILE 66 C ? ? ? 1_555 A ABA 67 N ? ? A ILE 66 A ABA 67 1_555 ? ? ? ? ? ? ? 1.326 ? ? 
covale8  covale both ? A ABA 67 C ? ? ? 1_555 A GLY 68 N ? ? A ABA 67 A GLY 68 1_555 ? ? ? ? ? ? ? 1.341 ? ? 
covale9  covale both ? A GLY 94 C ? ? ? 1_555 A ABA 95 N ? ? A GLY 94 A ABA 95 1_555 ? ? ? ? ? ? ? 1.339 ? ? 
covale10 covale both ? A ABA 95 C ? ? ? 1_555 A THR 96 N ? ? A ABA 95 A THR 96 1_555 ? ? ? ? ? ? ? 1.332 ? ? 
covale11 covale both ? B GLU 35 C ? ? ? 1_555 B NLE 36 N ? ? B GLU 35 B NLE 36 1_555 ? ? ? ? ? ? ? 1.332 ? ? 
covale12 covale both ? B NLE 36 C ? ? ? 1_555 B ASN 37 N ? ? B NLE 36 B ASN 37 1_555 ? ? ? ? ? ? ? 1.330 ? ? 
covale13 covale both ? B GLY 40 C ? ? ? 1_555 B YCM 41 N ? ? B GLY 40 B YCM 41 1_555 ? ? ? ? ? ? ? 1.322 ? ? 
covale14 covale both ? B YCM 41 C ? ? ? 1_555 B TRP 42 N ? ? B YCM 41 B TRP 42 1_555 ? ? ? ? ? ? ? 1.318 ? ? 
covale15 covale both ? B LYS 45 C ? ? ? 1_555 B NLE 46 N ? ? B LYS 45 B NLE 46 1_555 ? ? ? ? ? ? ? 1.340 ? ? 
covale16 covale both ? B NLE 46 C ? ? ? 1_555 B ILE 47 N ? ? B NLE 46 B ILE 47 1_555 ? ? ? ? ? ? ? 1.332 ? ? 
covale17 covale both ? B ILE 66 C ? ? ? 1_555 B ABA 67 N ? ? B ILE 66 B ABA 67 1_555 ? ? ? ? ? ? ? 1.340 ? ? 
covale18 covale both ? B ABA 67 C ? ? ? 1_555 B GLY 68 N ? ? B ABA 67 B GLY 68 1_555 ? ? ? ? ? ? ? 1.329 ? ? 
covale19 covale both ? B GLY 94 C ? ? ? 1_555 B ABA 95 N ? ? B GLY 94 B ABA 95 1_555 ? ? ? ? ? ? ? 1.322 ? ? 
covale20 covale both ? B ABA 95 C ? ? ? 1_555 B THR 96 N ? ? B ABA 95 B THR 96 1_555 ? ? ? ? ? ? ? 1.344 ? ? 
# 
_struct_conn_type.id          covale 
_struct_conn_type.criteria    ? 
_struct_conn_type.reference   ? 
# 
loop_
_struct_sheet.id 
_struct_sheet.type 
_struct_sheet.number_strands 
_struct_sheet.details 
A ? 4 ? 
B ? 8 ? 
C ? 8 ? 
# 
loop_
_struct_sheet_order.sheet_id 
_struct_sheet_order.range_id_1 
_struct_sheet_order.range_id_2 
_struct_sheet_order.offset 
_struct_sheet_order.sense 
A 1 2 ? anti-parallel 
A 2 3 ? anti-parallel 
A 3 4 ? anti-parallel 
B 1 2 ? anti-parallel 
B 2 3 ? anti-parallel 
B 3 4 ? parallel      
B 4 5 ? anti-parallel 
B 5 6 ? parallel      
B 6 7 ? anti-parallel 
B 7 8 ? anti-parallel 
C 1 2 ? anti-parallel 
C 2 3 ? anti-parallel 
C 3 4 ? parallel      
C 4 5 ? anti-parallel 
C 5 6 ? parallel      
C 6 7 ? anti-parallel 
C 7 8 ? anti-parallel 
# 
loop_
_struct_sheet_range.sheet_id 
_struct_sheet_range.id 
_struct_sheet_range.beg_label_comp_id 
_struct_sheet_range.beg_label_asym_id 
_struct_sheet_range.beg_label_seq_id 
_struct_sheet_range.pdbx_beg_PDB_ins_code 
_struct_sheet_range.end_label_comp_id 
_struct_sheet_range.end_label_asym_id 
_struct_sheet_range.end_label_seq_id 
_struct_sheet_range.pdbx_end_PDB_ins_code 
_struct_sheet_range.beg_auth_comp_id 
_struct_sheet_range.beg_auth_asym_id 
_struct_sheet_range.beg_auth_seq_id 
_struct_sheet_range.end_auth_comp_id 
_struct_sheet_range.end_auth_asym_id 
_struct_sheet_range.end_auth_seq_id 
A 1 GLN A 2  ? ILE A 3  ? GLN A 2  ILE A 3  
A 2 THR B 96 ? ASN B 98 ? THR B 96 ASN B 98 
A 3 THR A 96 ? ASN A 98 ? THR A 96 ASN A 98 
A 4 GLN B 2  ? ILE B 3  ? GLN B 2  ILE B 3  
B 1 LYS A 43 ? GLY A 49 ? LYS A 43 GLY A 49 
B 2 GLY A 52 ? ILE A 66 ? GLY A 52 ILE A 66 
B 3 HIS A 69 ? VAL A 77 ? HIS A 69 VAL A 77 
B 4 VAL A 32 ? ILE A 33 ? VAL A 32 ILE A 33 
B 5 ASN A 83 ? ILE A 85 ? ASN A 83 ILE A 85 
B 6 GLN A 18 ? LEU A 24 ? GLN A 18 LEU A 24 
B 7 LEU A 10 ? ILE A 15 ? LEU A 10 ILE A 15 
B 8 GLY A 52 ? ILE A 66 ? GLY A 52 ILE A 66 
C 1 LYS B 43 ? GLY B 49 ? LYS B 43 GLY B 49 
C 2 GLY B 52 ? ILE B 66 ? GLY B 52 ILE B 66 
C 3 HIS B 69 ? VAL B 77 ? HIS B 69 VAL B 77 
C 4 VAL B 32 ? ILE B 33 ? VAL B 32 ILE B 33 
C 5 ILE B 84 ? ILE B 85 ? ILE B 84 ILE B 85 
C 6 GLN B 18 ? LEU B 24 ? GLN B 18 LEU B 24 
C 7 LEU B 10 ? ILE B 15 ? LEU B 10 ILE B 15 
C 8 GLY B 52 ? ILE B 66 ? GLY B 52 ILE B 66 
# 
loop_
_pdbx_struct_sheet_hbond.sheet_id 
_pdbx_struct_sheet_hbond.range_id_1 
_pdbx_struct_sheet_hbond.range_id_2 
_pdbx_struct_sheet_hbond.range_1_label_atom_id 
_pdbx_struct_sheet_hbond.range_1_label_comp_id 
_pdbx_struct_sheet_hbond.range_1_label_asym_id 
_pdbx_struct_sheet_hbond.range_1_label_seq_id 
_pdbx_struct_sheet_hbond.range_1_PDB_ins_code 
_pdbx_struct_sheet_hbond.range_1_auth_atom_id 
_pdbx_struct_sheet_hbond.range_1_auth_comp_id 
_pdbx_struct_sheet_hbond.range_1_auth_asym_id 
_pdbx_struct_sheet_hbond.range_1_auth_seq_id 
_pdbx_struct_sheet_hbond.range_2_label_atom_id 
_pdbx_struct_sheet_hbond.range_2_label_comp_id 
_pdbx_struct_sheet_hbond.range_2_label_asym_id 
_pdbx_struct_sheet_hbond.range_2_label_seq_id 
_pdbx_struct_sheet_hbond.range_2_PDB_ins_code 
_pdbx_struct_sheet_hbond.range_2_auth_atom_id 
_pdbx_struct_sheet_hbond.range_2_auth_comp_id 
_pdbx_struct_sheet_hbond.range_2_auth_asym_id 
_pdbx_struct_sheet_hbond.range_2_auth_seq_id 
A 1 2 N ILE A 3  ? N ILE A 3  O LEU B 97 ? O LEU B 97 
A 2 3 O THR B 96 ? O THR B 96 N ASN A 98 ? N ASN A 98 
A 3 4 N LEU A 97 ? N LEU A 97 O ILE B 3  ? O ILE B 3  
B 1 2 N LYS A 43 ? N LYS A 43 O GLN A 58 ? O GLN A 58 
B 2 3 N ILE A 66 ? N ILE A 66 O HIS A 69 ? O HIS A 69 
B 3 4 O LEU A 76 ? O LEU A 76 N ILE A 33 ? N ILE A 33 
B 4 5 N VAL A 32 ? N VAL A 32 O ILE A 84 ? O ILE A 84 
B 5 6 O ILE A 85 ? O ILE A 85 N LEU A 23 ? N LEU A 23 
B 6 7 O LYS A 20 ? O LYS A 20 N ILE A 13 ? N ILE A 13 
B 7 8 N ARG A 14 ? N ARG A 14 O GLU A 65 ? O GLU A 65 
C 1 2 N LYS B 43 ? N LYS B 43 O GLN B 58 ? O GLN B 58 
C 2 3 N ILE B 66 ? N ILE B 66 O HIS B 69 ? O HIS B 69 
C 3 4 O LEU B 76 ? O LEU B 76 N ILE B 33 ? N ILE B 33 
C 4 5 N VAL B 32 ? N VAL B 32 O ILE B 84 ? O ILE B 84 
C 5 6 O ILE B 85 ? O ILE B 85 N LEU B 23 ? N LEU B 23 
C 6 7 O LYS B 20 ? O LYS B 20 N ILE B 13 ? N ILE B 13 
C 7 8 N ARG B 14 ? N ARG B 14 O GLU B 65 ? O GLU B 65 
# 
_struct_site.id                   AC1 
_struct_site.pdbx_evidence_code   Software 
_struct_site.pdbx_auth_asym_id    B 
_struct_site.pdbx_auth_comp_id    KVI 
_struct_site.pdbx_auth_seq_id     101 
_struct_site.pdbx_auth_ins_code   ? 
_struct_site.pdbx_num_residues    23 
_struct_site.details              'BINDING SITE FOR RESIDUE KVI B 101' 
# 
loop_
_struct_site_gen.id 
_struct_site_gen.site_id 
_struct_site_gen.pdbx_num_res 
_struct_site_gen.label_comp_id 
_struct_site_gen.label_asym_id 
_struct_site_gen.label_seq_id 
_struct_site_gen.pdbx_auth_ins_code 
_struct_site_gen.auth_comp_id 
_struct_site_gen.auth_asym_id 
_struct_site_gen.auth_seq_id 
_struct_site_gen.label_atom_id 
_struct_site_gen.label_alt_id 
_struct_site_gen.symmetry 
_struct_site_gen.details 
1  AC1 23 ARG A 8  ? ARG A 8   . ? 1_555 ? 
2  AC1 23 ASN A 25 ? ASN A 25  . ? 1_555 ? 
3  AC1 23 GLY A 27 ? GLY A 27  . ? 1_555 ? 
4  AC1 23 ALA A 28 ? ALA A 28  . ? 1_555 ? 
5  AC1 23 ASP A 29 ? ASP A 29  . ? 1_555 ? 
6  AC1 23 ASP A 30 ? ASP A 30  . ? 1_555 ? 
7  AC1 23 GLY A 48 ? GLY A 48  . ? 1_555 ? 
8  AC1 23 GLY A 49 ? GLY A 49  . ? 1_555 ? 
9  AC1 23 ASN B 25 ? ASN B 25  . ? 1_555 ? 
10 AC1 23 GLY B 27 ? GLY B 27  . ? 1_555 ? 
11 AC1 23 ALA B 28 ? ALA B 28  . ? 1_555 ? 
12 AC1 23 ASP B 29 ? ASP B 29  . ? 1_555 ? 
13 AC1 23 ASP B 30 ? ASP B 30  . ? 1_555 ? 
14 AC1 23 ILE B 47 ? ILE B 47  . ? 1_555 ? 
15 AC1 23 GLY B 48 ? GLY B 48  . ? 1_555 ? 
16 AC1 23 GLY B 49 ? GLY B 49  . ? 1_555 ? 
17 AC1 23 THR B 80 ? THR B 80  . ? 1_555 ? 
18 AC1 23 PRO B 81 ? PRO B 81  . ? 1_555 ? 
19 AC1 23 VAL B 82 ? VAL B 82  . ? 1_555 ? 
20 AC1 23 HOH E .  ? HOH B 204 . ? 1_555 ? 
21 AC1 23 HOH E .  ? HOH B 221 . ? 1_555 ? 
22 AC1 23 HOH E .  ? HOH B 241 . ? 1_555 ? 
23 AC1 23 HOH E .  ? HOH B 242 . ? 1_555 ? 
# 
_pdbx_validate_torsion.id              1 
_pdbx_validate_torsion.PDB_model_num   1 
_pdbx_validate_torsion.auth_comp_id    GLU 
_pdbx_validate_torsion.auth_asym_id    A 
_pdbx_validate_torsion.auth_seq_id     35 
_pdbx_validate_torsion.PDB_ins_code    ? 
_pdbx_validate_torsion.label_alt_id    ? 
_pdbx_validate_torsion.phi             -36.14 
_pdbx_validate_torsion.psi             120.40 
# 
_pdbx_molecule_features.prd_id    PRD_001174 
_pdbx_molecule_features.name      
;(2S)-2-{[(2R,5S)-5-{[(2S,3S)-2-{[(2S,3R)-2-(ACETYLAMINO)-3-HYDROXYBUTANOYL]AMINO}-3-METHYLPENTANOYL]AMINO}-2-BUTYL-4-OXONONANOYL]AMINO}-N~1~-[(2S)-1-AMINO-5-CARBAMIMIDAMIDO-1-OXOPENTAN-2-YL]PENTANEDIAMIDE
;
_pdbx_molecule_features.type      Peptide-like 
_pdbx_molecule_features.class     Inhibitor 
_pdbx_molecule_features.details   ? 
# 
_pdbx_molecule.instance_id   1 
_pdbx_molecule.prd_id        PRD_001174 
_pdbx_molecule.asym_id       C 
# 
loop_
_pdbx_struct_mod_residue.id 
_pdbx_struct_mod_residue.label_asym_id 
_pdbx_struct_mod_residue.label_comp_id 
_pdbx_struct_mod_residue.label_seq_id 
_pdbx_struct_mod_residue.auth_asym_id 
_pdbx_struct_mod_residue.auth_comp_id 
_pdbx_struct_mod_residue.auth_seq_id 
_pdbx_struct_mod_residue.PDB_ins_code 
_pdbx_struct_mod_residue.parent_comp_id 
_pdbx_struct_mod_residue.details 
1  A NLE 36 A NLE 36 ? LEU NORLEUCINE                          
2  A YCM 41 A YCM 41 ? CYS 'S-(2-AMINO-2-OXOETHYL)-L-CYSTEINE' 
3  A NLE 46 A NLE 46 ? LEU NORLEUCINE                          
4  A ABA 67 A ABA 67 ? ALA 'ALPHA-AMINOBUTYRIC ACID'           
5  A ABA 95 A ABA 95 ? ALA 'ALPHA-AMINOBUTYRIC ACID'           
6  B NLE 36 B NLE 36 ? LEU NORLEUCINE                          
7  B YCM 41 B YCM 41 ? CYS 'S-(2-AMINO-2-OXOETHYL)-L-CYSTEINE' 
8  B NLE 46 B NLE 46 ? LEU NORLEUCINE                          
9  B ABA 67 B ABA 67 ? ALA 'ALPHA-AMINOBUTYRIC ACID'           
10 B ABA 95 B ABA 95 ? ALA 'ALPHA-AMINOBUTYRIC ACID'           
# 
_pdbx_refine_tls.id               1 
_pdbx_refine_tls.details          ? 
_pdbx_refine_tls.method           refined 
_pdbx_refine_tls.origin_x         0.0410 
_pdbx_refine_tls.origin_y         0.0506 
_pdbx_refine_tls.origin_z         0.0418 
_pdbx_refine_tls.T[1][1]          -0.0711 
_pdbx_refine_tls.T[2][2]          -0.0588 
_pdbx_refine_tls.T[3][3]          -0.0863 
_pdbx_refine_tls.T[1][2]          -0.0073 
_pdbx_refine_tls.T[1][3]          0.0249 
_pdbx_refine_tls.T[2][3]          0.0051 
_pdbx_refine_tls.L[1][1]          1.3337 
_pdbx_refine_tls.L[2][2]          2.5355 
_pdbx_refine_tls.L[3][3]          1.6896 
_pdbx_refine_tls.L[1][2]          0.4771 
_pdbx_refine_tls.L[1][3]          0.9325 
_pdbx_refine_tls.L[2][3]          0.2352 
_pdbx_refine_tls.S[1][1]          0.0051 
_pdbx_refine_tls.S[2][2]          -0.0051 
_pdbx_refine_tls.S[3][3]          0.0000 
_pdbx_refine_tls.S[1][2]          -0.0277 
_pdbx_refine_tls.S[1][3]          0.0394 
_pdbx_refine_tls.S[2][3]          -0.0124 
_pdbx_refine_tls.S[2][1]          -0.1539 
_pdbx_refine_tls.S[3][1]          0.0936 
_pdbx_refine_tls.S[3][2]          -0.0298 
_pdbx_refine_tls.pdbx_refine_id   'X-RAY DIFFRACTION' 
# 
loop_
_pdbx_refine_tls_group.id 
_pdbx_refine_tls_group.refine_tls_id 
_pdbx_refine_tls_group.beg_auth_asym_id 
_pdbx_refine_tls_group.end_auth_asym_id 
_pdbx_refine_tls_group.end_auth_seq_id 
_pdbx_refine_tls_group.selection 
_pdbx_refine_tls_group.beg_auth_seq_id 
_pdbx_refine_tls_group.beg_label_asym_id 
_pdbx_refine_tls_group.beg_label_seq_id 
_pdbx_refine_tls_group.end_label_asym_id 
_pdbx_refine_tls_group.end_label_seq_id 
_pdbx_refine_tls_group.pdbx_refine_id 
_pdbx_refine_tls_group.selection_details 
1 1 A A 99  ? 1   A 1 A 99 'X-RAY DIFFRACTION' ? 
2 1 B B 101 ? 101 C 0 C 5  'X-RAY DIFFRACTION' ? 
3 1 B B 99  ? 1   B 1 B 99 'X-RAY DIFFRACTION' ? 
# 
_pdbx_entry_details.entry_id                 3DCK 
_pdbx_entry_details.sequence_details         
;SEQUENCE OF ENTITY 1 WAS BASED ON UNP DB CODE POL_HV1A2, ACCESSION P03369, RESIDUES 491-589. D25N OF THE SEQUENCE WAS A DESIGNED MUTATION TO THE DATABASE.
;
_pdbx_entry_details.nonpolymer_details       ? 
_pdbx_entry_details.compound_details         ? 
_pdbx_entry_details.source_details           ? 
_pdbx_entry_details.has_ligand_of_interest   ? 
# 
loop_
_chem_comp_atom.comp_id 
_chem_comp_atom.atom_id 
_chem_comp_atom.type_symbol 
_chem_comp_atom.pdbx_aromatic_flag 
_chem_comp_atom.pdbx_stereo_config 
_chem_comp_atom.pdbx_ordinal 
ABA N    N N N 1   
ABA CA   C N S 2   
ABA C    C N N 3   
ABA O    O N N 4   
ABA CB   C N N 5   
ABA CG   C N N 6   
ABA OXT  O N N 7   
ABA H    H N N 8   
ABA H2   H N N 9   
ABA HA   H N N 10  
ABA HB3  H N N 11  
ABA HB2  H N N 12  
ABA HG1  H N N 13  
ABA HG3  H N N 14  
ABA HG2  H N N 15  
ABA HXT  H N N 16  
ALA N    N N N 17  
ALA CA   C N S 18  
ALA C    C N N 19  
ALA O    O N N 20  
ALA CB   C N N 21  
ALA OXT  O N N 22  
ALA H    H N N 23  
ALA H2   H N N 24  
ALA HA   H N N 25  
ALA HB1  H N N 26  
ALA HB2  H N N 27  
ALA HB3  H N N 28  
ALA HXT  H N N 29  
ARG N    N N N 30  
ARG CA   C N S 31  
ARG C    C N N 32  
ARG O    O N N 33  
ARG CB   C N N 34  
ARG CG   C N N 35  
ARG CD   C N N 36  
ARG NE   N N N 37  
ARG CZ   C N N 38  
ARG NH1  N N N 39  
ARG NH2  N N N 40  
ARG OXT  O N N 41  
ARG H    H N N 42  
ARG H2   H N N 43  
ARG HA   H N N 44  
ARG HB2  H N N 45  
ARG HB3  H N N 46  
ARG HG2  H N N 47  
ARG HG3  H N N 48  
ARG HD2  H N N 49  
ARG HD3  H N N 50  
ARG HE   H N N 51  
ARG HH11 H N N 52  
ARG HH12 H N N 53  
ARG HH21 H N N 54  
ARG HH22 H N N 55  
ARG HXT  H N N 56  
ASN N    N N N 57  
ASN CA   C N S 58  
ASN C    C N N 59  
ASN O    O N N 60  
ASN CB   C N N 61  
ASN CG   C N N 62  
ASN OD1  O N N 63  
ASN ND2  N N N 64  
ASN OXT  O N N 65  
ASN H    H N N 66  
ASN H2   H N N 67  
ASN HA   H N N 68  
ASN HB2  H N N 69  
ASN HB3  H N N 70  
ASN HD21 H N N 71  
ASN HD22 H N N 72  
ASN HXT  H N N 73  
ASP N    N N N 74  
ASP CA   C N S 75  
ASP C    C N N 76  
ASP O    O N N 77  
ASP CB   C N N 78  
ASP CG   C N N 79  
ASP OD1  O N N 80  
ASP OD2  O N N 81  
ASP OXT  O N N 82  
ASP H    H N N 83  
ASP H2   H N N 84  
ASP HA   H N N 85  
ASP HB2  H N N 86  
ASP HB3  H N N 87  
ASP HD2  H N N 88  
ASP HXT  H N N 89  
GLN N    N N N 90  
GLN CA   C N S 91  
GLN C    C N N 92  
GLN O    O N N 93  
GLN CB   C N N 94  
GLN CG   C N N 95  
GLN CD   C N N 96  
GLN OE1  O N N 97  
GLN NE2  N N N 98  
GLN OXT  O N N 99  
GLN H    H N N 100 
GLN H2   H N N 101 
GLN HA   H N N 102 
GLN HB2  H N N 103 
GLN HB3  H N N 104 
GLN HG2  H N N 105 
GLN HG3  H N N 106 
GLN HE21 H N N 107 
GLN HE22 H N N 108 
GLN HXT  H N N 109 
GLU N    N N N 110 
GLU CA   C N S 111 
GLU C    C N N 112 
GLU O    O N N 113 
GLU CB   C N N 114 
GLU CG   C N N 115 
GLU CD   C N N 116 
GLU OE1  O N N 117 
GLU OE2  O N N 118 
GLU OXT  O N N 119 
GLU H    H N N 120 
GLU H2   H N N 121 
GLU HA   H N N 122 
GLU HB2  H N N 123 
GLU HB3  H N N 124 
GLU HG2  H N N 125 
GLU HG3  H N N 126 
GLU HE2  H N N 127 
GLU HXT  H N N 128 
GLY N    N N N 129 
GLY CA   C N N 130 
GLY C    C N N 131 
GLY O    O N N 132 
GLY OXT  O N N 133 
GLY H    H N N 134 
GLY H2   H N N 135 
GLY HA2  H N N 136 
GLY HA3  H N N 137 
GLY HXT  H N N 138 
HIS N    N N N 139 
HIS CA   C N S 140 
HIS C    C N N 141 
HIS O    O N N 142 
HIS CB   C N N 143 
HIS CG   C Y N 144 
HIS ND1  N Y N 145 
HIS CD2  C Y N 146 
HIS CE1  C Y N 147 
HIS NE2  N Y N 148 
HIS OXT  O N N 149 
HIS H    H N N 150 
HIS H2   H N N 151 
HIS HA   H N N 152 
HIS HB2  H N N 153 
HIS HB3  H N N 154 
HIS HD1  H N N 155 
HIS HD2  H N N 156 
HIS HE1  H N N 157 
HIS HE2  H N N 158 
HIS HXT  H N N 159 
HOH O    O N N 160 
HOH H1   H N N 161 
HOH H2   H N N 162 
ILE N    N N N 163 
ILE CA   C N S 164 
ILE C    C N N 165 
ILE O    O N N 166 
ILE CB   C N S 167 
ILE CG1  C N N 168 
ILE CG2  C N N 169 
ILE CD1  C N N 170 
ILE OXT  O N N 171 
ILE H    H N N 172 
ILE H2   H N N 173 
ILE HA   H N N 174 
ILE HB   H N N 175 
ILE HG12 H N N 176 
ILE HG13 H N N 177 
ILE HG21 H N N 178 
ILE HG22 H N N 179 
ILE HG23 H N N 180 
ILE HD11 H N N 181 
ILE HD12 H N N 182 
ILE HD13 H N N 183 
ILE HXT  H N N 184 
KVI C7   C N N 185 
KVI O2   O N N 186 
KVI C8   C N N 187 
KVI N10  N N N 188 
KVI C33  C N S 189 
KVI C34  C N N 190 
KVI O8   O N N 191 
KVI C35  C N R 192 
KVI O9   O N N 193 
KVI C36  C N N 194 
KVI N8   N N N 195 
KVI C14  C N S 196 
KVI C15  C N N 197 
KVI O5   O N N 198 
KVI C16  C N S 199 
KVI C17  C N N 200 
KVI C18  C N N 201 
KVI C19  C N N 202 
KVI N9   N N N 203 
KVI C20  C N S 204 
KVI C21  C N N 205 
KVI C22  C N N 206 
KVI C23  C N N 207 
KVI C24  C N N 208 
KVI C25  C N N 209 
KVI O6   O N N 210 
KVI C26  C N N 211 
KVI C27  C N R 212 
KVI C28  C N N 213 
KVI C29  C N N 214 
KVI C30  C N N 215 
KVI C31  C N N 216 
KVI C32  C N N 217 
KVI O7   O N N 218 
KVI N6   N N N 219 
KVI C9   C N S 220 
KVI C10  C N N 221 
KVI O3   O N N 222 
KVI C11  C N N 223 
KVI C12  C N N 224 
KVI C13  C N N 225 
KVI O4   O N N 226 
KVI N7   N N N 227 
KVI N1   N N N 228 
KVI C1   C N S 229 
KVI C6   C N N 230 
KVI O1   O N N 231 
KVI C2   C N N 232 
KVI C3   C N N 233 
KVI C4   C N N 234 
KVI N2   N N N 235 
KVI C5   C N N 236 
KVI N4   N N N 237 
KVI N3   N N N 238 
KVI N5   N N N 239 
KVI H32  H N N 240 
KVI H33  H N N 241 
KVI H34  H N N 242 
KVI H9   H N N 243 
KVI H61  H N N 244 
KVI H62  H N N 245 
KVI H63  H N N 246 
KVI H64  H N N 247 
KVI H65  H N N 248 
KVI H66  H N N 249 
KVI H40  H N N 250 
KVI H41  H N N 251 
KVI H12  H N N 252 
KVI H13  H N N 253 
KVI H14  H N N 254 
KVI H15  H N N 255 
KVI H16  H N N 256 
KVI H17  H N N 257 
KVI H42  H N N 258 
KVI H43  H N N 259 
KVI H44  H N N 260 
KVI H45  H N N 261 
KVI H18  H N N 262 
KVI H19  H N N 263 
KVI H20  H N N 264 
KVI H21  H N N 265 
KVI H22  H N N 266 
KVI H46  H N N 267 
KVI H47  H N N 268 
KVI H48  H N N 269 
KVI H49  H N N 270 
KVI H50  H N N 271 
KVI H23  H N N 272 
KVI H24  H N N 273 
KVI H51  H N N 274 
KVI H52  H N N 275 
KVI H53  H N N 276 
KVI H54  H N N 277 
KVI H55  H N N 278 
KVI H56  H N N 279 
KVI H57  H N N 280 
KVI H58  H N N 281 
KVI H59  H N N 282 
KVI H60  H N N 283 
KVI H35  H N N 284 
KVI H8   H N N 285 
KVI H10  H N N 286 
KVI H11  H N N 287 
KVI H36  H N N 288 
KVI H37  H N N 289 
KVI H38  H N N 290 
KVI H39  H N N 291 
KVI H25  H N N 292 
KVI H1   H N N 293 
KVI H2   H N N 294 
KVI H3   H N N 295 
KVI H4   H N N 296 
KVI H5   H N N 297 
KVI H6   H N N 298 
KVI H7   H N N 299 
KVI H26  H N N 300 
KVI H28  H N N 301 
KVI H29  H N N 302 
KVI H27  H N N 303 
KVI H30  H N N 304 
KVI H31  H N N 305 
LEU N    N N N 306 
LEU CA   C N S 307 
LEU C    C N N 308 
LEU O    O N N 309 
LEU CB   C N N 310 
LEU CG   C N N 311 
LEU CD1  C N N 312 
LEU CD2  C N N 313 
LEU OXT  O N N 314 
LEU H    H N N 315 
LEU H2   H N N 316 
LEU HA   H N N 317 
LEU HB2  H N N 318 
LEU HB3  H N N 319 
LEU HG   H N N 320 
LEU HD11 H N N 321 
LEU HD12 H N N 322 
LEU HD13 H N N 323 
LEU HD21 H N N 324 
LEU HD22 H N N 325 
LEU HD23 H N N 326 
LEU HXT  H N N 327 
LYS N    N N N 328 
LYS CA   C N S 329 
LYS C    C N N 330 
LYS O    O N N 331 
LYS CB   C N N 332 
LYS CG   C N N 333 
LYS CD   C N N 334 
LYS CE   C N N 335 
LYS NZ   N N N 336 
LYS OXT  O N N 337 
LYS H    H N N 338 
LYS H2   H N N 339 
LYS HA   H N N 340 
LYS HB2  H N N 341 
LYS HB3  H N N 342 
LYS HG2  H N N 343 
LYS HG3  H N N 344 
LYS HD2  H N N 345 
LYS HD3  H N N 346 
LYS HE2  H N N 347 
LYS HE3  H N N 348 
LYS HZ1  H N N 349 
LYS HZ2  H N N 350 
LYS HZ3  H N N 351 
LYS HXT  H N N 352 
NLE N    N N N 353 
NLE CA   C N S 354 
NLE C    C N N 355 
NLE O    O N N 356 
NLE OXT  O N N 357 
NLE CB   C N N 358 
NLE CG   C N N 359 
NLE CD   C N N 360 
NLE CE   C N N 361 
NLE H    H N N 362 
NLE H2   H N N 363 
NLE HA   H N N 364 
NLE HXT  H N N 365 
NLE HB2  H N N 366 
NLE HB3  H N N 367 
NLE HG2  H N N 368 
NLE HG3  H N N 369 
NLE HD2  H N N 370 
NLE HD3  H N N 371 
NLE HE1  H N N 372 
NLE HE2  H N N 373 
NLE HE3  H N N 374 
PHE N    N N N 375 
PHE CA   C N S 376 
PHE C    C N N 377 
PHE O    O N N 378 
PHE CB   C N N 379 
PHE CG   C Y N 380 
PHE CD1  C Y N 381 
PHE CD2  C Y N 382 
PHE CE1  C Y N 383 
PHE CE2  C Y N 384 
PHE CZ   C Y N 385 
PHE OXT  O N N 386 
PHE H    H N N 387 
PHE H2   H N N 388 
PHE HA   H N N 389 
PHE HB2  H N N 390 
PHE HB3  H N N 391 
PHE HD1  H N N 392 
PHE HD2  H N N 393 
PHE HE1  H N N 394 
PHE HE2  H N N 395 
PHE HZ   H N N 396 
PHE HXT  H N N 397 
PRO N    N N N 398 
PRO CA   C N S 399 
PRO C    C N N 400 
PRO O    O N N 401 
PRO CB   C N N 402 
PRO CG   C N N 403 
PRO CD   C N N 404 
PRO OXT  O N N 405 
PRO H    H N N 406 
PRO HA   H N N 407 
PRO HB2  H N N 408 
PRO HB3  H N N 409 
PRO HG2  H N N 410 
PRO HG3  H N N 411 
PRO HD2  H N N 412 
PRO HD3  H N N 413 
PRO HXT  H N N 414 
THR N    N N N 415 
THR CA   C N S 416 
THR C    C N N 417 
THR O    O N N 418 
THR CB   C N R 419 
THR OG1  O N N 420 
THR CG2  C N N 421 
THR OXT  O N N 422 
THR H    H N N 423 
THR H2   H N N 424 
THR HA   H N N 425 
THR HB   H N N 426 
THR HG1  H N N 427 
THR HG21 H N N 428 
THR HG22 H N N 429 
THR HG23 H N N 430 
THR HXT  H N N 431 
TRP N    N N N 432 
TRP CA   C N S 433 
TRP C    C N N 434 
TRP O    O N N 435 
TRP CB   C N N 436 
TRP CG   C Y N 437 
TRP CD1  C Y N 438 
TRP CD2  C Y N 439 
TRP NE1  N Y N 440 
TRP CE2  C Y N 441 
TRP CE3  C Y N 442 
TRP CZ2  C Y N 443 
TRP CZ3  C Y N 444 
TRP CH2  C Y N 445 
TRP OXT  O N N 446 
TRP H    H N N 447 
TRP H2   H N N 448 
TRP HA   H N N 449 
TRP HB2  H N N 450 
TRP HB3  H N N 451 
TRP HD1  H N N 452 
TRP HE1  H N N 453 
TRP HE3  H N N 454 
TRP HZ2  H N N 455 
TRP HZ3  H N N 456 
TRP HH2  H N N 457 
TRP HXT  H N N 458 
TYR N    N N N 459 
TYR CA   C N S 460 
TYR C    C N N 461 
TYR O    O N N 462 
TYR CB   C N N 463 
TYR CG   C Y N 464 
TYR CD1  C Y N 465 
TYR CD2  C Y N 466 
TYR CE1  C Y N 467 
TYR CE2  C Y N 468 
TYR CZ   C Y N 469 
TYR OH   O N N 470 
TYR OXT  O N N 471 
TYR H    H N N 472 
TYR H2   H N N 473 
TYR HA   H N N 474 
TYR HB2  H N N 475 
TYR HB3  H N N 476 
TYR HD1  H N N 477 
TYR HD2  H N N 478 
TYR HE1  H N N 479 
TYR HE2  H N N 480 
TYR HH   H N N 481 
TYR HXT  H N N 482 
VAL N    N N N 483 
VAL CA   C N S 484 
VAL C    C N N 485 
VAL O    O N N 486 
VAL CB   C N N 487 
VAL CG1  C N N 488 
VAL CG2  C N N 489 
VAL OXT  O N N 490 
VAL H    H N N 491 
VAL H2   H N N 492 
VAL HA   H N N 493 
VAL HB   H N N 494 
VAL HG11 H N N 495 
VAL HG12 H N N 496 
VAL HG13 H N N 497 
VAL HG21 H N N 498 
VAL HG22 H N N 499 
VAL HG23 H N N 500 
VAL HXT  H N N 501 
YCM N    N N N 502 
YCM CA   C N R 503 
YCM CB   C N N 504 
YCM SG   S N N 505 
YCM CD   C N N 506 
YCM CE   C N N 507 
YCM OZ1  O N N 508 
YCM NZ2  N N N 509 
YCM C    C N N 510 
YCM O    O N N 511 
YCM OXT  O N N 512 
YCM H    H N N 513 
YCM H2   H N N 514 
YCM HA   H N N 515 
YCM HB2  H N N 516 
YCM HB3  H N N 517 
YCM HD2  H N N 518 
YCM HD3  H N N 519 
YCM HZ21 H N N 520 
YCM HZ22 H N N 521 
YCM HXT  H N N 522 
# 
loop_
_chem_comp_bond.comp_id 
_chem_comp_bond.atom_id_1 
_chem_comp_bond.atom_id_2 
_chem_comp_bond.value_order 
_chem_comp_bond.pdbx_aromatic_flag 
_chem_comp_bond.pdbx_stereo_config 
_chem_comp_bond.pdbx_ordinal 
ABA N   CA   sing N N 1   
ABA N   H    sing N N 2   
ABA N   H2   sing N N 3   
ABA CA  C    sing N N 4   
ABA CA  CB   sing N N 5   
ABA CA  HA   sing N N 6   
ABA C   O    doub N N 7   
ABA C   OXT  sing N N 8   
ABA CB  CG   sing N N 9   
ABA CB  HB3  sing N N 10  
ABA CB  HB2  sing N N 11  
ABA CG  HG1  sing N N 12  
ABA CG  HG3  sing N N 13  
ABA CG  HG2  sing N N 14  
ABA OXT HXT  sing N N 15  
ALA N   CA   sing N N 16  
ALA N   H    sing N N 17  
ALA N   H2   sing N N 18  
ALA CA  C    sing N N 19  
ALA CA  CB   sing N N 20  
ALA CA  HA   sing N N 21  
ALA C   O    doub N N 22  
ALA C   OXT  sing N N 23  
ALA CB  HB1  sing N N 24  
ALA CB  HB2  sing N N 25  
ALA CB  HB3  sing N N 26  
ALA OXT HXT  sing N N 27  
ARG N   CA   sing N N 28  
ARG N   H    sing N N 29  
ARG N   H2   sing N N 30  
ARG CA  C    sing N N 31  
ARG CA  CB   sing N N 32  
ARG CA  HA   sing N N 33  
ARG C   O    doub N N 34  
ARG C   OXT  sing N N 35  
ARG CB  CG   sing N N 36  
ARG CB  HB2  sing N N 37  
ARG CB  HB3  sing N N 38  
ARG CG  CD   sing N N 39  
ARG CG  HG2  sing N N 40  
ARG CG  HG3  sing N N 41  
ARG CD  NE   sing N N 42  
ARG CD  HD2  sing N N 43  
ARG CD  HD3  sing N N 44  
ARG NE  CZ   sing N N 45  
ARG NE  HE   sing N N 46  
ARG CZ  NH1  sing N N 47  
ARG CZ  NH2  doub N N 48  
ARG NH1 HH11 sing N N 49  
ARG NH1 HH12 sing N N 50  
ARG NH2 HH21 sing N N 51  
ARG NH2 HH22 sing N N 52  
ARG OXT HXT  sing N N 53  
ASN N   CA   sing N N 54  
ASN N   H    sing N N 55  
ASN N   H2   sing N N 56  
ASN CA  C    sing N N 57  
ASN CA  CB   sing N N 58  
ASN CA  HA   sing N N 59  
ASN C   O    doub N N 60  
ASN C   OXT  sing N N 61  
ASN CB  CG   sing N N 62  
ASN CB  HB2  sing N N 63  
ASN CB  HB3  sing N N 64  
ASN CG  OD1  doub N N 65  
ASN CG  ND2  sing N N 66  
ASN ND2 HD21 sing N N 67  
ASN ND2 HD22 sing N N 68  
ASN OXT HXT  sing N N 69  
ASP N   CA   sing N N 70  
ASP N   H    sing N N 71  
ASP N   H2   sing N N 72  
ASP CA  C    sing N N 73  
ASP CA  CB   sing N N 74  
ASP CA  HA   sing N N 75  
ASP C   O    doub N N 76  
ASP C   OXT  sing N N 77  
ASP CB  CG   sing N N 78  
ASP CB  HB2  sing N N 79  
ASP CB  HB3  sing N N 80  
ASP CG  OD1  doub N N 81  
ASP CG  OD2  sing N N 82  
ASP OD2 HD2  sing N N 83  
ASP OXT HXT  sing N N 84  
GLN N   CA   sing N N 85  
GLN N   H    sing N N 86  
GLN N   H2   sing N N 87  
GLN CA  C    sing N N 88  
GLN CA  CB   sing N N 89  
GLN CA  HA   sing N N 90  
GLN C   O    doub N N 91  
GLN C   OXT  sing N N 92  
GLN CB  CG   sing N N 93  
GLN CB  HB2  sing N N 94  
GLN CB  HB3  sing N N 95  
GLN CG  CD   sing N N 96  
GLN CG  HG2  sing N N 97  
GLN CG  HG3  sing N N 98  
GLN CD  OE1  doub N N 99  
GLN CD  NE2  sing N N 100 
GLN NE2 HE21 sing N N 101 
GLN NE2 HE22 sing N N 102 
GLN OXT HXT  sing N N 103 
GLU N   CA   sing N N 104 
GLU N   H    sing N N 105 
GLU N   H2   sing N N 106 
GLU CA  C    sing N N 107 
GLU CA  CB   sing N N 108 
GLU CA  HA   sing N N 109 
GLU C   O    doub N N 110 
GLU C   OXT  sing N N 111 
GLU CB  CG   sing N N 112 
GLU CB  HB2  sing N N 113 
GLU CB  HB3  sing N N 114 
GLU CG  CD   sing N N 115 
GLU CG  HG2  sing N N 116 
GLU CG  HG3  sing N N 117 
GLU CD  OE1  doub N N 118 
GLU CD  OE2  sing N N 119 
GLU OE2 HE2  sing N N 120 
GLU OXT HXT  sing N N 121 
GLY N   CA   sing N N 122 
GLY N   H    sing N N 123 
GLY N   H2   sing N N 124 
GLY CA  C    sing N N 125 
GLY CA  HA2  sing N N 126 
GLY CA  HA3  sing N N 127 
GLY C   O    doub N N 128 
GLY C   OXT  sing N N 129 
GLY OXT HXT  sing N N 130 
HIS N   CA   sing N N 131 
HIS N   H    sing N N 132 
HIS N   H2   sing N N 133 
HIS CA  C    sing N N 134 
HIS CA  CB   sing N N 135 
HIS CA  HA   sing N N 136 
HIS C   O    doub N N 137 
HIS C   OXT  sing N N 138 
HIS CB  CG   sing N N 139 
HIS CB  HB2  sing N N 140 
HIS CB  HB3  sing N N 141 
HIS CG  ND1  sing Y N 142 
HIS CG  CD2  doub Y N 143 
HIS ND1 CE1  doub Y N 144 
HIS ND1 HD1  sing N N 145 
HIS CD2 NE2  sing Y N 146 
HIS CD2 HD2  sing N N 147 
HIS CE1 NE2  sing Y N 148 
HIS CE1 HE1  sing N N 149 
HIS NE2 HE2  sing N N 150 
HIS OXT HXT  sing N N 151 
HOH O   H1   sing N N 152 
HOH O   H2   sing N N 153 
ILE N   CA   sing N N 154 
ILE N   H    sing N N 155 
ILE N   H2   sing N N 156 
ILE CA  C    sing N N 157 
ILE CA  CB   sing N N 158 
ILE CA  HA   sing N N 159 
ILE C   O    doub N N 160 
ILE C   OXT  sing N N 161 
ILE CB  CG1  sing N N 162 
ILE CB  CG2  sing N N 163 
ILE CB  HB   sing N N 164 
ILE CG1 CD1  sing N N 165 
ILE CG1 HG12 sing N N 166 
ILE CG1 HG13 sing N N 167 
ILE CG2 HG21 sing N N 168 
ILE CG2 HG22 sing N N 169 
ILE CG2 HG23 sing N N 170 
ILE CD1 HD11 sing N N 171 
ILE CD1 HD12 sing N N 172 
ILE CD1 HD13 sing N N 173 
ILE OXT HXT  sing N N 174 
KVI C36 C35  sing N N 175 
KVI O8  C34  doub N N 176 
KVI C35 C33  sing N N 177 
KVI C35 O9   sing N N 178 
KVI C33 C34  sing N N 179 
KVI C33 N10  sing N N 180 
KVI C34 N8   sing N N 181 
KVI C19 C17  sing N N 182 
KVI O2  C7   doub N N 183 
KVI N10 C7   sing N N 184 
KVI C22 C21  sing N N 185 
KVI C22 C23  sing N N 186 
KVI C7  C8   sing N N 187 
KVI N8  C14  sing N N 188 
KVI C21 C20  sing N N 189 
KVI N9  C20  sing N N 190 
KVI N9  C15  sing N N 191 
KVI C14 C15  sing N N 192 
KVI C14 C16  sing N N 193 
KVI C17 C16  sing N N 194 
KVI C23 C24  sing N N 195 
KVI C20 C25  sing N N 196 
KVI C15 O5   doub N N 197 
KVI C16 C18  sing N N 198 
KVI O6  C25  doub N N 199 
KVI C25 C26  sing N N 200 
KVI C26 C27  sing N N 201 
KVI C27 C28  sing N N 202 
KVI C27 C32  sing N N 203 
KVI C28 C29  sing N N 204 
KVI C32 N6   sing N N 205 
KVI C32 O7   doub N N 206 
KVI N6  C9   sing N N 207 
KVI C29 C30  sing N N 208 
KVI C11 C9   sing N N 209 
KVI C11 C12  sing N N 210 
KVI O4  C13  doub N N 211 
KVI O3  C10  doub N N 212 
KVI C9  C10  sing N N 213 
KVI C12 C13  sing N N 214 
KVI C13 N7   sing N N 215 
KVI C10 N1   sing N N 216 
KVI C30 C31  sing N N 217 
KVI N1  C1   sing N N 218 
KVI C1  C6   sing N N 219 
KVI C1  C2   sing N N 220 
KVI N5  C6   sing N N 221 
KVI C6  O1   doub N N 222 
KVI C2  C3   sing N N 223 
KVI C3  C4   sing N N 224 
KVI C4  N2   sing N N 225 
KVI N3  C5   doub N N 226 
KVI N2  C5   sing N N 227 
KVI C5  N4   sing N N 228 
KVI C1  H1   sing N N 229 
KVI C2  H2   sing N N 230 
KVI C2  H3   sing N N 231 
KVI C3  H4   sing N N 232 
KVI C3  H5   sing N N 233 
KVI C4  H6   sing N N 234 
KVI C4  H7   sing N N 235 
KVI C9  H8   sing N N 236 
KVI N10 H9   sing N N 237 
KVI C11 H10  sing N N 238 
KVI C11 H11  sing N N 239 
KVI C16 H12  sing N N 240 
KVI C17 H13  sing N N 241 
KVI C17 H14  sing N N 242 
KVI C18 H15  sing N N 243 
KVI C18 H16  sing N N 244 
KVI C18 H17  sing N N 245 
KVI C20 H18  sing N N 246 
KVI C21 H19  sing N N 247 
KVI C21 H20  sing N N 248 
KVI C22 H21  sing N N 249 
KVI C22 H22  sing N N 250 
KVI C26 H23  sing N N 251 
KVI C26 H24  sing N N 252 
KVI N1  H25  sing N N 253 
KVI N2  H26  sing N N 254 
KVI N3  H27  sing N N 255 
KVI N4  H28  sing N N 256 
KVI N4  H29  sing N N 257 
KVI N5  H30  sing N N 258 
KVI N5  H31  sing N N 259 
KVI C8  H32  sing N N 260 
KVI C8  H33  sing N N 261 
KVI C8  H34  sing N N 262 
KVI N6  H35  sing N N 263 
KVI C12 H36  sing N N 264 
KVI C12 H37  sing N N 265 
KVI N7  H38  sing N N 266 
KVI N7  H39  sing N N 267 
KVI N8  H40  sing N N 268 
KVI C14 H41  sing N N 269 
KVI C19 H42  sing N N 270 
KVI C19 H43  sing N N 271 
KVI C19 H44  sing N N 272 
KVI N9  H45  sing N N 273 
KVI C23 H46  sing N N 274 
KVI C23 H47  sing N N 275 
KVI C24 H48  sing N N 276 
KVI C24 H49  sing N N 277 
KVI C24 H50  sing N N 278 
KVI C27 H51  sing N N 279 
KVI C28 H52  sing N N 280 
KVI C28 H53  sing N N 281 
KVI C29 H54  sing N N 282 
KVI C29 H55  sing N N 283 
KVI C30 H56  sing N N 284 
KVI C30 H57  sing N N 285 
KVI C31 H58  sing N N 286 
KVI C31 H59  sing N N 287 
KVI C31 H60  sing N N 288 
KVI C33 H61  sing N N 289 
KVI C35 H62  sing N N 290 
KVI O9  H63  sing N N 291 
KVI C36 H64  sing N N 292 
KVI C36 H65  sing N N 293 
KVI C36 H66  sing N N 294 
LEU N   CA   sing N N 295 
LEU N   H    sing N N 296 
LEU N   H2   sing N N 297 
LEU CA  C    sing N N 298 
LEU CA  CB   sing N N 299 
LEU CA  HA   sing N N 300 
LEU C   O    doub N N 301 
LEU C   OXT  sing N N 302 
LEU CB  CG   sing N N 303 
LEU CB  HB2  sing N N 304 
LEU CB  HB3  sing N N 305 
LEU CG  CD1  sing N N 306 
LEU CG  CD2  sing N N 307 
LEU CG  HG   sing N N 308 
LEU CD1 HD11 sing N N 309 
LEU CD1 HD12 sing N N 310 
LEU CD1 HD13 sing N N 311 
LEU CD2 HD21 sing N N 312 
LEU CD2 HD22 sing N N 313 
LEU CD2 HD23 sing N N 314 
LEU OXT HXT  sing N N 315 
LYS N   CA   sing N N 316 
LYS N   H    sing N N 317 
LYS N   H2   sing N N 318 
LYS CA  C    sing N N 319 
LYS CA  CB   sing N N 320 
LYS CA  HA   sing N N 321 
LYS C   O    doub N N 322 
LYS C   OXT  sing N N 323 
LYS CB  CG   sing N N 324 
LYS CB  HB2  sing N N 325 
LYS CB  HB3  sing N N 326 
LYS CG  CD   sing N N 327 
LYS CG  HG2  sing N N 328 
LYS CG  HG3  sing N N 329 
LYS CD  CE   sing N N 330 
LYS CD  HD2  sing N N 331 
LYS CD  HD3  sing N N 332 
LYS CE  NZ   sing N N 333 
LYS CE  HE2  sing N N 334 
LYS CE  HE3  sing N N 335 
LYS NZ  HZ1  sing N N 336 
LYS NZ  HZ2  sing N N 337 
LYS NZ  HZ3  sing N N 338 
LYS OXT HXT  sing N N 339 
NLE N   CA   sing N N 340 
NLE N   H    sing N N 341 
NLE N   H2   sing N N 342 
NLE CA  C    sing N N 343 
NLE CA  CB   sing N N 344 
NLE CA  HA   sing N N 345 
NLE C   O    doub N N 346 
NLE C   OXT  sing N N 347 
NLE OXT HXT  sing N N 348 
NLE CB  CG   sing N N 349 
NLE CB  HB2  sing N N 350 
NLE CB  HB3  sing N N 351 
NLE CG  CD   sing N N 352 
NLE CG  HG2  sing N N 353 
NLE CG  HG3  sing N N 354 
NLE CD  CE   sing N N 355 
NLE CD  HD2  sing N N 356 
NLE CD  HD3  sing N N 357 
NLE CE  HE1  sing N N 358 
NLE CE  HE2  sing N N 359 
NLE CE  HE3  sing N N 360 
PHE N   CA   sing N N 361 
PHE N   H    sing N N 362 
PHE N   H2   sing N N 363 
PHE CA  C    sing N N 364 
PHE CA  CB   sing N N 365 
PHE CA  HA   sing N N 366 
PHE C   O    doub N N 367 
PHE C   OXT  sing N N 368 
PHE CB  CG   sing N N 369 
PHE CB  HB2  sing N N 370 
PHE CB  HB3  sing N N 371 
PHE CG  CD1  doub Y N 372 
PHE CG  CD2  sing Y N 373 
PHE CD1 CE1  sing Y N 374 
PHE CD1 HD1  sing N N 375 
PHE CD2 CE2  doub Y N 376 
PHE CD2 HD2  sing N N 377 
PHE CE1 CZ   doub Y N 378 
PHE CE1 HE1  sing N N 379 
PHE CE2 CZ   sing Y N 380 
PHE CE2 HE2  sing N N 381 
PHE CZ  HZ   sing N N 382 
PHE OXT HXT  sing N N 383 
PRO N   CA   sing N N 384 
PRO N   CD   sing N N 385 
PRO N   H    sing N N 386 
PRO CA  C    sing N N 387 
PRO CA  CB   sing N N 388 
PRO CA  HA   sing N N 389 
PRO C   O    doub N N 390 
PRO C   OXT  sing N N 391 
PRO CB  CG   sing N N 392 
PRO CB  HB2  sing N N 393 
PRO CB  HB3  sing N N 394 
PRO CG  CD   sing N N 395 
PRO CG  HG2  sing N N 396 
PRO CG  HG3  sing N N 397 
PRO CD  HD2  sing N N 398 
PRO CD  HD3  sing N N 399 
PRO OXT HXT  sing N N 400 
THR N   CA   sing N N 401 
THR N   H    sing N N 402 
THR N   H2   sing N N 403 
THR CA  C    sing N N 404 
THR CA  CB   sing N N 405 
THR CA  HA   sing N N 406 
THR C   O    doub N N 407 
THR C   OXT  sing N N 408 
THR CB  OG1  sing N N 409 
THR CB  CG2  sing N N 410 
THR CB  HB   sing N N 411 
THR OG1 HG1  sing N N 412 
THR CG2 HG21 sing N N 413 
THR CG2 HG22 sing N N 414 
THR CG2 HG23 sing N N 415 
THR OXT HXT  sing N N 416 
TRP N   CA   sing N N 417 
TRP N   H    sing N N 418 
TRP N   H2   sing N N 419 
TRP CA  C    sing N N 420 
TRP CA  CB   sing N N 421 
TRP CA  HA   sing N N 422 
TRP C   O    doub N N 423 
TRP C   OXT  sing N N 424 
TRP CB  CG   sing N N 425 
TRP CB  HB2  sing N N 426 
TRP CB  HB3  sing N N 427 
TRP CG  CD1  doub Y N 428 
TRP CG  CD2  sing Y N 429 
TRP CD1 NE1  sing Y N 430 
TRP CD1 HD1  sing N N 431 
TRP CD2 CE2  doub Y N 432 
TRP CD2 CE3  sing Y N 433 
TRP NE1 CE2  sing Y N 434 
TRP NE1 HE1  sing N N 435 
TRP CE2 CZ2  sing Y N 436 
TRP CE3 CZ3  doub Y N 437 
TRP CE3 HE3  sing N N 438 
TRP CZ2 CH2  doub Y N 439 
TRP CZ2 HZ2  sing N N 440 
TRP CZ3 CH2  sing Y N 441 
TRP CZ3 HZ3  sing N N 442 
TRP CH2 HH2  sing N N 443 
TRP OXT HXT  sing N N 444 
TYR N   CA   sing N N 445 
TYR N   H    sing N N 446 
TYR N   H2   sing N N 447 
TYR CA  C    sing N N 448 
TYR CA  CB   sing N N 449 
TYR CA  HA   sing N N 450 
TYR C   O    doub N N 451 
TYR C   OXT  sing N N 452 
TYR CB  CG   sing N N 453 
TYR CB  HB2  sing N N 454 
TYR CB  HB3  sing N N 455 
TYR CG  CD1  doub Y N 456 
TYR CG  CD2  sing Y N 457 
TYR CD1 CE1  sing Y N 458 
TYR CD1 HD1  sing N N 459 
TYR CD2 CE2  doub Y N 460 
TYR CD2 HD2  sing N N 461 
TYR CE1 CZ   doub Y N 462 
TYR CE1 HE1  sing N N 463 
TYR CE2 CZ   sing Y N 464 
TYR CE2 HE2  sing N N 465 
TYR CZ  OH   sing N N 466 
TYR OH  HH   sing N N 467 
TYR OXT HXT  sing N N 468 
VAL N   CA   sing N N 469 
VAL N   H    sing N N 470 
VAL N   H2   sing N N 471 
VAL CA  C    sing N N 472 
VAL CA  CB   sing N N 473 
VAL CA  HA   sing N N 474 
VAL C   O    doub N N 475 
VAL C   OXT  sing N N 476 
VAL CB  CG1  sing N N 477 
VAL CB  CG2  sing N N 478 
VAL CB  HB   sing N N 479 
VAL CG1 HG11 sing N N 480 
VAL CG1 HG12 sing N N 481 
VAL CG1 HG13 sing N N 482 
VAL CG2 HG21 sing N N 483 
VAL CG2 HG22 sing N N 484 
VAL CG2 HG23 sing N N 485 
VAL OXT HXT  sing N N 486 
YCM N   CA   sing N N 487 
YCM N   H    sing N N 488 
YCM N   H2   sing N N 489 
YCM CA  CB   sing N N 490 
YCM CA  C    sing N N 491 
YCM CA  HA   sing N N 492 
YCM CB  SG   sing N N 493 
YCM CB  HB2  sing N N 494 
YCM CB  HB3  sing N N 495 
YCM SG  CD   sing N N 496 
YCM CD  CE   sing N N 497 
YCM CD  HD2  sing N N 498 
YCM CD  HD3  sing N N 499 
YCM CE  OZ1  doub N N 500 
YCM CE  NZ2  sing N N 501 
YCM NZ2 HZ21 sing N N 502 
YCM NZ2 HZ22 sing N N 503 
YCM C   O    doub N N 504 
YCM C   OXT  sing N N 505 
YCM OXT HXT  sing N N 506 
# 
_pdbx_initial_refinement_model.id               1 
_pdbx_initial_refinement_model.entity_id_list   ? 
_pdbx_initial_refinement_model.type             'experimental model' 
_pdbx_initial_refinement_model.source_name      PDB 
_pdbx_initial_refinement_model.accession_code   4HVP 
_pdbx_initial_refinement_model.details          'PDB ENTRY 4HVP' 
# 
_atom_sites.entry_id                    3DCK 
_atom_sites.fract_transf_matrix[1][1]   0.00205487 
_atom_sites.fract_transf_matrix[1][2]   0.01715381 
_atom_sites.fract_transf_matrix[1][3]   0.00925022 
_atom_sites.fract_transf_matrix[2][1]   0.01603638 
_atom_sites.fract_transf_matrix[2][2]   -0.00415924 
_atom_sites.fract_transf_matrix[2][3]   0.00415061 
_atom_sites.fract_transf_matrix[3][1]   0.00532082 
_atom_sites.fract_transf_matrix[3][2]   0.00678300 
_atom_sites.fract_transf_matrix[3][3]   -0.01376054 
_atom_sites.fract_transf_vector[1]      -0.098211 
_atom_sites.fract_transf_vector[2]      0.021543 
_atom_sites.fract_transf_vector[3]      -0.296632 
# 
loop_
_atom_type.symbol 
C 
N 
O 
S 
# 
loop_
_atom_site.group_PDB 
_atom_site.id 
_atom_site.type_symbol 
_atom_site.label_atom_id 
_atom_site.label_alt_id 
_atom_site.label_comp_id 
_atom_site.label_asym_id 
_atom_site.label_entity_id 
_atom_site.label_seq_id 
_atom_site.pdbx_PDB_ins_code 
_atom_site.Cartn_x 
_atom_site.Cartn_y 
_atom_site.Cartn_z 
_atom_site.occupancy 
_atom_site.B_iso_or_equiv 
_atom_site.pdbx_formal_charge 
_atom_site.auth_seq_id 
_atom_site.auth_comp_id 
_atom_site.auth_asym_id 
_atom_site.auth_atom_id 
_atom_site.pdbx_PDB_model_num 
ATOM   1    N N   . PRO A 1 1  ? 7.343   -14.874 8.677   1.00 28.59 ? 1   PRO A N   1 
ATOM   2    C CA  . PRO A 1 1  ? 8.586   -14.126 8.909   1.00 28.87 ? 1   PRO A CA  1 
ATOM   3    C C   . PRO A 1 1  ? 8.286   -12.674 9.332   1.00 27.73 ? 1   PRO A C   1 
ATOM   4    O O   . PRO A 1 1  ? 7.112   -12.277 9.365   1.00 27.00 ? 1   PRO A O   1 
ATOM   5    C CB  . PRO A 1 1  ? 9.245   -14.134 7.522   1.00 28.26 ? 1   PRO A CB  1 
ATOM   6    C CG  . PRO A 1 1  ? 8.161   -14.251 6.599   1.00 28.51 ? 1   PRO A CG  1 
ATOM   7    C CD  . PRO A 1 1  ? 7.089   -15.061 7.245   1.00 29.19 ? 1   PRO A CD  1 
ATOM   8    N N   . GLN A 1 2  ? 9.329   -11.921 9.678   1.00 27.01 ? 2   GLN A N   1 
ATOM   9    C CA  . GLN A 1 2  ? 9.226   -10.474 9.839   1.00 27.17 ? 2   GLN A CA  1 
ATOM   10   C C   . GLN A 1 2  ? 9.832   -9.765  8.635   1.00 26.70 ? 2   GLN A C   1 
ATOM   11   O O   . GLN A 1 2  ? 10.950  -10.079 8.194   1.00 25.65 ? 2   GLN A O   1 
ATOM   12   C CB  . GLN A 1 2  ? 9.943   -10.018 11.110  1.00 27.49 ? 2   GLN A CB  1 
ATOM   13   C CG  . GLN A 1 2  ? 10.025  -8.483  11.251  1.00 30.05 ? 2   GLN A CG  1 
ATOM   14   C CD  . GLN A 1 2  ? 10.673  -8.056  12.531  1.00 35.24 ? 2   GLN A CD  1 
ATOM   15   O OE1 . GLN A 1 2  ? 11.856  -7.701  12.549  1.00 37.59 ? 2   GLN A OE1 1 
ATOM   16   N NE2 . GLN A 1 2  ? 9.915   -8.093  13.628  1.00 34.71 ? 2   GLN A NE2 1 
ATOM   17   N N   . ILE A 1 3  ? 9.112   -8.772  8.123   1.00 26.13 ? 3   ILE A N   1 
ATOM   18   C CA  . ILE A 1 3  ? 9.536   -8.088  6.906   1.00 27.01 ? 3   ILE A CA  1 
ATOM   19   C C   . ILE A 1 3  ? 9.660   -6.606  7.249   1.00 25.95 ? 3   ILE A C   1 
ATOM   20   O O   . ILE A 1 3  ? 8.694   -5.962  7.658   1.00 25.07 ? 3   ILE A O   1 
ATOM   21   C CB  . ILE A 1 3  ? 8.572   -8.386  5.776   1.00 27.03 ? 3   ILE A CB  1 
ATOM   22   C CG1 . ILE A 1 3  ? 8.687   -9.868  5.410   1.00 30.81 ? 3   ILE A CG1 1 
ATOM   23   C CG2 . ILE A 1 3  ? 8.833   -7.527  4.517   1.00 29.20 ? 3   ILE A CG2 1 
ATOM   24   C CD1 . ILE A 1 3  ? 7.446   -10.424 4.916   1.00 33.77 ? 3   ILE A CD1 1 
ATOM   25   N N   . THR A 1 4  ? 10.889  -6.098  7.163   1.00 25.26 ? 4   THR A N   1 
ATOM   26   C CA  . THR A 1 4  ? 11.146  -4.709  7.438   1.00 24.88 ? 4   THR A CA  1 
ATOM   27   C C   . THR A 1 4  ? 10.774  -3.901  6.191   1.00 23.15 ? 4   THR A C   1 
ATOM   28   O O   . THR A 1 4  ? 10.497  -4.456  5.115   1.00 23.89 ? 4   THR A O   1 
ATOM   29   C CB  . THR A 1 4  ? 12.623  -4.443  7.835   1.00 26.13 ? 4   THR A CB  1 
ATOM   30   O OG1 . THR A 1 4  ? 13.470  -4.775  6.733   1.00 29.60 ? 4   THR A OG1 1 
ATOM   31   C CG2 . THR A 1 4  ? 13.021  -5.264  9.110   1.00 26.10 ? 4   THR A CG2 1 
ATOM   32   N N   . LEU A 1 5  ? 10.736  -2.587  6.349   1.00 21.18 ? 5   LEU A N   1 
ATOM   33   C CA  . LEU A 1 5  ? 10.204  -1.705  5.297   1.00 19.90 ? 5   LEU A CA  1 
ATOM   34   C C   . LEU A 1 5  ? 11.251  -0.746  4.738   1.00 19.91 ? 5   LEU A C   1 
ATOM   35   O O   . LEU A 1 5  ? 10.933  0.243   4.086   1.00 20.15 ? 5   LEU A O   1 
ATOM   36   C CB  . LEU A 1 5  ? 8.952   -0.967  5.836   1.00 19.30 ? 5   LEU A CB  1 
ATOM   37   C CG  . LEU A 1 5  ? 7.834   -1.937  6.253   1.00 19.52 ? 5   LEU A CG  1 
ATOM   38   C CD1 . LEU A 1 5  ? 6.762   -1.131  7.030   1.00 18.97 ? 5   LEU A CD1 1 
ATOM   39   C CD2 . LEU A 1 5  ? 7.149   -2.625  5.006   1.00 20.86 ? 5   LEU A CD2 1 
ATOM   40   N N   . TRP A 1 6  ? 12.523  -1.099  4.944   1.00 20.66 ? 6   TRP A N   1 
ATOM   41   C CA  . TRP A 1 6  ? 13.636  -0.315  4.400   1.00 21.19 ? 6   TRP A CA  1 
ATOM   42   C C   . TRP A 1 6  ? 13.563  -0.301  2.853   1.00 21.32 ? 6   TRP A C   1 
ATOM   43   O O   . TRP A 1 6  ? 13.826  0.713   2.222   1.00 24.03 ? 6   TRP A O   1 
ATOM   44   C CB  . TRP A 1 6  ? 14.961  -0.925  4.846   1.00 22.28 ? 6   TRP A CB  1 
ATOM   45   C CG  . TRP A 1 6  ? 15.287  -0.806  6.334   1.00 22.53 ? 6   TRP A CG  1 
ATOM   46   C CD1 . TRP A 1 6  ? 15.497  -1.843  7.213   1.00 24.86 ? 6   TRP A CD1 1 
ATOM   47   C CD2 . TRP A 1 6  ? 15.520  0.399   7.077   1.00 24.26 ? 6   TRP A CD2 1 
ATOM   48   N NE1 . TRP A 1 6  ? 15.826  -1.354  8.464   1.00 26.66 ? 6   TRP A NE1 1 
ATOM   49   C CE2 . TRP A 1 6  ? 15.856  0.015   8.408   1.00 25.94 ? 6   TRP A CE2 1 
ATOM   50   C CE3 . TRP A 1 6  ? 15.484  1.765   6.754   1.00 23.98 ? 6   TRP A CE3 1 
ATOM   51   C CZ2 . TRP A 1 6  ? 16.140  0.946   9.408   1.00 25.41 ? 6   TRP A CZ2 1 
ATOM   52   C CZ3 . TRP A 1 6  ? 15.794  2.696   7.757   1.00 24.86 ? 6   TRP A CZ3 1 
ATOM   53   C CH2 . TRP A 1 6  ? 16.107  2.276   9.067   1.00 25.25 ? 6   TRP A CH2 1 
ATOM   54   N N   . LYS A 1 7  ? 13.203  -1.438  2.245   1.00 21.62 ? 7   LYS A N   1 
ATOM   55   C CA  . LYS A 1 7  ? 13.006  -1.540  0.804   1.00 20.68 ? 7   LYS A CA  1 
ATOM   56   C C   . LYS A 1 7  ? 11.561  -2.037  0.631   1.00 21.92 ? 7   LYS A C   1 
ATOM   57   O O   . LYS A 1 7  ? 10.899  -2.407  1.609   1.00 22.83 ? 7   LYS A O   1 
ATOM   58   C CB  . LYS A 1 7  ? 13.970  -2.552  0.189   1.00 20.87 ? 7   LYS A CB  1 
ATOM   59   C CG  . LYS A 1 7  ? 13.807  -3.971  0.675   0.50 20.09 ? 7   LYS A CG  1 
ATOM   60   C CD  . LYS A 1 7  ? 14.903  -4.829  0.083   0.50 24.67 ? 7   LYS A CD  1 
ATOM   61   C CE  . LYS A 1 7  ? 14.474  -6.272  -0.007  0.50 24.56 ? 7   LYS A CE  1 
ATOM   62   N NZ  . LYS A 1 7  ? 15.501  -7.039  -0.742  0.50 25.08 ? 7   LYS A NZ  1 
ATOM   63   N N   . ARG A 1 8  ? 11.065  -2.033  -0.600  1.00 21.19 ? 8   ARG A N   1 
ATOM   64   C CA  . ARG A 1 8  ? 9.720   -2.519  -0.871  1.00 20.82 ? 8   ARG A CA  1 
ATOM   65   C C   . ARG A 1 8  ? 9.607   -3.958  -0.361  1.00 20.08 ? 8   ARG A C   1 
ATOM   66   O O   . ARG A 1 8  ? 10.500  -4.807  -0.655  1.00 21.96 ? 8   ARG A O   1 
ATOM   67   C CB  . ARG A 1 8  ? 9.459   -2.502  -2.376  1.00 21.45 ? 8   ARG A CB  1 
ATOM   68   C CG  . ARG A 1 8  ? 9.265   -1.073  -2.938  1.00 21.00 ? 8   ARG A CG  1 
ATOM   69   C CD  . ARG A 1 8  ? 9.164   -1.043  -4.456  1.00 23.46 ? 8   ARG A CD  1 
ATOM   70   N NE  . ARG A 1 8  ? 9.121   0.365   -4.888  0.50 19.57 ? 8   ARG A NE  1 
ATOM   71   C CZ  . ARG A 1 8  ? 9.638   0.859   -6.008  0.50 20.44 ? 8   ARG A CZ  1 
ATOM   72   N NH1 . ARG A 1 8  ? 10.300  0.093   -6.872  0.50 22.34 ? 8   ARG A NH1 1 
ATOM   73   N NH2 . ARG A 1 8  ? 9.506   2.147   -6.264  0.50 19.39 ? 8   ARG A NH2 1 
ATOM   74   N N   . PRO A 1 9  ? 8.524   -4.255  0.356   1.00 19.60 ? 9   PRO A N   1 
ATOM   75   C CA  . PRO A 1 9  ? 8.327   -5.601  0.909   1.00 19.58 ? 9   PRO A CA  1 
ATOM   76   C C   . PRO A 1 9  ? 7.873   -6.586  -0.177  1.00 19.75 ? 9   PRO A C   1 
ATOM   77   O O   . PRO A 1 9  ? 6.696   -6.954  -0.236  1.00 19.93 ? 9   PRO A O   1 
ATOM   78   C CB  . PRO A 1 9  ? 7.266   -5.388  1.983   1.00 19.41 ? 9   PRO A CB  1 
ATOM   79   C CG  . PRO A 1 9  ? 6.420   -4.196  1.446   1.00 21.35 ? 9   PRO A CG  1 
ATOM   80   C CD  . PRO A 1 9  ? 7.436   -3.318  0.709   1.00 19.28 ? 9   PRO A CD  1 
ATOM   81   N N   . LEU A 1 10 ? 8.829   -7.043  -0.997  1.00 19.81 ? 10  LEU A N   1 
ATOM   82   C CA  . LEU A 1 10 ? 8.568   -8.029  -2.042  1.00 21.34 ? 10  LEU A CA  1 
ATOM   83   C C   . LEU A 1 10 ? 8.835   -9.442  -1.552  1.00 21.24 ? 10  LEU A C   1 
ATOM   84   O O   . LEU A 1 10 ? 9.878   -9.707  -0.966  1.00 22.47 ? 10  LEU A O   1 
ATOM   85   C CB  . LEU A 1 10 ? 9.432   -7.743  -3.277  1.00 21.80 ? 10  LEU A CB  1 
ATOM   86   C CG  . LEU A 1 10 ? 9.234   -6.349  -3.888  1.00 24.98 ? 10  LEU A CG  1 
ATOM   87   C CD1 . LEU A 1 10 ? 10.467  -5.991  -4.777  1.00 29.58 ? 10  LEU A CD1 1 
ATOM   88   C CD2 . LEU A 1 10 ? 7.947   -6.302  -4.684  1.00 26.54 ? 10  LEU A CD2 1 
ATOM   89   N N   . VAL A 1 11 ? 7.885   -10.352 -1.775  1.00 20.95 ? 11  VAL A N   1 
ATOM   90   C CA  . VAL A 1 11 ? 8.043   -11.760 -1.362  1.00 20.74 ? 11  VAL A CA  1 
ATOM   91   C C   . VAL A 1 11 ? 7.657   -12.623 -2.524  1.00 20.77 ? 11  VAL A C   1 
ATOM   92   O O   . VAL A 1 11 ? 7.087   -12.130 -3.478  1.00 21.02 ? 11  VAL A O   1 
ATOM   93   C CB  . VAL A 1 11 ? 7.131   -12.096 -0.163  1.00 21.45 ? 11  VAL A CB  1 
ATOM   94   C CG1 . VAL A 1 11 ? 7.478   -11.222 1.013   1.00 23.14 ? 11  VAL A CG1 1 
ATOM   95   C CG2 . VAL A 1 11 ? 5.681   -11.877 -0.547  1.00 22.31 ? 11  VAL A CG2 1 
ATOM   96   N N   . THR A 1 12 ? 7.966   -13.921 -2.453  1.00 20.88 ? 12  THR A N   1 
ATOM   97   C CA  . THR A 1 12 ? 7.548   -14.864 -3.481  1.00 20.61 ? 12  THR A CA  1 
ATOM   98   C C   . THR A 1 12 ? 6.149   -15.394 -3.229  1.00 20.58 ? 12  THR A C   1 
ATOM   99   O O   . THR A 1 12 ? 5.786   -15.724 -2.115  1.00 21.08 ? 12  THR A O   1 
ATOM   100  C CB  . THR A 1 12 ? 8.515   -16.056 -3.523  1.00 22.08 ? 12  THR A CB  1 
ATOM   101  O OG1 . THR A 1 12 ? 9.816   -15.585 -3.887  1.00 24.52 ? 12  THR A OG1 1 
ATOM   102  C CG2 . THR A 1 12 ? 8.060   -17.073 -4.546  1.00 20.93 ? 12  THR A CG2 1 
ATOM   103  N N   . ILE A 1 13 ? 5.357   -15.469 -4.280  1.00 20.47 ? 13  ILE A N   1 
ATOM   104  C CA  . ILE A 1 13 ? 4.035   -16.064 -4.197  1.00 21.56 ? 13  ILE A CA  1 
ATOM   105  C C   . ILE A 1 13 ? 3.910   -17.118 -5.283  1.00 21.46 ? 13  ILE A C   1 
ATOM   106  O O   . ILE A 1 13 ? 4.692   -17.136 -6.250  1.00 22.35 ? 13  ILE A O   1 
ATOM   107  C CB  . ILE A 1 13 ? 2.921   -15.005 -4.414  1.00 20.55 ? 13  ILE A CB  1 
ATOM   108  C CG1 . ILE A 1 13 ? 3.066   -14.348 -5.788  1.00 22.89 ? 13  ILE A CG1 1 
ATOM   109  C CG2 . ILE A 1 13 ? 3.018   -13.883 -3.383  1.00 22.72 ? 13  ILE A CG2 1 
ATOM   110  C CD1 . ILE A 1 13 ? 1.824   -13.727 -6.299  1.00 25.45 ? 13  ILE A CD1 1 
ATOM   111  N N   . ARG A 1 14 ? 2.958   -18.022 -5.110  1.00 20.94 ? 14  ARG A N   1 
ATOM   112  C CA  . ARG A 1 14 ? 2.647   -18.976 -6.152  1.00 20.25 ? 14  ARG A CA  1 
ATOM   113  C C   . ARG A 1 14 ? 1.174   -18.833 -6.492  1.00 20.99 ? 14  ARG A C   1 
ATOM   114  O O   . ARG A 1 14 ? 0.314   -18.781 -5.592  1.00 20.47 ? 14  ARG A O   1 
ATOM   115  C CB  . ARG A 1 14 ? 2.998   -20.408 -5.707  1.00 20.65 ? 14  ARG A CB  1 
ATOM   116  C CG  . ARG A 1 14 ? 2.666   -21.484 -6.753  0.50 20.08 ? 14  ARG A CG  1 
ATOM   117  C CD  . ARG A 1 14 ? 3.441   -22.805 -6.519  0.50 20.83 ? 14  ARG A CD  1 
ATOM   118  N NE  . ARG A 1 14 ? 3.644   -23.132 -5.105  0.50 24.22 ? 14  ARG A NE  1 
ATOM   119  C CZ  . ARG A 1 14 ? 3.214   -24.251 -4.519  0.50 26.20 ? 14  ARG A CZ  1 
ATOM   120  N NH1 . ARG A 1 14 ? 2.547   -25.163 -5.215  0.50 24.99 ? 14  ARG A NH1 1 
ATOM   121  N NH2 . ARG A 1 14 ? 3.464   -24.473 -3.234  0.50 26.33 ? 14  ARG A NH2 1 
ATOM   122  N N   . ILE A 1 15 ? 0.887   -18.709 -7.784  1.00 21.41 ? 15  ILE A N   1 
ATOM   123  C CA  . ILE A 1 15 ? -0.477  -18.457 -8.266  1.00 21.80 ? 15  ILE A CA  1 
ATOM   124  C C   . ILE A 1 15 ? -0.599  -19.038 -9.672  1.00 21.92 ? 15  ILE A C   1 
ATOM   125  O O   . ILE A 1 15 ? 0.254   -18.806 -10.516 1.00 20.87 ? 15  ILE A O   1 
ATOM   126  C CB  . ILE A 1 15 ? -0.897  -16.953 -8.225  1.00 23.17 ? 15  ILE A CB  1 
ATOM   127  C CG1 . ILE A 1 15 ? -2.299  -16.754 -8.813  1.00 22.97 ? 15  ILE A CG1 1 
ATOM   128  C CG2 . ILE A 1 15 ? 0.122   -16.007 -8.902  1.00 21.20 ? 15  ILE A CG2 1 
ATOM   129  C CD1 . ILE A 1 15 ? -2.907  -15.356 -8.514  1.00 24.15 ? 15  ILE A CD1 1 
ATOM   130  N N   . GLY A 1 16 ? -1.673  -19.787 -9.906  1.00 21.83 ? 16  GLY A N   1 
ATOM   131  C CA  . GLY A 1 16 ? -1.939  -20.323 -11.229 1.00 23.77 ? 16  GLY A CA  1 
ATOM   132  C C   . GLY A 1 16 ? -0.830  -21.275 -11.635 1.00 23.91 ? 16  GLY A C   1 
ATOM   133  O O   . GLY A 1 16 ? -0.586  -21.484 -12.825 1.00 25.56 ? 16  GLY A O   1 
ATOM   134  N N   . GLY A 1 17 ? -0.155  -21.844 -10.642 1.00 24.04 ? 17  GLY A N   1 
ATOM   135  C CA  . GLY A 1 17 ? 1.012   -22.696 -10.864 1.00 25.08 ? 17  GLY A CA  1 
ATOM   136  C C   . GLY A 1 17 ? 2.278   -21.958 -11.281 1.00 25.80 ? 17  GLY A C   1 
ATOM   137  O O   . GLY A 1 17 ? 3.232   -22.580 -11.782 1.00 26.15 ? 17  GLY A O   1 
ATOM   138  N N   . GLN A 1 18 ? 2.304   -20.639 -11.099 1.00 25.66 ? 18  GLN A N   1 
ATOM   139  C CA  . GLN A 1 18 ? 3.509   -19.867 -11.398 1.00 26.65 ? 18  GLN A CA  1 
ATOM   140  C C   . GLN A 1 18 ? 4.041   -19.186 -10.152 1.00 26.93 ? 18  GLN A C   1 
ATOM   141  O O   . GLN A 1 18 ? 3.257   -18.726 -9.322  1.00 27.83 ? 18  GLN A O   1 
ATOM   142  C CB  . GLN A 1 18 ? 3.213   -18.777 -12.416 1.00 26.88 ? 18  GLN A CB  1 
ATOM   143  C CG  . GLN A 1 18 ? 2.606   -19.255 -13.666 1.00 30.35 ? 18  GLN A CG  1 
ATOM   144  C CD  . GLN A 1 18 ? 3.200   -18.536 -14.830 1.00 35.46 ? 18  GLN A CD  1 
ATOM   145  O OE1 . GLN A 1 18 ? 3.157   -17.307 -14.897 1.00 39.10 ? 18  GLN A OE1 1 
ATOM   146  N NE2 . GLN A 1 18 ? 3.787   -19.294 -15.759 1.00 38.09 ? 18  GLN A NE2 1 
ATOM   147  N N   . LEU A 1 19 ? 5.365   -19.112 -10.043 1.00 26.69 ? 19  LEU A N   1 
ATOM   148  C CA  . LEU A 1 19 ? 6.037   -18.382 -8.992  1.00 27.51 ? 19  LEU A CA  1 
ATOM   149  C C   . LEU A 1 19 ? 6.268   -16.955 -9.454  1.00 27.07 ? 19  LEU A C   1 
ATOM   150  O O   . LEU A 1 19 ? 6.692   -16.724 -10.583 1.00 27.13 ? 19  LEU A O   1 
ATOM   151  C CB  . LEU A 1 19 ? 7.371   -19.046 -8.620  1.00 27.99 ? 19  LEU A CB  1 
ATOM   152  C CG  . LEU A 1 19 ? 7.436   -20.324 -7.773  1.00 30.24 ? 19  LEU A CG  1 
ATOM   153  C CD1 . LEU A 1 19 ? 8.877   -20.504 -7.351  1.00 30.80 ? 19  LEU A CD1 1 
ATOM   154  C CD2 . LEU A 1 19 ? 6.569   -20.250 -6.516  1.00 31.50 ? 19  LEU A CD2 1 
ATOM   155  N N   . LYS A 1 20 ? 5.979   -16.003 -8.575  1.00 26.11 ? 20  LYS A N   1 
ATOM   156  C CA  . LYS A 1 20 ? 6.029   -14.573 -8.894  1.00 25.87 ? 20  LYS A CA  1 
ATOM   157  C C   . LYS A 1 20 ? 6.518   -13.821 -7.667  1.00 25.37 ? 20  LYS A C   1 
ATOM   158  O O   . LYS A 1 20 ? 6.425   -14.336 -6.553  1.00 25.39 ? 20  LYS A O   1 
ATOM   159  C CB  . LYS A 1 20 ? 4.636   -14.034 -9.287  1.00 25.81 ? 20  LYS A CB  1 
ATOM   160  C CG  . LYS A 1 20 ? 4.207   -14.446 -10.696 1.00 27.18 ? 20  LYS A CG  1 
ATOM   161  C CD  . LYS A 1 20 ? 2.794   -14.012 -11.029 0.50 25.85 ? 20  LYS A CD  1 
ATOM   162  C CE  . LYS A 1 20 ? 2.439   -14.475 -12.448 0.50 25.08 ? 20  LYS A CE  1 
ATOM   163  N NZ  . LYS A 1 20 ? 3.432   -14.048 -13.475 0.50 24.11 ? 20  LYS A NZ  1 
ATOM   164  N N   . GLU A 1 21 ? 7.060   -12.624 -7.866  1.00 24.98 ? 21  GLU A N   1 
ATOM   165  C CA  . GLU A 1 21 ? 7.269   -11.722 -6.717  1.00 23.80 ? 21  GLU A CA  1 
ATOM   166  C C   . GLU A 1 21 ? 6.156   -10.667 -6.633  1.00 22.54 ? 21  GLU A C   1 
ATOM   167  O O   . GLU A 1 21 ? 5.615   -10.188 -7.652  1.00 21.43 ? 21  GLU A O   1 
ATOM   168  C CB  . GLU A 1 21 ? 8.670   -11.110 -6.653  1.00 24.56 ? 21  GLU A CB  1 
ATOM   169  C CG  . GLU A 1 21 ? 9.733   -12.099 -6.123  0.50 28.18 ? 21  GLU A CG  1 
ATOM   170  C CD  . GLU A 1 21 ? 10.863  -11.404 -5.381  0.50 32.68 ? 21  GLU A CD  1 
ATOM   171  O OE1 . GLU A 1 21 ? 11.106  -11.751 -4.197  0.50 33.40 ? 21  GLU A OE1 1 
ATOM   172  O OE2 . GLU A 1 21 ? 11.494  -10.498 -5.974  0.50 33.23 ? 21  GLU A OE2 1 
ATOM   173  N N   . ALA A 1 22 ? 5.776   -10.356 -5.392  1.00 20.40 ? 22  ALA A N   1 
ATOM   174  C CA  . ALA A 1 22 ? 4.644   -9.488  -5.149  1.00 20.37 ? 22  ALA A CA  1 
ATOM   175  C C   . ALA A 1 22 ? 4.910   -8.655  -3.905  1.00 20.19 ? 22  ALA A C   1 
ATOM   176  O O   . ALA A 1 22 ? 5.591   -9.087  -2.984  1.00 21.51 ? 22  ALA A O   1 
ATOM   177  C CB  . ALA A 1 22 ? 3.345   -10.315 -4.939  1.00 19.55 ? 22  ALA A CB  1 
ATOM   178  N N   . LEU A 1 23 ? 4.295   -7.494  -3.884  1.00 19.86 ? 23  LEU A N   1 
ATOM   179  C CA  . LEU A 1 23 ? 4.466   -6.531  -2.828  1.00 19.42 ? 23  LEU A CA  1 
ATOM   180  C C   . LEU A 1 23 ? 3.356   -6.704  -1.805  1.00 19.94 ? 23  LEU A C   1 
ATOM   181  O O   . LEU A 1 23 ? 2.140   -6.660  -2.146  1.00 20.43 ? 23  LEU A O   1 
ATOM   182  C CB  . LEU A 1 23 ? 4.401   -5.152  -3.516  1.00 20.53 ? 23  LEU A CB  1 
ATOM   183  C CG  . LEU A 1 23 ? 4.566   -3.874  -2.695  1.00 24.50 ? 23  LEU A CG  1 
ATOM   184  C CD1 . LEU A 1 23 ? 5.999   -3.619  -2.559  1.00 29.59 ? 23  LEU A CD1 1 
ATOM   185  C CD2 . LEU A 1 23 ? 3.941   -2.785  -3.595  1.00 28.28 ? 23  LEU A CD2 1 
ATOM   186  N N   . LEU A 1 24 ? 3.752   -6.886  -0.534  1.00 18.52 ? 24  LEU A N   1 
ATOM   187  C CA  . LEU A 1 24 ? 2.767   -6.980  0.543   1.00 19.34 ? 24  LEU A CA  1 
ATOM   188  C C   . LEU A 1 24 ? 2.279   -5.577  0.801   1.00 20.09 ? 24  LEU A C   1 
ATOM   189  O O   . LEU A 1 24 ? 3.052   -4.736  1.256   1.00 21.61 ? 24  LEU A O   1 
ATOM   190  C CB  . LEU A 1 24 ? 3.408   -7.548  1.808   1.00 19.74 ? 24  LEU A CB  1 
ATOM   191  C CG  . LEU A 1 24 ? 4.049   -8.947  1.592   1.00 21.50 ? 24  LEU A CG  1 
ATOM   192  C CD1 . LEU A 1 24 ? 4.592   -9.466  2.915   1.00 22.55 ? 24  LEU A CD1 1 
ATOM   193  C CD2 . LEU A 1 24 ? 3.066   -9.963  1.014   1.00 21.02 ? 24  LEU A CD2 1 
ATOM   194  N N   . ASN A 1 25 ? 0.999   -5.332  0.531   1.00 18.31 ? 25  ASN A N   1 
ATOM   195  C CA  . ASN A 1 25 ? 0.512   -3.959  0.437   1.00 18.38 ? 25  ASN A CA  1 
ATOM   196  C C   . ASN A 1 25 ? -0.680  -3.736  1.365   1.00 17.79 ? 25  ASN A C   1 
ATOM   197  O O   . ASN A 1 25 ? -1.847  -4.034  1.026   1.00 18.37 ? 25  ASN A O   1 
ATOM   198  C CB  . ASN A 1 25 ? 0.103   -3.720  -1.026  1.00 18.42 ? 25  ASN A CB  1 
ATOM   199  C CG  . ASN A 1 25 ? -0.129  -2.249  -1.379  1.00 22.63 ? 25  ASN A CG  1 
ATOM   200  O OD1 . ASN A 1 25 ? -0.037  -1.851  -2.571  1.00 28.81 ? 25  ASN A OD1 1 
ATOM   201  N ND2 . ASN A 1 25 ? -0.380  -1.459  -0.410  1.00 19.38 ? 25  ASN A ND2 1 
ATOM   202  N N   . THR A 1 26 ? -0.397  -3.226  2.567   1.00 18.61 ? 26  THR A N   1 
ATOM   203  C CA  . THR A 1 26 ? -1.479  -2.840  3.497   1.00 18.04 ? 26  THR A CA  1 
ATOM   204  C C   . THR A 1 26 ? -2.417  -1.719  3.009   1.00 19.19 ? 26  THR A C   1 
ATOM   205  O O   . THR A 1 26 ? -3.525  -1.556  3.557   1.00 20.96 ? 26  THR A O   1 
ATOM   206  C CB  . THR A 1 26 ? -0.902  -2.450  4.889   1.00 19.17 ? 26  THR A CB  1 
ATOM   207  O OG1 . THR A 1 26 ? -0.059  -1.292  4.765   1.00 15.57 ? 26  THR A OG1 1 
ATOM   208  C CG2 . THR A 1 26 ? -0.094  -3.599  5.457   1.00 15.96 ? 26  THR A CG2 1 
ATOM   209  N N   . GLY A 1 27 ? -2.000  -0.981  1.983   1.00 19.36 ? 27  GLY A N   1 
ATOM   210  C CA  . GLY A 1 27 ? -2.815  0.088   1.383   1.00 22.33 ? 27  GLY A CA  1 
ATOM   211  C C   . GLY A 1 27 ? -3.682  -0.374  0.202   1.00 22.46 ? 27  GLY A C   1 
ATOM   212  O O   . GLY A 1 27 ? -4.274  0.473   -0.519  1.00 24.03 ? 27  GLY A O   1 
ATOM   213  N N   . ALA A 1 28 ? -3.742  -1.686  -0.019  1.00 20.56 ? 28  ALA A N   1 
ATOM   214  C CA  . ALA A 1 28 ? -4.574  -2.287  -1.100  1.00 20.30 ? 28  ALA A CA  1 
ATOM   215  C C   . ALA A 1 28 ? -5.708  -3.137  -0.492  1.00 20.76 ? 28  ALA A C   1 
ATOM   216  O O   . ALA A 1 28 ? -5.462  -4.033  0.308   1.00 20.20 ? 28  ALA A O   1 
ATOM   217  C CB  . ALA A 1 28 ? -3.716  -3.100  -2.084  1.00 19.18 ? 28  ALA A CB  1 
ATOM   218  N N   . ASP A 1 29 ? -6.966  -2.854  -0.821  1.00 20.03 ? 29  ASP A N   1 
ATOM   219  C CA  . ASP A 1 29 ? -8.066  -3.692  -0.309  1.00 22.00 ? 29  ASP A CA  1 
ATOM   220  C C   . ASP A 1 29 ? -8.047  -5.076  -0.967  1.00 21.91 ? 29  ASP A C   1 
ATOM   221  O O   . ASP A 1 29 ? -8.465  -6.075  -0.341  1.00 23.04 ? 29  ASP A O   1 
ATOM   222  C CB  . ASP A 1 29 ? -9.436  -3.069  -0.675  1.00 21.93 ? 29  ASP A CB  1 
ATOM   223  C CG  . ASP A 1 29 ? -9.712  -1.748  0.037   1.00 28.25 ? 29  ASP A CG  1 
ATOM   224  O OD1 . ASP A 1 29 ? -8.907  -1.321  0.920   1.00 29.52 ? 29  ASP A OD1 1 
ATOM   225  O OD2 . ASP A 1 29 ? -10.803 -1.165  -0.272  1.00 28.70 ? 29  ASP A OD2 1 
ATOM   226  N N   . ASP A 1 30 ? -7.606  -5.102  -2.228  1.00 21.52 ? 30  ASP A N   1 
ATOM   227  C CA  . ASP A 1 30 ? -7.650  -6.285  -3.088  1.00 21.87 ? 30  ASP A CA  1 
ATOM   228  C C   . ASP A 1 30 ? -6.260  -6.641  -3.592  1.00 21.03 ? 30  ASP A C   1 
ATOM   229  O O   . ASP A 1 30 ? -5.304  -5.861  -3.467  1.00 20.73 ? 30  ASP A O   1 
ATOM   230  C CB  . ASP A 1 30 ? -8.588  -6.027  -4.301  1.00 22.95 ? 30  ASP A CB  1 
ATOM   231  C CG  . ASP A 1 30 ? -10.001 -5.598  -3.872  1.00 29.77 ? 30  ASP A CG  1 
ATOM   232  O OD1 . ASP A 1 30 ? -10.559 -6.188  -2.925  1.00 34.45 ? 30  ASP A OD1 1 
ATOM   233  O OD2 . ASP A 1 30 ? -10.533 -4.647  -4.501  1.00 36.95 ? 30  ASP A OD2 1 
ATOM   234  N N   . THR A 1 31 ? -6.153  -7.807  -4.219  1.00 19.04 ? 31  THR A N   1 
ATOM   235  C CA  . THR A 1 31 ? -4.879  -8.316  -4.729  1.00 19.64 ? 31  THR A CA  1 
ATOM   236  C C   . THR A 1 31 ? -4.887  -8.163  -6.244  1.00 18.90 ? 31  THR A C   1 
ATOM   237  O O   . THR A 1 31 ? -5.862  -8.489  -6.872  1.00 18.79 ? 31  THR A O   1 
ATOM   238  C CB  . THR A 1 31 ? -4.732  -9.802  -4.315  1.00 18.86 ? 31  THR A CB  1 
ATOM   239  O OG1 . THR A 1 31 ? -4.551  -9.841  -2.875  1.00 20.28 ? 31  THR A OG1 1 
ATOM   240  C CG2 . THR A 1 31 ? -3.561  -10.484 -5.036  1.00 21.26 ? 31  THR A CG2 1 
ATOM   241  N N   . VAL A 1 32 ? -3.825  -7.601  -6.796  1.00 18.57 ? 32  VAL A N   1 
ATOM   242  C CA  . VAL A 1 32 ? -3.774  -7.282  -8.232  1.00 18.59 ? 32  VAL A CA  1 
ATOM   243  C C   . VAL A 1 32 ? -2.499  -7.887  -8.783  1.00 20.18 ? 32  VAL A C   1 
ATOM   244  O O   . VAL A 1 32 ? -1.409  -7.551  -8.305  1.00 20.42 ? 32  VAL A O   1 
ATOM   245  C CB  . VAL A 1 32 ? -3.729  -5.787  -8.489  1.00 18.78 ? 32  VAL A CB  1 
ATOM   246  C CG1 . VAL A 1 32 ? -3.858  -5.512  -10.021 1.00 20.50 ? 32  VAL A CG1 1 
ATOM   247  C CG2 . VAL A 1 32 ? -4.874  -5.078  -7.694  1.00 21.87 ? 32  VAL A CG2 1 
ATOM   248  N N   . ILE A 1 33 ? -2.650  -8.739  -9.789  1.00 19.72 ? 33  ILE A N   1 
ATOM   249  C CA  . ILE A 1 33 ? -1.538  -9.462  -10.381 1.00 21.79 ? 33  ILE A CA  1 
ATOM   250  C C   . ILE A 1 33 ? -1.350  -9.047  -11.841 1.00 22.05 ? 33  ILE A C   1 
ATOM   251  O O   . ILE A 1 33 ? -2.337  -8.806  -12.558 1.00 21.99 ? 33  ILE A O   1 
ATOM   252  C CB  . ILE A 1 33 ? -1.809  -10.976 -10.266 1.00 21.48 ? 33  ILE A CB  1 
ATOM   253  C CG1 . ILE A 1 33 ? -2.052  -11.382 -8.791  1.00 23.95 ? 33  ILE A CG1 1 
ATOM   254  C CG2 . ILE A 1 33 ? -0.724  -11.856 -10.958 1.00 24.84 ? 33  ILE A CG2 1 
ATOM   255  C CD1 . ILE A 1 33 ? -0.885  -11.208 -7.820  1.00 26.59 ? 33  ILE A CD1 1 
ATOM   256  N N   . GLU A 1 34 ? -0.096  -8.962  -12.272 1.00 21.90 ? 34  GLU A N   1 
ATOM   257  C CA  . GLU A 1 34 ? 0.228   -8.651  -13.683 1.00 24.85 ? 34  GLU A CA  1 
ATOM   258  C C   . GLU A 1 34 ? -0.457  -9.599  -14.637 1.00 25.00 ? 34  GLU A C   1 
ATOM   259  O O   . GLU A 1 34 ? -0.739  -10.735 -14.312 1.00 24.87 ? 34  GLU A O   1 
ATOM   260  C CB  . GLU A 1 34 ? 1.733   -8.774  -13.897 1.00 26.05 ? 34  GLU A CB  1 
ATOM   261  C CG  . GLU A 1 34 ? 2.469   -7.684  -14.705 0.50 29.98 ? 34  GLU A CG  1 
ATOM   262  C CD  . GLU A 1 34 ? 1.837   -7.319  -16.041 1.00 34.33 ? 34  GLU A CD  1 
ATOM   263  O OE1 . GLU A 1 34 ? 2.374   -7.708  -17.119 0.50 31.93 ? 34  GLU A OE1 1 
ATOM   264  O OE2 . GLU A 1 34 ? 0.809   -6.613  -16.001 1.00 35.14 ? 34  GLU A OE2 1 
ATOM   265  N N   . GLU A 1 35 ? -0.688  -9.131  -15.857 1.00 26.19 ? 35  GLU A N   1 
ATOM   266  C CA  . GLU A 1 35 ? -1.275  -9.939  -16.904 1.00 27.19 ? 35  GLU A CA  1 
ATOM   267  C C   . GLU A 1 35 ? -0.821  -11.406 -16.866 1.00 27.70 ? 35  GLU A C   1 
ATOM   268  O O   . GLU A 1 35 ? 0.377   -11.714 -16.961 1.00 28.09 ? 35  GLU A O   1 
ATOM   269  C CB  . GLU A 1 35 ? -0.948  -9.298  -18.256 1.00 27.67 ? 35  GLU A CB  1 
ATOM   270  C CG  . GLU A 1 35 ? -1.587  -9.976  -19.432 1.00 28.63 ? 35  GLU A CG  1 
ATOM   271  C CD  . GLU A 1 35 ? -3.073  -10.232 -19.225 1.00 31.25 ? 35  GLU A CD  1 
ATOM   272  O OE1 . GLU A 1 35 ? -3.520  -11.393 -19.477 1.00 31.20 ? 35  GLU A OE1 1 
ATOM   273  O OE2 . GLU A 1 35 ? -3.771  -9.280  -18.798 1.00 30.32 ? 35  GLU A OE2 1 
HETATM 274  N N   . NLE A 1 36 ? -1.805  -12.289 -16.714 1.00 28.06 ? 36  NLE A N   1 
HETATM 275  C CA  . NLE A 1 36 ? -1.599  -13.711 -16.522 1.00 29.40 ? 36  NLE A CA  1 
HETATM 276  C C   . NLE A 1 36 ? -2.867  -14.396 -17.010 1.00 29.59 ? 36  NLE A C   1 
HETATM 277  O O   . NLE A 1 36 ? -3.989  -13.993 -16.669 1.00 29.09 ? 36  NLE A O   1 
HETATM 278  C CB  . NLE A 1 36 ? -1.386  -14.010 -15.042 1.00 29.68 ? 36  NLE A CB  1 
HETATM 279  C CG  . NLE A 1 36 ? -0.450  -15.147 -14.775 1.00 32.55 ? 36  NLE A CG  1 
HETATM 280  C CD  . NLE A 1 36 ? -0.566  -15.563 -13.325 1.00 34.80 ? 36  NLE A CD  1 
HETATM 281  C CE  . NLE A 1 36 ? -0.153  -17.005 -13.165 1.00 35.46 ? 36  NLE A CE  1 
ATOM   282  N N   . ASN A 1 37 ? -2.691  -15.438 -17.807 1.00 29.82 ? 37  ASN A N   1 
ATOM   283  C CA  . ASN A 1 37 ? -3.823  -16.181 -18.328 1.00 30.80 ? 37  ASN A CA  1 
ATOM   284  C C   . ASN A 1 37 ? -4.296  -17.235 -17.327 1.00 30.72 ? 37  ASN A C   1 
ATOM   285  O O   . ASN A 1 37 ? -4.111  -18.431 -17.568 1.00 31.52 ? 37  ASN A O   1 
ATOM   286  C CB  . ASN A 1 37 ? -3.456  -16.836 -19.657 1.00 30.59 ? 37  ASN A CB  1 
ATOM   287  C CG  . ASN A 1 37 ? -4.657  -17.440 -20.359 1.00 32.77 ? 37  ASN A CG  1 
ATOM   288  O OD1 . ASN A 1 37 ? -4.531  -18.361 -21.173 1.00 33.86 ? 37  ASN A OD1 1 
ATOM   289  N ND2 . ASN A 1 37 ? -5.835  -16.911 -20.054 1.00 34.95 ? 37  ASN A ND2 1 
ATOM   290  N N   . LEU A 1 38 ? -4.895  -16.781 -16.220 1.00 30.75 ? 38  LEU A N   1 
ATOM   291  C CA  . LEU A 1 38 ? -5.522  -17.660 -15.222 1.00 30.39 ? 38  LEU A CA  1 
ATOM   292  C C   . LEU A 1 38 ? -6.787  -18.339 -15.782 1.00 30.08 ? 38  LEU A C   1 
ATOM   293  O O   . LEU A 1 38 ? -7.604  -17.704 -16.452 1.00 30.62 ? 38  LEU A O   1 
ATOM   294  C CB  . LEU A 1 38 ? -5.892  -16.876 -13.955 0.50 30.67 ? 38  LEU A CB  1 
ATOM   295  C CG  . LEU A 1 38 ? -4.809  -16.354 -13.012 0.50 30.30 ? 38  LEU A CG  1 
ATOM   296  C CD1 . LEU A 1 38 ? -5.427  -15.533 -11.886 0.50 30.89 ? 38  LEU A CD1 1 
ATOM   297  C CD2 . LEU A 1 38 ? -3.999  -17.512 -12.450 0.50 31.35 ? 38  LEU A CD2 1 
ATOM   298  N N   . PRO A 1 39 ? -6.960  -19.629 -15.499 0.50 29.25 ? 39  PRO A N   1 
ATOM   299  C CA  . PRO A 1 39 ? -8.183  -20.299 -15.930 0.50 28.41 ? 39  PRO A CA  1 
ATOM   300  C C   . PRO A 1 39 ? -9.354  -19.875 -15.055 0.50 27.45 ? 39  PRO A C   1 
ATOM   301  O O   . PRO A 1 39 ? -9.162  -19.487 -13.915 0.50 27.49 ? 39  PRO A O   1 
ATOM   302  C CB  . PRO A 1 39 ? -7.870  -21.785 -15.721 0.50 28.36 ? 39  PRO A CB  1 
ATOM   303  C CG  . PRO A 1 39 ? -6.408  -21.857 -15.362 0.50 28.74 ? 39  PRO A CG  1 
ATOM   304  C CD  . PRO A 1 39 ? -6.046  -20.530 -14.789 0.50 28.69 ? 39  PRO A CD  1 
ATOM   305  N N   . GLY A 1 40 ? -10.556 -19.913 -15.604 0.50 26.75 ? 40  GLY A N   1 
ATOM   306  C CA  . GLY A 1 40 ? -11.737 -19.650 -14.810 0.50 25.64 ? 40  GLY A CA  1 
ATOM   307  C C   . GLY A 1 40 ? -12.679 -18.600 -15.360 0.50 25.15 ? 40  GLY A C   1 
ATOM   308  O O   . GLY A 1 40 ? -12.382 -17.880 -16.319 0.50 24.94 ? 40  GLY A O   1 
HETATM 309  N N   . YCM A 1 41 ? -13.844 -18.538 -14.741 0.50 24.32 ? 41  YCM A N   1 
HETATM 310  C CA  . YCM A 1 41 ? -14.798 -17.511 -15.006 0.50 24.00 ? 41  YCM A CA  1 
HETATM 311  C CB  . YCM A 1 41 ? -16.109 -17.859 -14.275 0.50 24.54 ? 41  YCM A CB  1 
HETATM 312  S SG  . YCM A 1 41 ? -16.725 -19.400 -14.578 0.50 27.83 ? 41  YCM A SG  1 
HETATM 313  C CD  . YCM A 1 41 ? -17.688 -19.953 -13.396 0.50 26.20 ? 41  YCM A CD  1 
HETATM 314  C CE  . YCM A 1 41 ? -17.624 -21.483 -13.210 0.50 27.58 ? 41  YCM A CE  1 
HETATM 315  O OZ1 . YCM A 1 41 ? -16.546 -22.043 -12.994 0.50 29.30 ? 41  YCM A OZ1 1 
HETATM 316  N NZ2 . YCM A 1 41 ? -18.773 -22.155 -13.323 0.50 27.88 ? 41  YCM A NZ2 1 
HETATM 317  C C   . YCM A 1 41 ? -14.157 -16.228 -14.437 0.50 22.08 ? 41  YCM A C   1 
HETATM 318  O O   . YCM A 1 41 ? -13.732 -16.206 -13.297 0.50 21.66 ? 41  YCM A O   1 
ATOM   319  N N   . TRP A 1 42 ? -14.040 -15.175 -15.239 0.50 20.45 ? 42  TRP A N   1 
ATOM   320  C CA  . TRP A 1 42 ? -13.628 -13.871 -14.694 0.50 18.42 ? 42  TRP A CA  1 
ATOM   321  C C   . TRP A 1 42 ? -14.647 -12.816 -15.081 0.50 17.98 ? 42  TRP A C   1 
ATOM   322  O O   . TRP A 1 42 ? -15.349 -12.984 -16.085 0.50 17.26 ? 42  TRP A O   1 
ATOM   323  C CB  . TRP A 1 42 ? -12.228 -13.468 -15.164 0.50 17.97 ? 42  TRP A CB  1 
ATOM   324  C CG  . TRP A 1 42 ? -12.066 -13.356 -16.657 0.50 18.22 ? 42  TRP A CG  1 
ATOM   325  C CD1 . TRP A 1 42 ? -11.610 -14.327 -17.506 0.50 17.55 ? 42  TRP A CD1 1 
ATOM   326  C CD2 . TRP A 1 42 ? -12.366 -12.222 -17.469 0.50 16.92 ? 42  TRP A CD2 1 
ATOM   327  N NE1 . TRP A 1 42 ? -11.592 -13.863 -18.786 0.50 16.81 ? 42  TRP A NE1 1 
ATOM   328  C CE2 . TRP A 1 42 ? -12.061 -12.577 -18.804 0.50 16.34 ? 42  TRP A CE2 1 
ATOM   329  C CE3 . TRP A 1 42 ? -12.863 -10.937 -17.204 0.50 16.19 ? 42  TRP A CE3 1 
ATOM   330  C CZ2 . TRP A 1 42 ? -12.234 -11.697 -19.873 0.50 17.28 ? 42  TRP A CZ2 1 
ATOM   331  C CZ3 . TRP A 1 42 ? -13.037 -10.054 -18.273 0.50 17.15 ? 42  TRP A CZ3 1 
ATOM   332  C CH2 . TRP A 1 42 ? -12.718 -10.441 -19.587 0.50 17.58 ? 42  TRP A CH2 1 
ATOM   333  N N   . LYS A 1 43 ? -14.776 -11.760 -14.277 0.50 16.67 ? 43  LYS A N   1 
ATOM   334  C CA  . LYS A 1 43 ? -15.666 -10.650 -14.641 0.50 17.21 ? 43  LYS A CA  1 
ATOM   335  C C   . LYS A 1 43 ? -14.958 -9.300  -14.568 0.50 17.25 ? 43  LYS A C   1 
ATOM   336  O O   . LYS A 1 43 ? -13.987 -9.177  -13.840 0.50 16.30 ? 43  LYS A O   1 
ATOM   337  C CB  . LYS A 1 43 ? -16.910 -10.619 -13.761 0.50 16.59 ? 43  LYS A CB  1 
ATOM   338  C CG  . LYS A 1 43 ? -16.704 -10.212 -12.358 0.50 19.56 ? 43  LYS A CG  1 
ATOM   339  C CD  . LYS A 1 43 ? -17.942 -10.457 -11.546 0.50 22.72 ? 43  LYS A CD  1 
ATOM   340  C CE  . LYS A 1 43 ? -17.554 -10.864 -10.138 0.50 25.06 ? 43  LYS A CE  1 
ATOM   341  N NZ  . LYS A 1 43 ? -18.718 -10.873 -9.197  0.50 27.12 ? 43  LYS A NZ  1 
ATOM   342  N N   . PRO A 1 44 ? -15.448 -8.302  -15.333 1.00 19.07 ? 44  PRO A N   1 
ATOM   343  C CA  . PRO A 1 44 ? -14.831 -6.971  -15.302 1.00 19.12 ? 44  PRO A CA  1 
ATOM   344  C C   . PRO A 1 44 ? -15.025 -6.132  -14.027 1.00 18.60 ? 44  PRO A C   1 
ATOM   345  O O   . PRO A 1 44 ? -16.092 -6.162  -13.388 1.00 20.03 ? 44  PRO A O   1 
ATOM   346  C CB  . PRO A 1 44 ? -15.449 -6.242  -16.519 1.00 18.48 ? 44  PRO A CB  1 
ATOM   347  C CG  . PRO A 1 44 ? -16.682 -6.967  -16.861 1.00 20.61 ? 44  PRO A CG  1 
ATOM   348  C CD  . PRO A 1 44 ? -16.530 -8.393  -16.337 1.00 19.04 ? 44  PRO A CD  1 
ATOM   349  N N   . LYS A 1 45 ? -13.992 -5.357  -13.702 1.00 17.69 ? 45  LYS A N   1 
ATOM   350  C CA  . LYS A 1 45 ? -13.953 -4.535  -12.511 1.00 17.81 ? 45  LYS A CA  1 
ATOM   351  C C   . LYS A 1 45 ? -13.045 -3.339  -12.851 1.00 17.89 ? 45  LYS A C   1 
ATOM   352  O O   . LYS A 1 45 ? -12.144 -3.441  -13.702 1.00 18.81 ? 45  LYS A O   1 
ATOM   353  C CB  . LYS A 1 45 ? -13.397 -5.334  -11.315 1.00 18.08 ? 45  LYS A CB  1 
ATOM   354  C CG  . LYS A 1 45 ? -13.527 -4.564  -9.995  1.00 18.83 ? 45  LYS A CG  1 
ATOM   355  C CD  . LYS A 1 45 ? -13.187 -5.497  -8.831  1.00 21.20 ? 45  LYS A CD  1 
ATOM   356  C CE  . LYS A 1 45 ? -12.938 -4.723  -7.549  1.00 28.42 ? 45  LYS A CE  1 
ATOM   357  N NZ  . LYS A 1 45 ? -14.248 -4.452  -6.935  1.00 26.60 ? 45  LYS A NZ  1 
HETATM 358  N N   . NLE A 1 46 ? -13.318 -2.183  -12.258 1.00 17.02 ? 46  NLE A N   1 
HETATM 359  C CA  . NLE A 1 46 ? -12.370 -1.076  -12.330 1.00 16.84 ? 46  NLE A CA  1 
HETATM 360  C C   . NLE A 1 46 ? -11.884 -0.847  -10.920 1.00 18.13 ? 46  NLE A C   1 
HETATM 361  O O   . NLE A 1 46 ? -12.671 -0.942  -9.980  1.00 18.52 ? 46  NLE A O   1 
HETATM 362  C CB  . NLE A 1 46 ? -13.025 0.168   -12.904 1.00 17.18 ? 46  NLE A CB  1 
HETATM 363  C CG  . NLE A 1 46 ? -13.187 0.040   -14.434 1.00 17.74 ? 46  NLE A CG  1 
HETATM 364  C CD  . NLE A 1 46 ? -13.515 1.297   -15.162 1.00 23.76 ? 46  NLE A CD  1 
HETATM 365  C CE  . NLE A 1 46 ? -12.432 2.375   -15.066 1.00 25.72 ? 46  NLE A CE  1 
ATOM   366  N N   . ILE A 1 47 ? -10.579 -0.620  -10.765 1.00 17.32 ? 47  ILE A N   1 
ATOM   367  C CA  . ILE A 1 47 ? -9.979  -0.348  -9.470  1.00 17.23 ? 47  ILE A CA  1 
ATOM   368  C C   . ILE A 1 47 ? -9.138  0.908   -9.584  1.00 17.70 ? 47  ILE A C   1 
ATOM   369  O O   . ILE A 1 47 ? -8.598  1.226   -10.658 1.00 17.17 ? 47  ILE A O   1 
ATOM   370  C CB  . ILE A 1 47 ? -9.071  -1.491  -8.945  1.00 19.89 ? 47  ILE A CB  1 
ATOM   371  C CG1 . ILE A 1 47 ? -8.148  -1.994  -10.070 1.00 22.34 ? 47  ILE A CG1 1 
ATOM   372  C CG2 . ILE A 1 47 ? -9.945  -2.628  -8.461  1.00 20.02 ? 47  ILE A CG2 1 
ATOM   373  C CD1 . ILE A 1 47 ? -6.723  -2.415  -9.631  1.00 24.86 ? 47  ILE A CD1 1 
ATOM   374  N N   . GLY A 1 48 ? -9.055  1.650   -8.499  1.00 17.24 ? 48  GLY A N   1 
ATOM   375  C CA  . GLY A 1 48 ? -8.407  2.953   -8.600  1.00 17.96 ? 48  GLY A CA  1 
ATOM   376  C C   . GLY A 1 48 ? -7.439  3.232   -7.469  1.00 18.59 ? 48  GLY A C   1 
ATOM   377  O O   . GLY A 1 48 ? -7.415  2.537   -6.438  1.00 20.68 ? 48  GLY A O   1 
ATOM   378  N N   . GLY A 1 49 ? -6.699  4.314   -7.638  1.00 19.28 ? 49  GLY A N   1 
ATOM   379  C CA  . GLY A 1 49 ? -5.726  4.763   -6.672  1.00 19.11 ? 49  GLY A CA  1 
ATOM   380  C C   . GLY A 1 49 ? -5.154  6.050   -7.254  1.00 18.56 ? 49  GLY A C   1 
ATOM   381  O O   . GLY A 1 49 ? -5.780  6.747   -8.049  1.00 18.98 ? 49  GLY A O   1 
ATOM   382  N N   . ILE A 1 50 ? -3.944  6.353   -6.848  1.00 19.18 ? 50  ILE A N   1 
ATOM   383  C CA  . ILE A 1 50 ? -3.204  7.486   -7.376  1.00 20.47 ? 50  ILE A CA  1 
ATOM   384  C C   . ILE A 1 50 ? -3.118  7.370   -8.901  1.00 20.43 ? 50  ILE A C   1 
ATOM   385  O O   . ILE A 1 50 ? -2.751  6.312   -9.435  1.00 20.06 ? 50  ILE A O   1 
ATOM   386  C CB  . ILE A 1 50 ? -1.793  7.547   -6.731  1.00 21.30 ? 50  ILE A CB  1 
ATOM   387  C CG1 . ILE A 1 50 ? -1.929  8.121   -5.302  1.00 22.60 ? 50  ILE A CG1 1 
ATOM   388  C CG2 . ILE A 1 50 ? -0.879  8.461   -7.563  1.00 21.95 ? 50  ILE A CG2 1 
ATOM   389  C CD1 . ILE A 1 50 ? -0.721  7.900   -4.336  1.00 22.56 ? 50  ILE A CD1 1 
ATOM   390  N N   . GLY A 1 51 ? -3.485  8.460   -9.574  1.00 19.90 ? 51  GLY A N   1 
ATOM   391  C CA  . GLY A 1 51 ? -3.465  8.528   -11.023 1.00 19.48 ? 51  GLY A CA  1 
ATOM   392  C C   . GLY A 1 51 ? -4.765  8.162   -11.705 1.00 19.73 ? 51  GLY A C   1 
ATOM   393  O O   . GLY A 1 51 ? -4.912  8.424   -12.907 1.00 20.91 ? 51  GLY A O   1 
ATOM   394  N N   . GLY A 1 52 ? -5.696  7.513   -10.988 1.00 17.83 ? 52  GLY A N   1 
ATOM   395  C CA  . GLY A 1 52 ? -6.953  7.101   -11.627 1.00 15.83 ? 52  GLY A CA  1 
ATOM   396  C C   . GLY A 1 52 ? -7.233  5.621   -11.559 1.00 14.83 ? 52  GLY A C   1 
ATOM   397  O O   . GLY A 1 52 ? -6.823  4.939   -10.612 1.00 15.33 ? 52  GLY A O   1 
ATOM   398  N N   . PHE A 1 53 ? -7.947  5.142   -12.569 1.00 15.30 ? 53  PHE A N   1 
ATOM   399  C CA  . PHE A 1 53 ? -8.464  3.788   -12.559 1.00 16.00 ? 53  PHE A CA  1 
ATOM   400  C C   . PHE A 1 53 ? -7.885  2.956   -13.697 1.00 17.01 ? 53  PHE A C   1 
ATOM   401  O O   . PHE A 1 53 ? -7.569  3.505   -14.773 1.00 19.45 ? 53  PHE A O   1 
ATOM   402  C CB  . PHE A 1 53 ? -9.995  3.844   -12.727 1.00 15.68 ? 53  PHE A CB  1 
ATOM   403  C CG  . PHE A 1 53 ? -10.712 4.197   -11.452 1.00 15.59 ? 53  PHE A CG  1 
ATOM   404  C CD1 . PHE A 1 53 ? -10.799 5.522   -11.060 1.00 15.72 ? 53  PHE A CD1 1 
ATOM   405  C CD2 . PHE A 1 53 ? -11.307 3.196   -10.650 1.00 15.73 ? 53  PHE A CD2 1 
ATOM   406  C CE1 . PHE A 1 53 ? -11.452 5.890   -9.872  1.00 18.27 ? 53  PHE A CE1 1 
ATOM   407  C CE2 . PHE A 1 53 ? -11.973 3.560   -9.425  1.00 18.26 ? 53  PHE A CE2 1 
ATOM   408  C CZ  . PHE A 1 53 ? -12.012 4.908   -9.034  1.00 18.35 ? 53  PHE A CZ  1 
ATOM   409  N N   . ILE A 1 54 ? -7.853  1.643   -13.487 1.00 18.12 ? 54  ILE A N   1 
ATOM   410  C CA  . ILE A 1 54 ? -7.573  0.708   -14.561 1.00 19.88 ? 54  ILE A CA  1 
ATOM   411  C C   . ILE A 1 54 ? -8.649  -0.375  -14.545 1.00 18.35 ? 54  ILE A C   1 
ATOM   412  O O   . ILE A 1 54 ? -9.247  -0.660  -13.485 1.00 17.43 ? 54  ILE A O   1 
ATOM   413  C CB  . ILE A 1 54 ? -6.160  0.083   -14.396 1.00 20.67 ? 54  ILE A CB  1 
ATOM   414  C CG1 . ILE A 1 54 ? -6.038  -0.655  -13.077 1.00 23.15 ? 54  ILE A CG1 1 
ATOM   415  C CG2 . ILE A 1 54 ? -5.116  1.196   -14.590 1.00 22.45 ? 54  ILE A CG2 1 
ATOM   416  C CD1 . ILE A 1 54 ? -4.864  -1.697  -12.965 1.00 22.98 ? 54  ILE A CD1 1 
ATOM   417  N N   . LYS A 1 55 ? -8.888  -0.957  -15.706 1.00 16.92 ? 55  LYS A N   1 
ATOM   418  C CA  . LYS A 1 55 ? -9.789  -2.105  -15.827 1.00 16.43 ? 55  LYS A CA  1 
ATOM   419  C C   . LYS A 1 55 ? -9.039  -3.423  -15.581 1.00 17.08 ? 55  LYS A C   1 
ATOM   420  O O   . LYS A 1 55 ? -7.978  -3.664  -16.159 1.00 16.74 ? 55  LYS A O   1 
ATOM   421  C CB  . LYS A 1 55 ? -10.406 -2.111  -17.215 1.00 17.20 ? 55  LYS A CB  1 
ATOM   422  C CG  . LYS A 1 55 ? -11.655 -2.975  -17.345 1.00 22.09 ? 55  LYS A CG  1 
ATOM   423  C CD  . LYS A 1 55 ? -12.375 -2.645  -18.669 1.00 29.11 ? 55  LYS A CD  1 
ATOM   424  C CE  . LYS A 1 55 ? -12.698 -3.892  -19.455 1.00 35.27 ? 55  LYS A CE  1 
ATOM   425  N NZ  . LYS A 1 55 ? -13.452 -4.867  -18.651 1.00 38.22 ? 55  LYS A NZ  1 
ATOM   426  N N   . VAL A 1 56 ? -9.635  -4.287  -14.784 1.00 15.99 ? 56  VAL A N   1 
ATOM   427  C CA  . VAL A 1 56 ? -9.038  -5.576  -14.462 1.00 18.51 ? 56  VAL A CA  1 
ATOM   428  C C   . VAL A 1 56 ? -10.063 -6.683  -14.623 1.00 19.05 ? 56  VAL A C   1 
ATOM   429  O O   . VAL A 1 56 ? -11.274 -6.412  -14.768 1.00 19.92 ? 56  VAL A O   1 
ATOM   430  C CB  . VAL A 1 56 ? -8.474  -5.574  -12.985 1.00 17.95 ? 56  VAL A CB  1 
ATOM   431  C CG1 . VAL A 1 56 ? -7.327  -4.583  -12.789 1.00 21.56 ? 56  VAL A CG1 1 
ATOM   432  C CG2 . VAL A 1 56 ? -9.611  -5.332  -11.990 1.00 17.93 ? 56  VAL A CG2 1 
ATOM   433  N N   . ARG A 1 57 ? -9.579  -7.934  -14.643 1.00 20.01 ? 57  ARG A N   1 
ATOM   434  C CA  . ARG A 1 57 ? -10.388 -9.100  -14.688 1.00 20.59 ? 57  ARG A CA  1 
ATOM   435  C C   . ARG A 1 57 ? -10.361 -9.628  -13.275 1.00 21.10 ? 57  ARG A C   1 
ATOM   436  O O   . ARG A 1 57 ? -9.297  -9.779  -12.687 1.00 21.50 ? 57  ARG A O   1 
ATOM   437  C CB  . ARG A 1 57 ? -9.788  -10.170 -15.633 1.00 20.67 ? 57  ARG A CB  1 
ATOM   438  C CG  . ARG A 1 57 ? -9.297  -9.657  -17.005 1.00 23.11 ? 57  ARG A CG  1 
ATOM   439  C CD  . ARG A 1 57 ? -9.138  -10.804 -18.024 1.00 22.37 ? 57  ARG A CD  1 
ATOM   440  N NE  . ARG A 1 57 ? -7.985  -11.679 -17.785 1.00 24.74 ? 57  ARG A NE  1 
ATOM   441  C CZ  . ARG A 1 57 ? -6.728  -11.423 -18.162 1.00 27.16 ? 57  ARG A CZ  1 
ATOM   442  N NH1 . ARG A 1 57 ? -6.407  -10.289 -18.777 1.00 25.93 ? 57  ARG A NH1 1 
ATOM   443  N NH2 . ARG A 1 57 ? -5.763  -12.308 -17.907 1.00 27.83 ? 57  ARG A NH2 1 
ATOM   444  N N   . GLN A 1 58 ? -11.534 -9.862  -12.728 1.00 21.02 ? 58  GLN A N   1 
ATOM   445  C CA  . GLN A 1 58 ? -11.644 -10.388 -11.383 1.00 21.69 ? 58  GLN A CA  1 
ATOM   446  C C   . GLN A 1 58 ? -11.835 -11.892 -11.478 1.00 22.05 ? 58  GLN A C   1 
ATOM   447  O O   . GLN A 1 58 ? -12.698 -12.352 -12.189 1.00 22.29 ? 58  GLN A O   1 
ATOM   448  C CB  . GLN A 1 58 ? -12.849 -9.777  -10.702 1.00 21.78 ? 58  GLN A CB  1 
ATOM   449  C CG  . GLN A 1 58 ? -13.152 -10.409 -9.341  1.00 25.48 ? 58  GLN A CG  1 
ATOM   450  C CD  . GLN A 1 58 ? -14.325 -9.780  -8.618  1.00 27.59 ? 58  GLN A CD  1 
ATOM   451  O OE1 . GLN A 1 58 ? -14.656 -8.615  -8.825  1.00 32.08 ? 58  GLN A OE1 1 
ATOM   452  N NE2 . GLN A 1 58 ? -14.974 -10.565 -7.766  1.00 27.37 ? 58  GLN A NE2 1 
ATOM   453  N N   . TYR A 1 59 ? -11.031 -12.651 -10.739 1.00 22.20 ? 59  TYR A N   1 
ATOM   454  C CA  . TYR A 1 59 ? -11.225 -14.094 -10.635 1.00 22.30 ? 59  TYR A CA  1 
ATOM   455  C C   . TYR A 1 59 ? -11.509 -14.405 -9.160  1.00 22.92 ? 59  TYR A C   1 
ATOM   456  O O   . TYR A 1 59 ? -10.865 -13.837 -8.272  1.00 21.43 ? 59  TYR A O   1 
ATOM   457  C CB  . TYR A 1 59 ? -9.949  -14.820 -11.049 1.00 22.29 ? 59  TYR A CB  1 
ATOM   458  C CG  . TYR A 1 59 ? -9.507  -14.695 -12.510 1.00 24.11 ? 59  TYR A CG  1 
ATOM   459  C CD1 . TYR A 1 59 ? -8.831  -13.549 -12.961 1.00 24.13 ? 59  TYR A CD1 1 
ATOM   460  C CD2 . TYR A 1 59 ? -9.688  -15.757 -13.413 1.00 24.81 ? 59  TYR A CD2 1 
ATOM   461  C CE1 . TYR A 1 59 ? -8.383  -13.433 -14.273 1.00 24.37 ? 59  TYR A CE1 1 
ATOM   462  C CE2 . TYR A 1 59 ? -9.245  -15.649 -14.746 1.00 24.34 ? 59  TYR A CE2 1 
ATOM   463  C CZ  . TYR A 1 59 ? -8.591  -14.479 -15.161 1.00 25.99 ? 59  TYR A CZ  1 
ATOM   464  O OH  . TYR A 1 59 ? -8.111  -14.313 -16.464 1.00 26.59 ? 59  TYR A OH  1 
ATOM   465  N N   . ASP A 1 60 ? -12.444 -15.314 -8.874  1.00 22.50 ? 60  ASP A N   1 
ATOM   466  C CA  . ASP A 1 60 ? -12.741 -15.647 -7.480  1.00 24.50 ? 60  ASP A CA  1 
ATOM   467  C C   . ASP A 1 60 ? -12.187 -17.027 -7.054  1.00 24.30 ? 60  ASP A C   1 
ATOM   468  O O   . ASP A 1 60 ? -11.990 -17.906 -7.905  1.00 23.67 ? 60  ASP A O   1 
ATOM   469  C CB  . ASP A 1 60 ? -14.242 -15.599 -7.195  1.00 25.76 ? 60  ASP A CB  1 
ATOM   470  C CG  . ASP A 1 60 ? -14.814 -14.183 -7.199  1.00 29.81 ? 60  ASP A CG  1 
ATOM   471  O OD1 . ASP A 1 60 ? -16.059 -14.083 -7.327  1.00 34.13 ? 60  ASP A OD1 1 
ATOM   472  O OD2 . ASP A 1 60 ? -14.062 -13.186 -7.068  1.00 30.12 ? 60  ASP A OD2 1 
ATOM   473  N N   . GLN A 1 61 ? -11.958 -17.181 -5.751  1.00 24.20 ? 61  GLN A N   1 
ATOM   474  C CA  . GLN A 1 61 ? -11.517 -18.446 -5.155  1.00 25.03 ? 61  GLN A CA  1 
ATOM   475  C C   . GLN A 1 61 ? -10.281 -19.051 -5.833  1.00 23.98 ? 61  GLN A C   1 
ATOM   476  O O   . GLN A 1 61 ? -10.225 -20.249 -6.124  1.00 24.17 ? 61  GLN A O   1 
ATOM   477  C CB  . GLN A 1 61 ? -12.686 -19.448 -5.115  1.00 26.29 ? 61  GLN A CB  1 
ATOM   478  C CG  . GLN A 1 61 ? -13.784 -19.048 -4.123  1.00 32.12 ? 61  GLN A CG  1 
ATOM   479  C CD  . GLN A 1 61 ? -13.366 -19.256 -2.675  1.00 37.17 ? 61  GLN A CD  1 
ATOM   480  O OE1 . GLN A 1 61 ? -13.380 -20.378 -2.185  1.00 42.56 ? 61  GLN A OE1 1 
ATOM   481  N NE2 . GLN A 1 61 ? -12.987 -18.175 -1.985  1.00 40.93 ? 61  GLN A NE2 1 
ATOM   482  N N   . ILE A 1 62 ? -9.287  -18.203 -6.055  1.00 22.11 ? 62  ILE A N   1 
ATOM   483  C CA  . ILE A 1 62 ? -8.037  -18.568 -6.647  1.00 21.53 ? 62  ILE A CA  1 
ATOM   484  C C   . ILE A 1 62 ? -7.083  -18.905 -5.487  1.00 21.31 ? 62  ILE A C   1 
ATOM   485  O O   . ILE A 1 62 ? -6.881  -18.051 -4.617  1.00 19.75 ? 62  ILE A O   1 
ATOM   486  C CB  . ILE A 1 62 ? -7.479  -17.354 -7.466  1.00 21.15 ? 62  ILE A CB  1 
ATOM   487  C CG1 . ILE A 1 62 ? -8.414  -16.978 -8.653  1.00 22.18 ? 62  ILE A CG1 1 
ATOM   488  C CG2 . ILE A 1 62 ? -6.057  -17.584 -7.923  1.00 22.96 ? 62  ILE A CG2 1 
ATOM   489  C CD1 . ILE A 1 62 ? -8.635  -18.063 -9.670  1.00 21.94 ? 62  ILE A CD1 1 
ATOM   490  N N   . PRO A 1 63 ? -6.544  -20.145 -5.452  1.00 21.69 ? 63  PRO A N   1 
ATOM   491  C CA  . PRO A 1 63 ? -5.524  -20.509 -4.464  1.00 22.50 ? 63  PRO A CA  1 
ATOM   492  C C   . PRO A 1 63 ? -4.210  -19.752 -4.715  1.00 23.24 ? 63  PRO A C   1 
ATOM   493  O O   . PRO A 1 63 ? -3.754  -19.653 -5.863  1.00 23.59 ? 63  PRO A O   1 
ATOM   494  C CB  . PRO A 1 63 ? -5.305  -22.008 -4.720  1.00 22.24 ? 63  PRO A CB  1 
ATOM   495  C CG  . PRO A 1 63 ? -6.434  -22.467 -5.592  1.00 22.77 ? 63  PRO A CG  1 
ATOM   496  C CD  . PRO A 1 63 ? -6.841  -21.265 -6.368  1.00 21.31 ? 63  PRO A CD  1 
ATOM   497  N N   . VAL A 1 64 ? -3.606  -19.212 -3.667  1.00 24.26 ? 64  VAL A N   1 
ATOM   498  C CA  . VAL A 1 64 ? -2.389  -18.415 -3.810  1.00 25.01 ? 64  VAL A CA  1 
ATOM   499  C C   . VAL A 1 64 ? -1.552  -18.817 -2.597  1.00 26.64 ? 64  VAL A C   1 
ATOM   500  O O   . VAL A 1 64 ? -2.116  -18.913 -1.495  1.00 28.77 ? 64  VAL A O   1 
ATOM   501  C CB  . VAL A 1 64 ? -2.684  -16.892 -3.719  1.00 25.24 ? 64  VAL A CB  1 
ATOM   502  C CG1 . VAL A 1 64 ? -1.418  -16.033 -3.850  1.00 25.61 ? 64  VAL A CG1 1 
ATOM   503  C CG2 . VAL A 1 64 ? -3.703  -16.415 -4.778  1.00 26.13 ? 64  VAL A CG2 1 
ATOM   504  N N   . GLU A 1 65 ? -0.252  -19.072 -2.778  1.00 25.48 ? 65  GLU A N   1 
ATOM   505  C CA  . GLU A 1 65 ? 0.630   -19.302 -1.645  1.00 24.95 ? 65  GLU A CA  1 
ATOM   506  C C   . GLU A 1 65 ? 1.582   -18.097 -1.510  1.00 24.04 ? 65  GLU A C   1 
ATOM   507  O O   . GLU A 1 65 ? 2.100   -17.601 -2.511  1.00 24.95 ? 65  GLU A O   1 
ATOM   508  C CB  . GLU A 1 65 ? 1.374   -20.626 -1.779  1.00 26.10 ? 65  GLU A CB  1 
ATOM   509  C CG  . GLU A 1 65 ? 1.749   -21.209 -0.434  1.00 30.78 ? 65  GLU A CG  1 
ATOM   510  C CD  . GLU A 1 65 ? 2.029   -22.706 -0.494  1.00 37.70 ? 65  GLU A CD  1 
ATOM   511  O OE1 . GLU A 1 65 ? 1.940   -23.380 0.565   1.00 39.55 ? 65  GLU A OE1 1 
ATOM   512  O OE2 . GLU A 1 65 ? 2.325   -23.209 -1.601  1.00 39.89 ? 65  GLU A OE2 1 
ATOM   513  N N   . ILE A 1 66 ? 1.702   -17.559 -0.304  1.00 22.01 ? 66  ILE A N   1 
ATOM   514  C CA  . ILE A 1 66 ? 2.501   -16.349 -0.063  1.00 21.79 ? 66  ILE A CA  1 
ATOM   515  C C   . ILE A 1 66 ? 3.559   -16.751 0.943   1.00 22.28 ? 66  ILE A C   1 
ATOM   516  O O   . ILE A 1 66 ? 3.255   -17.015 2.111   1.00 21.79 ? 66  ILE A O   1 
ATOM   517  C CB  . ILE A 1 66 ? 1.615   -15.187 0.508   1.00 22.06 ? 66  ILE A CB  1 
ATOM   518  C CG1 . ILE A 1 66 ? 0.509   -14.843 -0.484  1.00 22.13 ? 66  ILE A CG1 1 
ATOM   519  C CG2 . ILE A 1 66 ? 2.442   -13.948 0.895   1.00 21.53 ? 66  ILE A CG2 1 
ATOM   520  C CD1 . ILE A 1 66 ? -0.752  -14.339 0.190   1.00 27.19 ? 66  ILE A CD1 1 
HETATM 521  N N   . ABA A 1 67 ? 4.804   -16.824 0.492   1.00 23.03 ? 67  ABA A N   1 
HETATM 522  C CA  . ABA A 1 67 ? 5.904   -17.207 1.369   1.00 24.41 ? 67  ABA A CA  1 
HETATM 523  C C   . ABA A 1 67 ? 5.603   -18.510 2.095   1.00 25.61 ? 67  ABA A C   1 
HETATM 524  O O   . ABA A 1 67 ? 5.930   -18.623 3.280   1.00 27.49 ? 67  ABA A O   1 
HETATM 525  C CB  . ABA A 1 67 ? 6.152   -16.103 2.419   1.00 24.82 ? 67  ABA A CB  1 
HETATM 526  C CG  . ABA A 1 67 ? 6.519   -14.782 1.813   1.00 24.99 ? 67  ABA A CG  1 
ATOM   527  N N   . GLY A 1 68 ? 4.984   -19.492 1.423   1.00 25.17 ? 68  GLY A N   1 
ATOM   528  C CA  . GLY A 1 68 ? 4.681   -20.809 2.040   1.00 25.89 ? 68  GLY A CA  1 
ATOM   529  C C   . GLY A 1 68 ? 3.359   -20.888 2.811   1.00 25.64 ? 68  GLY A C   1 
ATOM   530  O O   . GLY A 1 68 ? 2.981   -21.971 3.308   1.00 25.62 ? 68  GLY A O   1 
ATOM   531  N N   . HIS A 1 69 ? 2.655   -19.754 2.919   1.00 23.91 ? 69  HIS A N   1 
ATOM   532  C CA  . HIS A 1 69 ? 1.355   -19.706 3.586   1.00 23.22 ? 69  HIS A CA  1 
ATOM   533  C C   . HIS A 1 69 ? 0.250   -19.710 2.534   1.00 23.03 ? 69  HIS A C   1 
ATOM   534  O O   . HIS A 1 69 ? 0.220   -18.841 1.647   1.00 22.06 ? 69  HIS A O   1 
ATOM   535  C CB  . HIS A 1 69 ? 1.209   -18.478 4.477   1.00 22.18 ? 69  HIS A CB  1 
ATOM   536  C CG  . HIS A 1 69 ? 2.114   -18.457 5.673   1.00 23.72 ? 69  HIS A CG  1 
ATOM   537  N ND1 . HIS A 1 69 ? 3.468   -18.186 5.587   1.00 26.45 ? 69  HIS A ND1 1 
ATOM   538  C CD2 . HIS A 1 69 ? 1.841   -18.576 6.995   1.00 22.63 ? 69  HIS A CD2 1 
ATOM   539  C CE1 . HIS A 1 69 ? 3.995   -18.191 6.801   1.00 24.21 ? 69  HIS A CE1 1 
ATOM   540  N NE2 . HIS A 1 69 ? 3.032   -18.428 7.672   1.00 24.12 ? 69  HIS A NE2 1 
ATOM   541  N N   . LYS A 1 70 ? -0.645  -20.696 2.635   1.00 22.17 ? 70  LYS A N   1 
ATOM   542  C CA  . LYS A 1 70 ? -1.765  -20.858 1.692   1.00 22.16 ? 70  LYS A CA  1 
ATOM   543  C C   . LYS A 1 70 ? -2.888  -19.869 1.960   1.00 21.78 ? 70  LYS A C   1 
ATOM   544  O O   . LYS A 1 70 ? -3.220  -19.575 3.122   1.00 21.83 ? 70  LYS A O   1 
ATOM   545  C CB  . LYS A 1 70 ? -2.295  -22.291 1.753   1.00 22.38 ? 70  LYS A CB  1 
ATOM   546  C CG  . LYS A 1 70 ? -1.304  -23.317 1.304   1.00 23.39 ? 70  LYS A CG  1 
ATOM   547  C CD  . LYS A 1 70 ? -1.945  -24.674 1.164   1.00 27.12 ? 70  LYS A CD  1 
ATOM   548  C CE  . LYS A 1 70 ? -0.859  -25.711 1.010   1.00 31.49 ? 70  LYS A CE  1 
ATOM   549  N NZ  . LYS A 1 70 ? -0.401  -25.766 -0.402  1.00 34.05 ? 70  LYS A NZ  1 
ATOM   550  N N   . ALA A 1 71 ? -3.416  -19.293 0.880   1.00 21.92 ? 71  ALA A N   1 
ATOM   551  C CA  . ALA A 1 71 ? -4.569  -18.406 0.909   1.00 20.82 ? 71  ALA A CA  1 
ATOM   552  C C   . ALA A 1 71 ? -5.447  -18.758 -0.309  1.00 20.39 ? 71  ALA A C   1 
ATOM   553  O O   . ALA A 1 71 ? -5.014  -19.475 -1.243  1.00 19.69 ? 71  ALA A O   1 
ATOM   554  C CB  . ALA A 1 71 ? -4.143  -16.893 0.858   1.00 20.87 ? 71  ALA A CB  1 
ATOM   555  N N   . ILE A 1 72 ? -6.694  -18.325 -0.266  1.00 20.31 ? 72  ILE A N   1 
ATOM   556  C CA  . ILE A 1 72 ? -7.598  -18.560 -1.370  1.00 20.85 ? 72  ILE A CA  1 
ATOM   557  C C   . ILE A 1 72 ? -8.590  -17.433 -1.401  1.00 21.45 ? 72  ILE A C   1 
ATOM   558  O O   . ILE A 1 72 ? -9.241  -17.147 -0.404  1.00 21.59 ? 72  ILE A O   1 
ATOM   559  C CB  . ILE A 1 72 ? -8.298  -19.975 -1.336  1.00 21.83 ? 72  ILE A CB  1 
ATOM   560  C CG1 . ILE A 1 72 ? -9.145  -20.187 -2.600  1.00 22.06 ? 72  ILE A CG1 1 
ATOM   561  C CG2 . ILE A 1 72 ? -9.147  -20.181 -0.049  1.00 21.35 ? 72  ILE A CG2 1 
ATOM   562  C CD1 . ILE A 1 72 ? -9.563  -21.636 -2.855  1.00 20.50 ? 72  ILE A CD1 1 
ATOM   563  N N   . GLY A 1 73 ? -8.659  -16.751 -2.541  1.00 20.90 ? 73  GLY A N   1 
ATOM   564  C CA  . GLY A 1 73 ? -9.609  -15.667 -2.667  1.00 20.81 ? 73  GLY A CA  1 
ATOM   565  C C   . GLY A 1 73 ? -9.569  -14.992 -4.003  1.00 20.57 ? 73  GLY A C   1 
ATOM   566  O O   . GLY A 1 73 ? -9.095  -15.556 -4.998  1.00 20.38 ? 73  GLY A O   1 
ATOM   567  N N   . THR A 1 74 ? -10.054 -13.767 -3.999  1.00 20.18 ? 74  THR A N   1 
ATOM   568  C CA  . THR A 1 74 ? -10.213 -12.995 -5.212  1.00 20.26 ? 74  THR A CA  1 
ATOM   569  C C   . THR A 1 74 ? -8.877  -12.401 -5.620  1.00 19.75 ? 74  THR A C   1 
ATOM   570  O O   . THR A 1 74 ? -8.123  -11.876 -4.777  1.00 18.50 ? 74  THR A O   1 
ATOM   571  C CB  . THR A 1 74 ? -11.259 -11.919 -4.951  1.00 22.42 ? 74  THR A CB  1 
ATOM   572  O OG1 . THR A 1 74 ? -12.509 -12.568 -4.675  1.00 24.55 ? 74  THR A OG1 1 
ATOM   573  C CG2 . THR A 1 74 ? -11.441 -10.984 -6.147  1.00 21.39 ? 74  THR A CG2 1 
ATOM   574  N N   . VAL A 1 75 ? -8.579  -12.511 -6.912  1.00 19.26 ? 75  VAL A N   1 
ATOM   575  C CA  . VAL A 1 75 ? -7.393  -11.914 -7.487  1.00 19.74 ? 75  VAL A CA  1 
ATOM   576  C C   . VAL A 1 75 ? -7.847  -11.089 -8.691  1.00 19.84 ? 75  VAL A C   1 
ATOM   577  O O   . VAL A 1 75 ? -8.665  -11.565 -9.507  1.00 19.86 ? 75  VAL A O   1 
ATOM   578  C CB  . VAL A 1 75 ? -6.454  -13.042 -7.971  1.00 21.23 ? 75  VAL A CB  1 
ATOM   579  C CG1 . VAL A 1 75 ? -5.361  -12.533 -8.899  1.00 23.07 ? 75  VAL A CG1 1 
ATOM   580  C CG2 . VAL A 1 75 ? -5.880  -13.837 -6.781  1.00 18.75 ? 75  VAL A CG2 1 
ATOM   581  N N   . LEU A 1 76 ? -7.330  -9.873  -8.822  1.00 18.85 ? 76  LEU A N   1 
ATOM   582  C CA  . LEU A 1 76 ? -7.675  -9.047  -9.990  1.00 18.34 ? 76  LEU A CA  1 
ATOM   583  C C   . LEU A 1 76 ? -6.470  -9.055  -10.903 1.00 19.07 ? 76  LEU A C   1 
ATOM   584  O O   . LEU A 1 76 ? -5.341  -8.968  -10.424 1.00 21.30 ? 76  LEU A O   1 
ATOM   585  C CB  . LEU A 1 76 ? -8.010  -7.604  -9.558  1.00 18.78 ? 76  LEU A CB  1 
ATOM   586  C CG  . LEU A 1 76 ? -8.951  -7.519  -8.373  1.00 18.68 ? 76  LEU A CG  1 
ATOM   587  C CD1 . LEU A 1 76 ? -9.017  -6.020  -7.890  1.00 20.09 ? 76  LEU A CD1 1 
ATOM   588  C CD2 . LEU A 1 76 ? -10.357 -8.121  -8.658  1.00 19.15 ? 76  LEU A CD2 1 
ATOM   589  N N   . VAL A 1 77 ? -6.694  -9.194  -12.206 1.00 18.81 ? 77  VAL A N   1 
ATOM   590  C CA  . VAL A 1 77 ? -5.590  -9.304  -13.163 1.00 18.77 ? 77  VAL A CA  1 
ATOM   591  C C   . VAL A 1 77 ? -5.631  -8.138  -14.167 1.00 20.33 ? 77  VAL A C   1 
ATOM   592  O O   . VAL A 1 77 ? -6.666  -7.862  -14.779 1.00 20.73 ? 77  VAL A O   1 
ATOM   593  C CB  . VAL A 1 77 ? -5.605  -10.661 -13.904 1.00 18.51 ? 77  VAL A CB  1 
ATOM   594  C CG1 . VAL A 1 77 ? -4.608  -10.633 -15.086 1.00 19.68 ? 77  VAL A CG1 1 
ATOM   595  C CG2 . VAL A 1 77 ? -5.305  -11.832 -12.921 1.00 16.39 ? 77  VAL A CG2 1 
ATOM   596  N N   . GLY A 1 78 ? -4.507  -7.453  -14.306 1.00 21.39 ? 78  GLY A N   1 
ATOM   597  C CA  . GLY A 1 78 ? -4.451  -6.278  -15.175 1.00 21.56 ? 78  GLY A CA  1 
ATOM   598  C C   . GLY A 1 78 ? -3.063  -5.739  -15.296 1.00 22.56 ? 78  GLY A C   1 
ATOM   599  O O   . GLY A 1 78 ? -2.124  -6.302  -14.751 1.00 22.06 ? 78  GLY A O   1 
ATOM   600  N N   . PRO A 1 79 ? -2.902  -4.637  -16.040 1.00 23.13 ? 79  PRO A N   1 
ATOM   601  C CA  . PRO A 1 79 ? -1.575  -4.121  -16.345 1.00 24.79 ? 79  PRO A CA  1 
ATOM   602  C C   . PRO A 1 79 ? -0.968  -3.306  -15.207 1.00 27.09 ? 79  PRO A C   1 
ATOM   603  O O   . PRO A 1 79 ? -1.015  -2.076  -15.254 1.00 30.48 ? 79  PRO A O   1 
ATOM   604  C CB  . PRO A 1 79 ? -1.825  -3.209  -17.546 1.00 24.68 ? 79  PRO A CB  1 
ATOM   605  C CG  . PRO A 1 79 ? -3.259  -2.777  -17.376 1.00 23.88 ? 79  PRO A CG  1 
ATOM   606  C CD  . PRO A 1 79 ? -3.981  -3.884  -16.690 1.00 23.83 ? 79  PRO A CD  1 
ATOM   607  N N   . THR A 1 80 ? -0.393  -3.975  -14.209 1.00 28.02 ? 80  THR A N   1 
ATOM   608  C CA  . THR A 1 80 ? 0.283   -3.300  -13.105 1.00 28.43 ? 80  THR A CA  1 
ATOM   609  C C   . THR A 1 80 ? 1.808   -3.481  -13.177 1.00 29.41 ? 80  THR A C   1 
ATOM   610  O O   . THR A 1 80 ? 2.256   -4.543  -13.567 1.00 29.86 ? 80  THR A O   1 
ATOM   611  C CB  . THR A 1 80 ? -0.269  -3.858  -11.731 1.00 28.88 ? 80  THR A CB  1 
ATOM   612  O OG1 . THR A 1 80 ? 0.570   -3.396  -10.661 1.00 28.65 ? 80  THR A OG1 1 
ATOM   613  C CG2 . THR A 1 80 ? -0.301  -5.394  -11.727 1.00 27.34 ? 80  THR A CG2 1 
ATOM   614  N N   . PRO A 1 81 ? 2.620   -2.455  -12.760 1.00 30.34 ? 81  PRO A N   1 
ATOM   615  C CA  . PRO A 1 81 ? 4.097   -2.559  -12.678 1.00 30.23 ? 81  PRO A CA  1 
ATOM   616  C C   . PRO A 1 81 ? 4.595   -3.556  -11.651 1.00 30.11 ? 81  PRO A C   1 
ATOM   617  O O   . PRO A 1 81 ? 5.704   -4.095  -11.786 1.00 31.02 ? 81  PRO A O   1 
ATOM   618  C CB  . PRO A 1 81 ? 4.537   -1.158  -12.242 1.00 30.30 ? 81  PRO A CB  1 
ATOM   619  C CG  . PRO A 1 81 ? 3.377   -0.288  -12.432 1.00 31.76 ? 81  PRO A CG  1 
ATOM   620  C CD  . PRO A 1 81 ? 2.149   -1.125  -12.350 1.00 30.73 ? 81  PRO A CD  1 
ATOM   621  N N   . VAL A 1 82 ? 3.767   -3.810  -10.629 1.00 29.10 ? 82  VAL A N   1 
ATOM   622  C CA  . VAL A 1 82 ? 4.148   -4.651  -9.512  1.00 28.72 ? 82  VAL A CA  1 
ATOM   623  C C   . VAL A 1 82 ? 2.918   -5.470  -9.132  1.00 25.22 ? 82  VAL A C   1 
ATOM   624  O O   . VAL A 1 82 ? 1.827   -4.930  -9.028  1.00 24.95 ? 82  VAL A O   1 
ATOM   625  C CB  . VAL A 1 82 ? 4.519   -3.782  -8.267  1.00 29.05 ? 82  VAL A CB  1 
ATOM   626  C CG1 . VAL A 1 82 ? 5.316   -4.587  -7.269  1.00 32.02 ? 82  VAL A CG1 1 
ATOM   627  C CG2 . VAL A 1 82 ? 5.332   -2.554  -8.680  1.00 33.96 ? 82  VAL A CG2 1 
ATOM   628  N N   . ASN A 1 83 ? 3.126   -6.761  -8.892  1.00 23.24 ? 83  ASN A N   1 
ATOM   629  C CA  . ASN A 1 83 ? 2.097   -7.628  -8.355  1.00 21.57 ? 83  ASN A CA  1 
ATOM   630  C C   . ASN A 1 83 ? 1.836   -7.152  -6.920  1.00 20.50 ? 83  ASN A C   1 
ATOM   631  O O   . ASN A 1 83 ? 2.774   -6.883  -6.206  1.00 20.61 ? 83  ASN A O   1 
ATOM   632  C CB  . ASN A 1 83 ? 2.613   -9.052  -8.332  1.00 23.13 ? 83  ASN A CB  1 
ATOM   633  C CG  . ASN A 1 83 ? 2.769   -9.613  -9.712  1.00 25.89 ? 83  ASN A CG  1 
ATOM   634  O OD1 . ASN A 1 83 ? 1.890   -9.414  -10.536 1.00 26.91 ? 83  ASN A OD1 1 
ATOM   635  N ND2 . ASN A 1 83 ? 3.899   -10.283 -9.992  1.00 24.98 ? 83  ASN A ND2 1 
ATOM   636  N N   . ILE A 1 84 ? 0.565   -7.073  -6.520  1.00 19.02 ? 84  ILE A N   1 
ATOM   637  C CA  . ILE A 1 84 ? 0.193   -6.458  -5.249  1.00 19.95 ? 84  ILE A CA  1 
ATOM   638  C C   . ILE A 1 84 ? -0.643  -7.449  -4.459  1.00 19.90 ? 84  ILE A C   1 
ATOM   639  O O   . ILE A 1 84 ? -1.664  -7.940  -4.980  1.00 20.40 ? 84  ILE A O   1 
ATOM   640  C CB  . ILE A 1 84 ? -0.685  -5.231  -5.490  1.00 20.76 ? 84  ILE A CB  1 
ATOM   641  C CG1 . ILE A 1 84 ? 0.155   -4.103  -6.094  1.00 22.49 ? 84  ILE A CG1 1 
ATOM   642  C CG2 . ILE A 1 84 ? -1.335  -4.755  -4.158  1.00 20.95 ? 84  ILE A CG2 1 
ATOM   643  C CD1 . ILE A 1 84 ? -0.750  -3.036  -6.801  1.00 24.33 ? 84  ILE A CD1 1 
ATOM   644  N N   . ILE A 1 85 ? -0.176  -7.791  -3.249  1.00 18.72 ? 85  ILE A N   1 
ATOM   645  C CA  . ILE A 1 85 ? -0.958  -8.631  -2.340  1.00 18.14 ? 85  ILE A CA  1 
ATOM   646  C C   . ILE A 1 85 ? -1.666  -7.702  -1.370  1.00 18.10 ? 85  ILE A C   1 
ATOM   647  O O   . ILE A 1 85 ? -1.024  -6.986  -0.579  1.00 18.40 ? 85  ILE A O   1 
ATOM   648  C CB  . ILE A 1 85 ? -0.069  -9.617  -1.547  1.00 18.76 ? 85  ILE A CB  1 
ATOM   649  C CG1 . ILE A 1 85 ? 0.779   -10.513 -2.471  1.00 19.96 ? 85  ILE A CG1 1 
ATOM   650  C CG2 . ILE A 1 85 ? -0.980  -10.481 -0.594  1.00 17.67 ? 85  ILE A CG2 1 
ATOM   651  C CD1 . ILE A 1 85 ? -0.062  -11.251 -3.456  1.00 22.53 ? 85  ILE A CD1 1 
ATOM   652  N N   . GLY A 1 86 ? -2.993  -7.750  -1.419  1.00 17.11 ? 86  GLY A N   1 
ATOM   653  C CA  . GLY A 1 86 ? -3.828  -6.821  -0.667  1.00 17.52 ? 86  GLY A CA  1 
ATOM   654  C C   . GLY A 1 86 ? -4.387  -7.441  0.597   1.00 18.71 ? 86  GLY A C   1 
ATOM   655  O O   . GLY A 1 86 ? -4.133  -8.614  0.890   1.00 17.78 ? 86  GLY A O   1 
ATOM   656  N N   . ARG A 1 87 ? -5.169  -6.668  1.336   1.00 19.02 ? 87  ARG A N   1 
ATOM   657  C CA  . ARG A 1 87 ? -5.609  -7.126  2.659   1.00 18.27 ? 87  ARG A CA  1 
ATOM   658  C C   . ARG A 1 87 ? -6.509  -8.337  2.531   1.00 18.64 ? 87  ARG A C   1 
ATOM   659  O O   . ARG A 1 87 ? -6.555  -9.131  3.465   1.00 19.05 ? 87  ARG A O   1 
ATOM   660  C CB  . ARG A 1 87 ? -6.320  -6.030  3.438   1.00 19.27 ? 87  ARG A CB  1 
ATOM   661  C CG  . ARG A 1 87 ? -5.428  -4.797  3.743   1.00 20.02 ? 87  ARG A CG  1 
ATOM   662  C CD  . ARG A 1 87 ? -6.188  -3.800  4.647   1.00 19.34 ? 87  ARG A CD  1 
ATOM   663  N NE  . ARG A 1 87 ? -7.283  -3.180  3.908   1.00 21.37 ? 87  ARG A NE  1 
ATOM   664  C CZ  . ARG A 1 87 ? -8.569  -3.489  4.008   1.00 22.84 ? 87  ARG A CZ  1 
ATOM   665  N NH1 . ARG A 1 87 ? -9.002  -4.444  4.838   1.00 21.43 ? 87  ARG A NH1 1 
ATOM   666  N NH2 . ARG A 1 87 ? -9.449  -2.851  3.237   1.00 23.70 ? 87  ARG A NH2 1 
ATOM   667  N N   . ASN A 1 88 ? -7.176  -8.519  1.404   1.00 19.06 ? 88  ASN A N   1 
ATOM   668  C CA  . ASN A 1 88 ? -8.076  -9.699  1.314   1.00 18.88 ? 88  ASN A CA  1 
ATOM   669  C C   . ASN A 1 88 ? -7.314  -11.026 1.525   1.00 19.84 ? 88  ASN A C   1 
ATOM   670  O O   . ASN A 1 88 ? -7.885  -11.983 2.050   1.00 20.46 ? 88  ASN A O   1 
ATOM   671  C CB  . ASN A 1 88 ? -8.846  -9.714  0.001   1.00 19.55 ? 88  ASN A CB  1 
ATOM   672  C CG  . ASN A 1 88 ? -7.986  -10.054 -1.195  1.00 19.30 ? 88  ASN A CG  1 
ATOM   673  O OD1 . ASN A 1 88 ? -6.925  -9.448  -1.416  1.00 20.35 ? 88  ASN A OD1 1 
ATOM   674  N ND2 . ASN A 1 88 ? -8.439  -11.033 -1.981  1.00 20.56 ? 88  ASN A ND2 1 
ATOM   675  N N   . LEU A 1 89 ? -6.044  -11.078 1.126   1.00 19.90 ? 89  LEU A N   1 
ATOM   676  C CA  . LEU A 1 89 ? -5.206  -12.271 1.312   1.00 19.39 ? 89  LEU A CA  1 
ATOM   677  C C   . LEU A 1 89 ? -4.278  -12.126 2.512   1.00 20.00 ? 89  LEU A C   1 
ATOM   678  O O   . LEU A 1 89 ? -3.971  -13.114 3.168   1.00 18.94 ? 89  LEU A O   1 
ATOM   679  C CB  . LEU A 1 89 ? -4.395  -12.611 0.041   1.00 20.14 ? 89  LEU A CB  1 
ATOM   680  C CG  . LEU A 1 89 ? -5.298  -12.877 -1.169  1.00 19.24 ? 89  LEU A CG  1 
ATOM   681  C CD1 . LEU A 1 89 ? -4.397  -13.257 -2.365  1.00 23.92 ? 89  LEU A CD1 1 
ATOM   682  C CD2 . LEU A 1 89 ? -6.388  -13.971 -0.959  1.00 20.95 ? 89  LEU A CD2 1 
ATOM   683  N N   . LEU A 1 90 ? -3.871  -10.904 2.825   1.00 18.24 ? 90  LEU A N   1 
ATOM   684  C CA  . LEU A 1 90 ? -2.964  -10.718 3.955   1.00 17.51 ? 90  LEU A CA  1 
ATOM   685  C C   . LEU A 1 90 ? -3.639  -11.129 5.257   1.00 17.98 ? 90  LEU A C   1 
ATOM   686  O O   . LEU A 1 90 ? -2.959  -11.608 6.153   1.00 18.52 ? 90  LEU A O   1 
ATOM   687  C CB  . LEU A 1 90 ? -2.450  -9.270  4.062   1.00 18.33 ? 90  LEU A CB  1 
ATOM   688  C CG  . LEU A 1 90 ? -1.647  -8.754  2.865   1.00 17.38 ? 90  LEU A CG  1 
ATOM   689  C CD1 . LEU A 1 90 ? -1.519  -7.202  3.033   1.00 17.97 ? 90  LEU A CD1 1 
ATOM   690  C CD2 . LEU A 1 90 ? -0.239  -9.409  2.823   1.00 22.00 ? 90  LEU A CD2 1 
ATOM   691  N N   . THR A 1 91 ? -4.949  -10.950 5.380   1.00 17.85 ? 91  THR A N   1 
ATOM   692  C CA  . THR A 1 91 ? -5.627  -11.340 6.647   1.00 18.50 ? 91  THR A CA  1 
ATOM   693  C C   . THR A 1 91 ? -5.639  -12.877 6.761   1.00 18.67 ? 91  THR A C   1 
ATOM   694  O O   . THR A 1 91 ? -5.557  -13.459 7.851   1.00 19.51 ? 91  THR A O   1 
ATOM   695  C CB  . THR A 1 91 ? -7.071  -10.836 6.684   1.00 19.21 ? 91  THR A CB  1 
ATOM   696  O OG1 . THR A 1 91 ? -7.731  -11.223 5.473   1.00 19.96 ? 91  THR A OG1 1 
ATOM   697  C CG2 . THR A 1 91 ? -7.128  -9.317  6.794   1.00 18.11 ? 91  THR A CG2 1 
ATOM   698  N N   . GLN A 1 92 ? -5.676  -13.551 5.616   1.00 19.00 ? 92  GLN A N   1 
ATOM   699  C CA  . GLN A 1 92 ? -5.786  -15.022 5.614   1.00 18.63 ? 92  GLN A CA  1 
ATOM   700  C C   . GLN A 1 92 ? -4.506  -15.666 6.063   1.00 18.76 ? 92  GLN A C   1 
ATOM   701  O O   . GLN A 1 92 ? -4.521  -16.798 6.545   1.00 19.91 ? 92  GLN A O   1 
ATOM   702  C CB  . GLN A 1 92 ? -6.120  -15.526 4.211   1.00 19.20 ? 92  GLN A CB  1 
ATOM   703  C CG  . GLN A 1 92 ? -7.497  -15.151 3.734   1.00 21.12 ? 92  GLN A CG  1 
ATOM   704  C CD  . GLN A 1 92 ? -7.805  -15.811 2.409   1.00 27.24 ? 92  GLN A CD  1 
ATOM   705  O OE1 . GLN A 1 92 ? -7.234  -16.841 2.080   1.00 28.80 ? 92  GLN A OE1 1 
ATOM   706  N NE2 . GLN A 1 92 ? -8.686  -15.199 1.626   1.00 31.56 ? 92  GLN A NE2 1 
ATOM   707  N N   . ILE A 1 93 ? -3.392  -14.960 5.885   1.00 19.29 ? 93  ILE A N   1 
ATOM   708  C CA  . ILE A 1 93 ? -2.078  -15.423 6.368   1.00 20.01 ? 93  ILE A CA  1 
ATOM   709  C C   . ILE A 1 93 ? -1.690  -14.866 7.748   1.00 19.43 ? 93  ILE A C   1 
ATOM   710  O O   . ILE A 1 93 ? -0.599  -15.166 8.298   1.00 19.39 ? 93  ILE A O   1 
ATOM   711  C CB  . ILE A 1 93 ? -0.963  -15.247 5.271   1.00 18.77 ? 93  ILE A CB  1 
ATOM   712  C CG1 . ILE A 1 93 ? -0.459  -13.790 5.198   1.00 18.96 ? 93  ILE A CG1 1 
ATOM   713  C CG2 . ILE A 1 93 ? -1.465  -15.793 3.882   1.00 22.06 ? 93  ILE A CG2 1 
ATOM   714  C CD1 . ILE A 1 93 ? 0.474   -13.534 4.004   1.00 22.16 ? 93  ILE A CD1 1 
ATOM   715  N N   . GLY A 1 94 ? -2.598  -14.093 8.335   1.00 20.15 ? 94  GLY A N   1 
ATOM   716  C CA  . GLY A 1 94 ? -2.455  -13.618 9.719   1.00 19.98 ? 94  GLY A CA  1 
ATOM   717  C C   . GLY A 1 94 ? -1.404  -12.528 9.813   1.00 20.97 ? 94  GLY A C   1 
ATOM   718  O O   . GLY A 1 94 ? -0.730  -12.395 10.836  1.00 20.65 ? 94  GLY A O   1 
HETATM 719  N N   . ABA A 1 95 ? -1.222  -11.791 8.710   1.00 20.10 ? 95  ABA A N   1 
HETATM 720  C CA  . ABA A 1 95 ? -0.283  -10.663 8.694   1.00 21.09 ? 95  ABA A CA  1 
HETATM 721  C C   . ABA A 1 95 ? -0.785  -9.438  9.497   1.00 21.26 ? 95  ABA A C   1 
HETATM 722  O O   . ABA A 1 95 ? -1.952  -9.032  9.396   1.00 21.60 ? 95  ABA A O   1 
HETATM 723  C CB  . ABA A 1 95 ? 0.058   -10.254 7.256   1.00 21.63 ? 95  ABA A CB  1 
HETATM 724  C CG  . ABA A 1 95 ? 1.020   -9.061  7.198   1.00 21.31 ? 95  ABA A CG  1 
ATOM   725  N N   . THR A 1 96 ? 0.128   -8.877  10.288  1.00 20.40 ? 96  THR A N   1 
ATOM   726  C CA  . THR A 1 96 ? -0.117  -7.700  11.095  1.00 19.68 ? 96  THR A CA  1 
ATOM   727  C C   . THR A 1 96 ? 0.994   -6.680  10.865  1.00 21.00 ? 96  THR A C   1 
ATOM   728  O O   . THR A 1 96 ? 2.127   -7.043  10.534  1.00 20.78 ? 96  THR A O   1 
ATOM   729  C CB  . THR A 1 96 ? -0.171  -8.019  12.590  1.00 21.13 ? 96  THR A CB  1 
ATOM   730  O OG1 . THR A 1 96 ? 1.069   -8.622  13.000  1.00 22.00 ? 96  THR A OG1 1 
ATOM   731  C CG2 . THR A 1 96 ? -1.364  -8.970  12.907  1.00 19.55 ? 96  THR A CG2 1 
ATOM   732  N N   . LEU A 1 97 ? 0.635   -5.419  11.098  1.00 19.92 ? 97  LEU A N   1 
ATOM   733  C CA  . LEU A 1 97 ? 1.596   -4.327  11.236  1.00 19.77 ? 97  LEU A CA  1 
ATOM   734  C C   . LEU A 1 97 ? 1.971   -4.203  12.694  1.00 20.27 ? 97  LEU A C   1 
ATOM   735  O O   . LEU A 1 97 ? 1.100   -4.289  13.583  1.00 20.63 ? 97  LEU A O   1 
ATOM   736  C CB  . LEU A 1 97 ? 0.923   -3.015  10.814  1.00 20.14 ? 97  LEU A CB  1 
ATOM   737  C CG  . LEU A 1 97 ? 0.775   -2.891  9.311   1.00 22.16 ? 97  LEU A CG  1 
ATOM   738  C CD1 . LEU A 1 97 ? -0.160  -1.716  9.034   1.00 23.67 ? 97  LEU A CD1 1 
ATOM   739  C CD2 . LEU A 1 97 ? 2.189   -2.659  8.696   1.00 24.57 ? 97  LEU A CD2 1 
ATOM   740  N N   . ASN A 1 98 ? 3.253   -3.979  12.979  1.00 19.23 ? 98  ASN A N   1 
ATOM   741  C CA  . ASN A 1 98 ? 3.658   -3.857  14.372  1.00 20.25 ? 98  ASN A CA  1 
ATOM   742  C C   . ASN A 1 98 ? 4.649   -2.723  14.564  1.00 22.05 ? 98  ASN A C   1 
ATOM   743  O O   . ASN A 1 98 ? 5.578   -2.621  13.792  1.00 21.04 ? 98  ASN A O   1 
ATOM   744  C CB  . ASN A 1 98 ? 4.336   -5.139  14.791  1.00 20.81 ? 98  ASN A CB  1 
ATOM   745  C CG  . ASN A 1 98 ? 3.406   -6.342  14.716  1.00 23.41 ? 98  ASN A CG  1 
ATOM   746  O OD1 . ASN A 1 98 ? 3.216   -6.942  13.646  1.00 23.54 ? 98  ASN A OD1 1 
ATOM   747  N ND2 . ASN A 1 98 ? 2.823   -6.689  15.846  1.00 20.34 ? 98  ASN A ND2 1 
ATOM   748  N N   . PHE A 1 99 ? 4.458   -1.900  15.603  1.00 23.34 ? 99  PHE A N   1 
ATOM   749  C CA  . PHE A 1 99 ? 5.464   -0.908  15.979  1.00 25.50 ? 99  PHE A CA  1 
ATOM   750  C C   . PHE A 1 99 ? 5.301   -0.452  17.417  1.00 27.21 ? 99  PHE A C   1 
ATOM   751  O O   . PHE A 1 99 ? 5.979   0.482   17.887  1.00 28.06 ? 99  PHE A O   1 
ATOM   752  C CB  . PHE A 1 99 ? 5.478   0.278   14.995  1.00 25.69 ? 99  PHE A CB  1 
ATOM   753  C CG  . PHE A 1 99 ? 4.186   1.044   14.905  1.00 27.17 ? 99  PHE A CG  1 
ATOM   754  C CD1 . PHE A 1 99 ? 3.165   0.619   14.046  1.00 26.77 ? 99  PHE A CD1 1 
ATOM   755  C CD2 . PHE A 1 99 ? 4.041   2.261   15.577  1.00 27.15 ? 99  PHE A CD2 1 
ATOM   756  C CE1 . PHE A 1 99 ? 1.973   1.333   13.930  1.00 28.96 ? 99  PHE A CE1 1 
ATOM   757  C CE2 . PHE A 1 99 ? 2.859   2.992   15.463  1.00 25.73 ? 99  PHE A CE2 1 
ATOM   758  C CZ  . PHE A 1 99 ? 1.824   2.546   14.628  1.00 29.07 ? 99  PHE A CZ  1 
ATOM   759  O OXT . PHE A 1 99 ? 4.507   -1.073  18.129  1.00 28.15 ? 99  PHE A OXT 1 
ATOM   760  N N   . PRO B 1 1  ? 1.798   -0.587  18.811  1.00 25.86 ? 1   PRO B N   1 
ATOM   761  C CA  . PRO B 1 1  ? 0.626   -1.428  18.738  1.00 25.79 ? 1   PRO B CA  1 
ATOM   762  C C   . PRO B 1 1  ? 0.775   -2.479  17.653  1.00 25.30 ? 1   PRO B C   1 
ATOM   763  O O   . PRO B 1 1  ? 1.680   -2.370  16.826  1.00 25.52 ? 1   PRO B O   1 
ATOM   764  C CB  . PRO B 1 1  ? -0.475  -0.424  18.356  1.00 26.45 ? 1   PRO B CB  1 
ATOM   765  C CG  . PRO B 1 1  ? 0.190   0.530   17.481  1.00 26.10 ? 1   PRO B CG  1 
ATOM   766  C CD  . PRO B 1 1  ? 1.596   0.671   18.056  1.00 27.75 ? 1   PRO B CD  1 
ATOM   767  N N   . GLN B 1 2  ? -0.077  -3.501  17.695  1.00 24.69 ? 2   GLN B N   1 
ATOM   768  C CA  . GLN B 1 2  ? -0.179  -4.486  16.618  1.00 22.81 ? 2   GLN B CA  1 
ATOM   769  C C   . GLN B 1 2  ? -1.490  -4.195  15.958  1.00 23.13 ? 2   GLN B C   1 
ATOM   770  O O   . GLN B 1 2  ? -2.500  -4.001  16.639  1.00 22.28 ? 2   GLN B O   1 
ATOM   771  C CB  . GLN B 1 2  ? -0.214  -5.914  17.191  1.00 23.17 ? 2   GLN B CB  1 
ATOM   772  C CG  . GLN B 1 2  ? -0.432  -6.974  16.136  1.00 24.81 ? 2   GLN B CG  1 
ATOM   773  C CD  . GLN B 1 2  ? -0.186  -8.370  16.643  1.00 29.06 ? 2   GLN B CD  1 
ATOM   774  O OE1 . GLN B 1 2  ? 0.890   -8.923  16.440  1.00 31.17 ? 2   GLN B OE1 1 
ATOM   775  N NE2 . GLN B 1 2  ? -1.176  -8.944  17.334  1.00 29.30 ? 2   GLN B NE2 1 
ATOM   776  N N   . ILE B 1 3  ? -1.480  -4.121  14.636  1.00 21.75 ? 3   ILE B N   1 
ATOM   777  C CA  . ILE B 1 3  ? -2.653  -3.717  13.903  1.00 21.91 ? 3   ILE B CA  1 
ATOM   778  C C   . ILE B 1 3  ? -2.937  -4.827  12.921  1.00 22.38 ? 3   ILE B C   1 
ATOM   779  O O   . ILE B 1 3  ? -2.075  -5.176  12.130  1.00 21.68 ? 3   ILE B O   1 
ATOM   780  C CB  . ILE B 1 3  ? -2.416  -2.351  13.159  1.00 21.66 ? 3   ILE B CB  1 
ATOM   781  C CG1 . ILE B 1 3  ? -2.217  -1.216  14.179  1.00 22.65 ? 3   ILE B CG1 1 
ATOM   782  C CG2 . ILE B 1 3  ? -3.602  -2.062  12.188  1.00 23.51 ? 3   ILE B CG2 1 
ATOM   783  C CD1 . ILE B 1 3  ? -1.709  0.081   13.560  1.00 23.81 ? 3   ILE B CD1 1 
ATOM   784  N N   . THR B 1 4  ? -4.126  -5.436  13.024  1.00 21.87 ? 4   THR B N   1 
ATOM   785  C CA  . THR B 1 4  ? -4.579  -6.403  12.026  1.00 22.40 ? 4   THR B CA  1 
ATOM   786  C C   . THR B 1 4  ? -5.170  -5.732  10.785  1.00 22.80 ? 4   THR B C   1 
ATOM   787  O O   . THR B 1 4  ? -5.284  -4.484  10.710  1.00 24.24 ? 4   THR B O   1 
ATOM   788  C CB  . THR B 1 4  ? -5.618  -7.376  12.624  1.00 22.47 ? 4   THR B CB  1 
ATOM   789  O OG1 . THR B 1 4  ? -6.741  -6.618  13.104  1.00 23.17 ? 4   THR B OG1 1 
ATOM   790  C CG2 . THR B 1 4  ? -4.971  -8.174  13.757  1.00 23.10 ? 4   THR B CG2 1 
ATOM   791  N N   . LEU B 1 5  ? -5.521  -6.538  9.782   1.00 21.32 ? 5   LEU B N   1 
ATOM   792  C CA  . LEU B 1 5  ? -5.807  -5.981  8.456   1.00 21.65 ? 5   LEU B CA  1 
ATOM   793  C C   . LEU B 1 5  ? -7.213  -6.301  7.936   1.00 21.49 ? 5   LEU B C   1 
ATOM   794  O O   . LEU B 1 5  ? -7.515  -6.170  6.743   1.00 20.36 ? 5   LEU B O   1 
ATOM   795  C CB  . LEU B 1 5  ? -4.686  -6.368  7.454   1.00 21.54 ? 5   LEU B CB  1 
ATOM   796  C CG  . LEU B 1 5  ? -3.308  -5.786  7.793   1.00 22.89 ? 5   LEU B CG  1 
ATOM   797  C CD1 . LEU B 1 5  ? -2.264  -6.545  6.986   1.00 19.88 ? 5   LEU B CD1 1 
ATOM   798  C CD2 . LEU B 1 5  ? -3.258  -4.236  7.528   1.00 22.07 ? 5   LEU B CD2 1 
ATOM   799  N N   . TRP B 1 6  ? -8.103  -6.659  8.884   1.00 22.70 ? 6   TRP B N   1 
ATOM   800  C CA  . TRP B 1 6  ? -9.519  -6.877  8.572   1.00 24.02 ? 6   TRP B CA  1 
ATOM   801  C C   . TRP B 1 6  ? -10.181 -5.608  8.058   1.00 23.92 ? 6   TRP B C   1 
ATOM   802  O O   . TRP B 1 6  ? -11.045 -5.671  7.173   1.00 25.32 ? 6   TRP B O   1 
ATOM   803  C CB  . TRP B 1 6  ? -10.226 -7.488  9.793   1.00 24.54 ? 6   TRP B CB  1 
ATOM   804  C CG  . TRP B 1 6  ? -9.606  -8.841  10.165  1.00 24.84 ? 6   TRP B CG  1 
ATOM   805  C CD1 . TRP B 1 6  ? -8.797  -9.117  11.238  1.00 26.94 ? 6   TRP B CD1 1 
ATOM   806  C CD2 . TRP B 1 6  ? -9.731  -10.063 9.437   1.00 25.96 ? 6   TRP B CD2 1 
ATOM   807  N NE1 . TRP B 1 6  ? -8.426  -10.455 11.227  1.00 28.52 ? 6   TRP B NE1 1 
ATOM   808  C CE2 . TRP B 1 6  ? -8.983  -11.051 10.129  1.00 26.67 ? 6   TRP B CE2 1 
ATOM   809  C CE3 . TRP B 1 6  ? -10.425 -10.427 8.270   1.00 27.20 ? 6   TRP B CE3 1 
ATOM   810  C CZ2 . TRP B 1 6  ? -8.883  -12.373 9.679   1.00 27.34 ? 6   TRP B CZ2 1 
ATOM   811  C CZ3 . TRP B 1 6  ? -10.340 -11.747 7.832   1.00 29.57 ? 6   TRP B CZ3 1 
ATOM   812  C CH2 . TRP B 1 6  ? -9.563  -12.699 8.526   1.00 27.13 ? 6   TRP B CH2 1 
ATOM   813  N N   . LYS B 1 7  ? -9.743  -4.451  8.565   1.00 24.53 ? 7   LYS B N   1 
ATOM   814  C CA  . LYS B 1 7  ? -10.225 -3.139  8.115   1.00 24.16 ? 7   LYS B CA  1 
ATOM   815  C C   . LYS B 1 7  ? -9.021  -2.351  7.622   1.00 23.77 ? 7   LYS B C   1 
ATOM   816  O O   . LYS B 1 7  ? -7.878  -2.741  7.901   1.00 23.64 ? 7   LYS B O   1 
ATOM   817  C CB  . LYS B 1 7  ? -10.900 -2.379  9.283   1.00 25.08 ? 7   LYS B CB  1 
ATOM   818  C CG  . LYS B 1 7  ? -12.284 -2.915  9.691   0.50 24.48 ? 7   LYS B CG  1 
ATOM   819  C CD  . LYS B 1 7  ? -12.895 -2.078  10.816  0.50 25.81 ? 7   LYS B CD  1 
ATOM   820  C CE  . LYS B 1 7  ? -14.385 -2.362  10.991  0.50 27.72 ? 7   LYS B CE  1 
ATOM   821  N NZ  . LYS B 1 7  ? -14.918 -1.938  12.329  0.50 29.23 ? 7   LYS B NZ  1 
ATOM   822  N N   . ARG B 1 8  ? -9.247  -1.289  6.854   1.00 23.05 ? 8   ARG B N   1 
ATOM   823  C CA  . ARG B 1 8  ? -8.138  -0.422  6.443   1.00 23.24 ? 8   ARG B CA  1 
ATOM   824  C C   . ARG B 1 8  ? -7.407  0.067   7.702   1.00 21.23 ? 8   ARG B C   1 
ATOM   825  O O   . ARG B 1 8  ? -8.067  0.421   8.698   1.00 21.23 ? 8   ARG B O   1 
ATOM   826  C CB  . ARG B 1 8  ? -8.643  0.768   5.612   1.00 24.42 ? 8   ARG B CB  1 
ATOM   827  C CG  . ARG B 1 8  ? -9.187  0.385   4.238   1.00 26.70 ? 8   ARG B CG  1 
ATOM   828  C CD  . ARG B 1 8  ? -9.420  1.657   3.371   1.00 29.34 ? 8   ARG B CD  1 
ATOM   829  N NE  . ARG B 1 8  ? -10.442 2.521   3.974   1.00 39.15 ? 8   ARG B NE  1 
ATOM   830  C CZ  . ARG B 1 8  ? -10.668 3.797   3.632   1.00 40.34 ? 8   ARG B CZ  1 
ATOM   831  N NH1 . ARG B 1 8  ? -9.946  4.387   2.668   1.00 41.62 ? 8   ARG B NH1 1 
ATOM   832  N NH2 . ARG B 1 8  ? -11.615 4.487   4.265   1.00 40.55 ? 8   ARG B NH2 1 
ATOM   833  N N   . PRO B 1 9  ? -6.053  0.022   7.687   1.00 20.36 ? 9   PRO B N   1 
ATOM   834  C CA  . PRO B 1 9  ? -5.211  0.480   8.814   1.00 19.25 ? 9   PRO B CA  1 
ATOM   835  C C   . PRO B 1 9  ? -5.133  2.012   8.876   1.00 19.13 ? 9   PRO B C   1 
ATOM   836  O O   . PRO B 1 9  ? -4.055  2.595   8.696   1.00 17.61 ? 9   PRO B O   1 
ATOM   837  C CB  . PRO B 1 9  ? -3.880  -0.222  8.574   1.00 19.01 ? 9   PRO B CB  1 
ATOM   838  C CG  . PRO B 1 9  ? -3.815  -0.436  7.057   1.00 18.67 ? 9   PRO B CG  1 
ATOM   839  C CD  . PRO B 1 9  ? -5.262  -0.609  6.602   1.00 18.88 ? 9   PRO B CD  1 
ATOM   840  N N   . LEU B 1 10 ? -6.290  2.633   9.180   1.00 20.28 ? 10  LEU B N   1 
ATOM   841  C CA  . LEU B 1 10 ? -6.360  4.099   9.256   1.00 21.29 ? 10  LEU B CA  1 
ATOM   842  C C   . LEU B 1 10 ? -6.005  4.510   10.675  1.00 22.03 ? 10  LEU B C   1 
ATOM   843  O O   . LEU B 1 10 ? -6.488  3.900   11.669  1.00 20.75 ? 10  LEU B O   1 
ATOM   844  C CB  . LEU B 1 10 ? -7.762  4.637   8.898   1.00 23.09 ? 10  LEU B CB  1 
ATOM   845  C CG  . LEU B 1 10 ? -8.180  4.433   7.430   1.00 23.65 ? 10  LEU B CG  1 
ATOM   846  C CD1 . LEU B 1 10 ? -9.696  4.726   7.302   1.00 28.24 ? 10  LEU B CD1 1 
ATOM   847  C CD2 . LEU B 1 10 ? -7.357  5.319   6.470   1.00 25.17 ? 10  LEU B CD2 1 
ATOM   848  N N   . VAL B 1 11 ? -5.164  5.536   10.775  1.00 20.40 ? 11  VAL B N   1 
ATOM   849  C CA  . VAL B 1 11 ? -4.792  6.112   12.071  1.00 21.49 ? 11  VAL B CA  1 
ATOM   850  C C   . VAL B 1 11 ? -4.816  7.633   12.005  1.00 21.32 ? 11  VAL B C   1 
ATOM   851  O O   . VAL B 1 11 ? -4.814  8.222   10.934  1.00 19.44 ? 11  VAL B O   1 
ATOM   852  C CB  . VAL B 1 11 ? -3.384  5.624   12.542  1.00 21.69 ? 11  VAL B CB  1 
ATOM   853  C CG1 . VAL B 1 11 ? -3.288  4.070   12.530  1.00 24.13 ? 11  VAL B CG1 1 
ATOM   854  C CG2 . VAL B 1 11 ? -2.293  6.178   11.692  1.00 21.64 ? 11  VAL B CG2 1 
ATOM   855  N N   . THR B 1 12 ? -4.868  8.264   13.167  1.00 21.11 ? 12  THR B N   1 
ATOM   856  C CA  . THR B 1 12 ? -4.840  9.714   13.237  1.00 21.93 ? 12  THR B CA  1 
ATOM   857  C C   . THR B 1 12 ? -3.361  10.133  13.307  1.00 23.23 ? 12  THR B C   1 
ATOM   858  O O   . THR B 1 12 ? -2.548  9.531   14.022  1.00 23.16 ? 12  THR B O   1 
ATOM   859  C CB  . THR B 1 12 ? -5.680  10.222  14.441  1.00 22.90 ? 12  THR B CB  1 
ATOM   860  O OG1 . THR B 1 12 ? -7.032  9.766   14.282  1.00 22.02 ? 12  THR B OG1 1 
ATOM   861  C CG2 . THR B 1 12 ? -5.669  11.765  14.561  1.00 24.53 ? 12  THR B CG2 1 
ATOM   862  N N   . ILE B 1 13 ? -2.998  11.140  12.528  1.00 21.48 ? 13  ILE B N   1 
ATOM   863  C CA  . ILE B 1 13 ? -1.634  11.654  12.543  1.00 22.65 ? 13  ILE B CA  1 
ATOM   864  C C   . ILE B 1 13 ? -1.771  13.120  12.872  1.00 23.57 ? 13  ILE B C   1 
ATOM   865  O O   . ILE B 1 13 ? -2.876  13.710  12.693  1.00 23.22 ? 13  ILE B O   1 
ATOM   866  C CB  . ILE B 1 13 ? -0.933  11.444  11.153  1.00 21.71 ? 13  ILE B CB  1 
ATOM   867  C CG1 . ILE B 1 13 ? -1.649  12.291  10.065  1.00 23.68 ? 13  ILE B CG1 1 
ATOM   868  C CG2 . ILE B 1 13 ? -0.907  9.969   10.835  1.00 23.65 ? 13  ILE B CG2 1 
ATOM   869  C CD1 . ILE B 1 13 ? -0.936  12.408  8.683   1.00 23.91 ? 13  ILE B CD1 1 
ATOM   870  N N   . ARG B 1 14 ? -0.693  13.695  13.410  1.00 22.89 ? 14  ARG B N   1 
ATOM   871  C CA  . ARG B 1 14 ? -0.609  15.134  13.580  1.00 23.97 ? 14  ARG B CA  1 
ATOM   872  C C   . ARG B 1 14 ? 0.472   15.677  12.690  1.00 25.31 ? 14  ARG B C   1 
ATOM   873  O O   . ARG B 1 14 ? 1.590   15.126  12.694  1.00 24.24 ? 14  ARG B O   1 
ATOM   874  C CB  . ARG B 1 14 ? -0.295  15.472  15.033  1.00 24.60 ? 14  ARG B CB  1 
ATOM   875  C CG  . ARG B 1 14 ? -0.767  16.834  15.378  1.00 27.37 ? 14  ARG B CG  1 
ATOM   876  C CD  . ARG B 1 14 ? -1.042  16.943  16.879  1.00 35.19 ? 14  ARG B CD  1 
ATOM   877  N NE  . ARG B 1 14 ? 0.200   16.853  17.625  1.00 39.30 ? 14  ARG B NE  1 
ATOM   878  C CZ  . ARG B 1 14 ? 1.208   17.707  17.470  1.00 43.11 ? 14  ARG B CZ  1 
ATOM   879  N NH1 . ARG B 1 14 ? 1.100   18.695  16.590  1.00 44.65 ? 14  ARG B NH1 1 
ATOM   880  N NH2 . ARG B 1 14 ? 2.321   17.577  18.187  1.00 44.06 ? 14  ARG B NH2 1 
ATOM   881  N N   . ILE B 1 15 ? 0.165   16.747  11.948  1.00 26.39 ? 15  ILE B N   1 
ATOM   882  C CA  . ILE B 1 15 ? 1.091   17.291  10.902  1.00 29.44 ? 15  ILE B CA  1 
ATOM   883  C C   . ILE B 1 15 ? 0.849   18.806  10.636  1.00 30.52 ? 15  ILE B C   1 
ATOM   884  O O   . ILE B 1 15 ? -0.259  19.215  10.269  1.00 31.48 ? 15  ILE B O   1 
ATOM   885  C CB  . ILE B 1 15 ? 1.079   16.437  9.583   1.00 29.45 ? 15  ILE B CB  1 
ATOM   886  C CG1 . ILE B 1 15 ? 2.146   16.941  8.606   1.00 30.74 ? 15  ILE B CG1 1 
ATOM   887  C CG2 . ILE B 1 15 ? -0.333  16.463  8.895   1.00 31.66 ? 15  ILE B CG2 1 
ATOM   888  C CD1 . ILE B 1 15 ? 2.203   16.204  7.335   1.00 32.17 ? 15  ILE B CD1 1 
ATOM   889  N N   . GLY B 1 16 ? 1.876   19.633  10.839  1.00 31.97 ? 16  GLY B N   1 
ATOM   890  C CA  . GLY B 1 16 ? 1.731   21.097  10.837  1.00 32.66 ? 16  GLY B CA  1 
ATOM   891  C C   . GLY B 1 16 ? 0.799   21.581  11.951  1.00 33.19 ? 16  GLY B C   1 
ATOM   892  O O   . GLY B 1 16 ? 0.065   22.565  11.771  1.00 34.16 ? 16  GLY B O   1 
ATOM   893  N N   . GLY B 1 17 ? 0.835   20.882  13.094  1.00 33.52 ? 17  GLY B N   1 
ATOM   894  C CA  . GLY B 1 17 ? -0.040  21.156  14.234  1.00 33.21 ? 17  GLY B CA  1 
ATOM   895  C C   . GLY B 1 17 ? -1.527  20.930  14.014  1.00 33.04 ? 17  GLY B C   1 
ATOM   896  O O   . GLY B 1 17 ? -2.333  21.508  14.736  1.00 33.88 ? 17  GLY B O   1 
ATOM   897  N N   . GLN B 1 18 ? -1.892  20.088  13.034  1.00 32.30 ? 18  GLN B N   1 
ATOM   898  C CA  . GLN B 1 18 ? -3.285  19.719  12.821  1.00 30.70 ? 18  GLN B CA  1 
ATOM   899  C C   . GLN B 1 18 ? -3.469  18.202  12.624  1.00 28.67 ? 18  GLN B C   1 
ATOM   900  O O   . GLN B 1 18 ? -2.543  17.496  12.212  1.00 28.40 ? 18  GLN B O   1 
ATOM   901  C CB  . GLN B 1 18 ? -3.893  20.497  11.652  1.00 31.71 ? 18  GLN B CB  1 
ATOM   902  C CG  . GLN B 1 18 ? -3.684  19.906  10.313  1.00 33.71 ? 18  GLN B CG  1 
ATOM   903  C CD  . GLN B 1 18 ? -4.807  20.231  9.333   1.00 39.54 ? 18  GLN B CD  1 
ATOM   904  O OE1 . GLN B 1 18 ? -4.650  20.015  8.134   1.00 40.84 ? 18  GLN B OE1 1 
ATOM   905  N NE2 . GLN B 1 18 ? -5.946  20.749  9.837   1.00 38.55 ? 18  GLN B NE2 1 
ATOM   906  N N   . LEU B 1 19 ? -4.676  17.718  12.874  1.00 25.82 ? 19  LEU B N   1 
ATOM   907  C CA  . LEU B 1 19 ? -4.923  16.273  12.858  1.00 24.99 ? 19  LEU B CA  1 
ATOM   908  C C   . LEU B 1 19 ? -5.470  15.815  11.512  1.00 24.22 ? 19  LEU B C   1 
ATOM   909  O O   . LEU B 1 19 ? -6.373  16.440  10.973  1.00 23.93 ? 19  LEU B O   1 
ATOM   910  C CB  . LEU B 1 19 ? -5.918  15.913  13.986  1.00 24.25 ? 19  LEU B CB  1 
ATOM   911  C CG  . LEU B 1 19 ? -5.552  16.285  15.439  1.00 24.42 ? 19  LEU B CG  1 
ATOM   912  C CD1 . LEU B 1 19 ? -6.571  15.742  16.420  1.00 24.82 ? 19  LEU B CD1 1 
ATOM   913  C CD2 . LEU B 1 19 ? -4.181  15.711  15.751  1.00 20.57 ? 19  LEU B CD2 1 
ATOM   914  N N   . LYS B 1 20 ? -4.925  14.725  10.968  1.00 23.76 ? 20  LYS B N   1 
ATOM   915  C CA  . LYS B 1 20 ? -5.461  14.134  9.767   1.00 24.25 ? 20  LYS B CA  1 
ATOM   916  C C   . LYS B 1 20 ? -5.617  12.643  9.948   1.00 23.71 ? 20  LYS B C   1 
ATOM   917  O O   . LYS B 1 20 ? -4.954  12.061  10.802  1.00 24.98 ? 20  LYS B O   1 
ATOM   918  C CB  . LYS B 1 20 ? -4.535  14.406  8.576   1.00 24.91 ? 20  LYS B CB  1 
ATOM   919  C CG  . LYS B 1 20 ? -4.687  15.809  8.015   1.00 29.86 ? 20  LYS B CG  1 
ATOM   920  C CD  . LYS B 1 20 ? -5.000  15.691  6.520   1.00 34.01 ? 20  LYS B CD  1 
ATOM   921  C CE  . LYS B 1 20 ? -5.130  17.011  5.846   1.00 35.39 ? 20  LYS B CE  1 
ATOM   922  N NZ  . LYS B 1 20 ? -6.527  17.412  5.728   1.00 37.04 ? 20  LYS B NZ  1 
ATOM   923  N N   . GLU B 1 21 ? -6.457  12.012  9.134   1.00 22.27 ? 21  GLU B N   1 
ATOM   924  C CA  . GLU B 1 21 ? -6.559  10.565  9.153   1.00 22.28 ? 21  GLU B CA  1 
ATOM   925  C C   . GLU B 1 21 ? -5.718  10.074  7.985   1.00 20.46 ? 21  GLU B C   1 
ATOM   926  O O   . GLU B 1 21 ? -5.719  10.709  6.936   1.00 20.86 ? 21  GLU B O   1 
ATOM   927  C CB  . GLU B 1 21 ? -7.993  10.107  8.975   1.00 22.36 ? 21  GLU B CB  1 
ATOM   928  C CG  . GLU B 1 21 ? -8.191  8.610   9.045   1.00 26.48 ? 21  GLU B CG  1 
ATOM   929  C CD  . GLU B 1 21 ? -9.665  8.176   9.183   1.00 30.00 ? 21  GLU B CD  1 
ATOM   930  O OE1 . GLU B 1 21 ? -9.908  7.118   9.832   1.00 36.92 ? 21  GLU B OE1 1 
ATOM   931  O OE2 . GLU B 1 21 ? -10.576 8.890   8.670   1.00 36.99 ? 21  GLU B OE2 1 
ATOM   932  N N   . ALA B 1 22 ? -5.009  8.973   8.171   1.00 17.82 ? 22  ALA B N   1 
ATOM   933  C CA  . ALA B 1 22 ? -4.188  8.439   7.072   1.00 16.78 ? 22  ALA B CA  1 
ATOM   934  C C   . ALA B 1 22 ? -4.033  6.928   7.160   1.00 19.17 ? 22  ALA B C   1 
ATOM   935  O O   . ALA B 1 22 ? -4.171  6.348   8.212   1.00 18.85 ? 22  ALA B O   1 
ATOM   936  C CB  . ALA B 1 22 ? -2.805  9.143   7.045   1.00 17.81 ? 22  ALA B CB  1 
ATOM   937  N N   . LEU B 1 23 ? -3.724  6.294   6.033   1.00 18.05 ? 23  LEU B N   1 
ATOM   938  C CA  . LEU B 1 23 ? -3.594  4.858   5.931   1.00 20.24 ? 23  LEU B CA  1 
ATOM   939  C C   . LEU B 1 23 ? -2.145  4.413   6.065   1.00 19.95 ? 23  LEU B C   1 
ATOM   940  O O   . LEU B 1 23 ? -1.248  4.907   5.345   1.00 19.52 ? 23  LEU B O   1 
ATOM   941  C CB  . LEU B 1 23 ? -4.147  4.459   4.539   1.00 21.51 ? 23  LEU B CB  1 
ATOM   942  C CG  . LEU B 1 23 ? -4.350  3.018   4.097   1.00 26.17 ? 23  LEU B CG  1 
ATOM   943  C CD1 . LEU B 1 23 ? -5.296  2.410   5.016   1.00 27.52 ? 23  LEU B CD1 1 
ATOM   944  C CD2 . LEU B 1 23 ? -5.013  3.021   2.675   1.00 24.63 ? 23  LEU B CD2 1 
ATOM   945  N N   . LEU B 1 24 ? -1.882  3.480   6.984   1.00 19.27 ? 24  LEU B N   1 
ATOM   946  C CA  . LEU B 1 24 ? -0.501  2.953   7.125   1.00 19.48 ? 24  LEU B CA  1 
ATOM   947  C C   . LEU B 1 24 ? -0.237  2.037   5.941   1.00 18.75 ? 24  LEU B C   1 
ATOM   948  O O   . LEU B 1 24 ? -0.855  0.984   5.843   1.00 20.31 ? 24  LEU B O   1 
ATOM   949  C CB  . LEU B 1 24 ? -0.364  2.161   8.445   1.00 19.57 ? 24  LEU B CB  1 
ATOM   950  C CG  . LEU B 1 24 ? -0.557  2.993   9.699   1.00 21.48 ? 24  LEU B CG  1 
ATOM   951  C CD1 . LEU B 1 24 ? -0.515  2.064   10.897  1.00 23.76 ? 24  LEU B CD1 1 
ATOM   952  C CD2 . LEU B 1 24 ? 0.566   4.058   9.740   1.00 20.39 ? 24  LEU B CD2 1 
ATOM   953  N N   . ASN B 1 25 ? 0.692   2.418   5.058   1.00 18.24 ? 25  ASN B N   1 
ATOM   954  C CA  . ASN B 1 25 ? 0.694   1.839   3.718   1.00 17.80 ? 25  ASN B CA  1 
ATOM   955  C C   . ASN B 1 25 ? 2.036   1.292   3.334   1.00 18.23 ? 25  ASN B C   1 
ATOM   956  O O   . ASN B 1 25 ? 2.878   2.047   2.888   1.00 17.69 ? 25  ASN B O   1 
ATOM   957  C CB  . ASN B 1 25 ? 0.234   2.924   2.736   1.00 18.89 ? 25  ASN B CB  1 
ATOM   958  C CG  . ASN B 1 25 ? 0.024   2.395   1.328   1.00 20.27 ? 25  ASN B CG  1 
ATOM   959  O OD1 . ASN B 1 25 ? 0.325   1.250   1.033   1.00 21.07 ? 25  ASN B OD1 1 
ATOM   960  N ND2 . ASN B 1 25 ? -0.523  3.217   0.480   1.00 19.65 ? 25  ASN B ND2 1 
ATOM   961  N N   . THR B 1 26 ? 2.215   -0.024  3.458   1.00 17.89 ? 26  THR B N   1 
ATOM   962  C CA  . THR B 1 26 ? 3.492   -0.647  3.146   1.00 18.95 ? 26  THR B CA  1 
ATOM   963  C C   . THR B 1 26 ? 3.751   -0.693  1.632   1.00 17.92 ? 26  THR B C   1 
ATOM   964  O O   . THR B 1 26 ? 4.876   -0.922  1.177   1.00 20.66 ? 26  THR B O   1 
ATOM   965  C CB  . THR B 1 26 ? 3.552   -2.082  3.687   1.00 19.15 ? 26  THR B CB  1 
ATOM   966  O OG1 . THR B 1 26 ? 2.499   -2.843  3.083   1.00 18.94 ? 26  THR B OG1 1 
ATOM   967  C CG2 . THR B 1 26 ? 3.413   -2.123  5.256   1.00 20.22 ? 26  THR B CG2 1 
ATOM   968  N N   . GLY B 1 27 ? 2.710   -0.394  0.858   1.00 17.63 ? 27  GLY B N   1 
ATOM   969  C CA  . GLY B 1 27 ? 2.775   -0.378  -0.612  1.00 18.29 ? 27  GLY B CA  1 
ATOM   970  C C   . GLY B 1 27 ? 3.189   0.958   -1.202  1.00 17.54 ? 27  GLY B C   1 
ATOM   971  O O   . GLY B 1 27 ? 3.257   1.090   -2.453  1.00 18.88 ? 27  GLY B O   1 
ATOM   972  N N   . ALA B 1 28 ? 3.475   1.914   -0.327  1.00 18.07 ? 28  ALA B N   1 
ATOM   973  C CA  . ALA B 1 28 ? 3.836   3.283   -0.744  1.00 18.37 ? 28  ALA B CA  1 
ATOM   974  C C   . ALA B 1 28 ? 5.273   3.559   -0.342  1.00 19.50 ? 28  ALA B C   1 
ATOM   975  O O   . ALA B 1 28 ? 5.632   3.372   0.828   1.00 18.83 ? 28  ALA B O   1 
ATOM   976  C CB  . ALA B 1 28 ? 2.909   4.293   -0.079  1.00 19.99 ? 28  ALA B CB  1 
ATOM   977  N N   . ASP B 1 29 ? 6.089   4.008   -1.299  1.00 19.67 ? 29  ASP B N   1 
ATOM   978  C CA  . ASP B 1 29 ? 7.468   4.391   -0.986  1.00 20.21 ? 29  ASP B CA  1 
ATOM   979  C C   . ASP B 1 29 ? 7.441   5.630   -0.069  1.00 21.44 ? 29  ASP B C   1 
ATOM   980  O O   . ASP B 1 29 ? 8.278   5.755   0.875   1.00 19.95 ? 29  ASP B O   1 
ATOM   981  C CB  . ASP B 1 29 ? 8.241   4.783   -2.251  1.00 21.63 ? 29  ASP B CB  1 
ATOM   982  C CG  . ASP B 1 29 ? 8.417   3.661   -3.219  1.00 23.76 ? 29  ASP B CG  1 
ATOM   983  O OD1 . ASP B 1 29 ? 8.314   2.453   -2.847  1.00 24.22 ? 29  ASP B OD1 1 
ATOM   984  O OD2 . ASP B 1 29 ? 8.688   4.036   -4.386  1.00 24.85 ? 29  ASP B OD2 1 
ATOM   985  N N   . ASP B 1 30 ? 6.495   6.534   -0.383  1.00 20.98 ? 30  ASP B N   1 
ATOM   986  C CA  . ASP B 1 30 ? 6.424   7.912   0.149   1.00 20.80 ? 30  ASP B CA  1 
ATOM   987  C C   . ASP B 1 30 ? 5.115   8.157   0.878   1.00 22.05 ? 30  ASP B C   1 
ATOM   988  O O   . ASP B 1 30 ? 4.160   7.370   0.779   1.00 22.66 ? 30  ASP B O   1 
ATOM   989  C CB  . ASP B 1 30 ? 6.546   8.910   -1.023  1.00 21.95 ? 30  ASP B CB  1 
ATOM   990  C CG  . ASP B 1 30 ? 7.740   8.642   -1.881  1.00 25.74 ? 30  ASP B CG  1 
ATOM   991  O OD1 . ASP B 1 30 ? 8.849   8.539   -1.290  1.00 26.57 ? 30  ASP B OD1 1 
ATOM   992  O OD2 . ASP B 1 30 ? 7.581   8.547   -3.143  1.00 24.50 ? 30  ASP B OD2 1 
ATOM   993  N N   . THR B 1 31 ? 5.065   9.265   1.597   1.00 21.44 ? 31  THR B N   1 
ATOM   994  C CA  . THR B 1 31 ? 3.900   9.681   2.358   1.00 20.14 ? 31  THR B CA  1 
ATOM   995  C C   . THR B 1 31 ? 3.229   10.796  1.558   1.00 21.06 ? 31  THR B C   1 
ATOM   996  O O   . THR B 1 31 ? 3.886   11.782  1.171   1.00 19.85 ? 31  THR B O   1 
ATOM   997  C CB  . THR B 1 31 ? 4.337   10.164  3.783   1.00 20.09 ? 31  THR B CB  1 
ATOM   998  O OG1 . THR B 1 31 ? 4.832   9.035   4.541   1.00 19.54 ? 31  THR B OG1 1 
ATOM   999  C CG2 . THR B 1 31 ? 3.166   10.924  4.548   1.00 21.20 ? 31  THR B CG2 1 
ATOM   1000 N N   . VAL B 1 32 ? 1.925   10.610  1.299   1.00 19.38 ? 32  VAL B N   1 
ATOM   1001 C CA  . VAL B 1 32 ? 1.122   11.521  0.436   1.00 18.91 ? 32  VAL B CA  1 
ATOM   1002 C C   . VAL B 1 32 ? -0.144  11.938  1.162   1.00 17.88 ? 32  VAL B C   1 
ATOM   1003 O O   . VAL B 1 32 ? -0.937  11.105  1.539   1.00 19.32 ? 32  VAL B O   1 
ATOM   1004 C CB  . VAL B 1 32 ? 0.771   10.905  -0.937  1.00 17.80 ? 32  VAL B CB  1 
ATOM   1005 C CG1 . VAL B 1 32 ? 0.359   12.032  -1.945  1.00 21.79 ? 32  VAL B CG1 1 
ATOM   1006 C CG2 . VAL B 1 32 ? 1.956   10.142  -1.504  1.00 20.67 ? 32  VAL B CG2 1 
ATOM   1007 N N   . ILE B 1 33 ? -0.354  13.244  1.303   1.00 18.51 ? 33  ILE B N   1 
ATOM   1008 C CA  . ILE B 1 33 ? -1.530  13.785  1.970   1.00 21.23 ? 33  ILE B CA  1 
ATOM   1009 C C   . ILE B 1 33 ? -2.281  14.704  1.015   1.00 23.54 ? 33  ILE B C   1 
ATOM   1010 O O   . ILE B 1 33 ? -1.658  15.417  0.240   1.00 22.99 ? 33  ILE B O   1 
ATOM   1011 C CB  . ILE B 1 33 ? -1.134  14.604  3.224   1.00 22.39 ? 33  ILE B CB  1 
ATOM   1012 C CG1 . ILE B 1 33 ? -0.182  13.822  4.155   1.00 23.29 ? 33  ILE B CG1 1 
ATOM   1013 C CG2 . ILE B 1 33 ? -2.394  15.152  3.945   1.00 20.63 ? 33  ILE B CG2 1 
ATOM   1014 C CD1 . ILE B 1 33 ? -0.806  12.620  4.833   1.00 28.45 ? 33  ILE B CD1 1 
ATOM   1015 N N   . GLU B 1 34 ? -3.603  14.656  1.068   1.00 24.92 ? 34  GLU B N   1 
ATOM   1016 C CA  . GLU B 1 34 ? -4.463  15.488  0.260   1.00 28.54 ? 34  GLU B CA  1 
ATOM   1017 C C   . GLU B 1 34 ? -4.066  16.957  0.418   1.00 29.38 ? 34  GLU B C   1 
ATOM   1018 O O   . GLU B 1 34 ? -3.286  17.316  1.337   1.00 29.80 ? 34  GLU B O   1 
ATOM   1019 C CB  . GLU B 1 34 ? -5.894  15.304  0.757   1.00 29.79 ? 34  GLU B CB  1 
ATOM   1020 C CG  . GLU B 1 34 ? -6.022  15.766  2.249   1.00 31.07 ? 34  GLU B CG  1 
ATOM   1021 C CD  . GLU B 1 34 ? -7.304  15.293  2.931   1.00 32.14 ? 34  GLU B CD  1 
ATOM   1022 O OE1 . GLU B 1 34 ? -8.377  15.250  2.251   1.00 33.54 ? 34  GLU B OE1 1 
ATOM   1023 O OE2 . GLU B 1 34 ? -7.239  14.997  4.146   1.00 36.27 ? 34  GLU B OE2 1 
ATOM   1024 N N   . GLU B 1 35 ? -4.544  17.804  -0.487  0.50 29.59 ? 35  GLU B N   1 
ATOM   1025 C CA  . GLU B 1 35 ? -4.236  19.227  -0.382  0.50 30.72 ? 35  GLU B CA  1 
ATOM   1026 C C   . GLU B 1 35 ? -4.463  19.731  1.039   0.50 30.98 ? 35  GLU B C   1 
ATOM   1027 O O   . GLU B 1 35 ? -5.509  19.486  1.639   0.50 30.63 ? 35  GLU B O   1 
ATOM   1028 C CB  . GLU B 1 35 ? -5.028  20.046  -1.399  0.50 31.00 ? 35  GLU B CB  1 
ATOM   1029 C CG  . GLU B 1 35 ? -4.184  20.557  -2.570  0.50 32.31 ? 35  GLU B CG  1 
ATOM   1030 C CD  . GLU B 1 35 ? -3.916  19.499  -3.632  0.50 33.73 ? 35  GLU B CD  1 
ATOM   1031 O OE1 . GLU B 1 35 ? -4.443  18.370  -3.527  0.50 36.24 ? 35  GLU B OE1 1 
ATOM   1032 O OE2 . GLU B 1 35 ? -3.175  19.801  -4.590  0.50 33.85 ? 35  GLU B OE2 1 
HETATM 1033 N N   . NLE B 1 36 ? -3.431  20.395  1.557   1.00 32.03 ? 36  NLE B N   1 
HETATM 1034 C CA  . NLE B 1 36 ? -3.361  20.976  2.898   1.00 32.56 ? 36  NLE B CA  1 
HETATM 1035 C C   . NLE B 1 36 ? -2.145  21.913  3.028   1.00 32.45 ? 36  NLE B C   1 
HETATM 1036 O O   . NLE B 1 36 ? -1.241  21.923  2.177   1.00 32.21 ? 36  NLE B O   1 
HETATM 1037 C CB  . NLE B 1 36 ? -3.261  19.915  3.987   1.00 32.70 ? 36  NLE B CB  1 
HETATM 1038 C CG  . NLE B 1 36 ? -1.974  19.159  4.028   1.00 33.53 ? 36  NLE B CG  1 
HETATM 1039 C CD  . NLE B 1 36 ? -1.506  18.977  5.449   1.00 35.45 ? 36  NLE B CD  1 
HETATM 1040 C CE  . NLE B 1 36 ? -0.261  18.176  5.463   1.00 38.11 ? 36  NLE B CE  1 
ATOM   1041 N N   . ASN B 1 37 ? -2.123  22.665  4.125   0.50 30.93 ? 37  ASN B N   1 
ATOM   1042 C CA  . ASN B 1 37 ? -1.142  23.715  4.322   0.50 29.69 ? 37  ASN B CA  1 
ATOM   1043 C C   . ASN B 1 37 ? 0.041   23.283  5.175   0.50 28.89 ? 37  ASN B C   1 
ATOM   1044 O O   . ASN B 1 37 ? -0.123  22.844  6.311   0.50 28.97 ? 37  ASN B O   1 
ATOM   1045 C CB  . ASN B 1 37 ? -1.822  24.958  4.924   0.50 29.78 ? 37  ASN B CB  1 
ATOM   1046 C CG  . ASN B 1 37 ? -2.979  25.469  4.078   0.50 29.58 ? 37  ASN B CG  1 
ATOM   1047 O OD1 . ASN B 1 37 ? -2.840  25.683  2.875   0.50 29.16 ? 37  ASN B OD1 1 
ATOM   1048 N ND2 . ASN B 1 37 ? -4.129  25.680  4.712   0.50 29.31 ? 37  ASN B ND2 1 
ATOM   1049 N N   . LEU B 1 38 ? 1.230   23.399  4.601   1.00 28.24 ? 38  LEU B N   1 
ATOM   1050 C CA  . LEU B 1 38 ? 2.491   23.181  5.313   1.00 28.44 ? 38  LEU B CA  1 
ATOM   1051 C C   . LEU B 1 38 ? 3.447   24.318  5.072   1.00 28.20 ? 38  LEU B C   1 
ATOM   1052 O O   . LEU B 1 38 ? 3.443   24.887  3.978   1.00 28.50 ? 38  LEU B O   1 
ATOM   1053 C CB  . LEU B 1 38 ? 3.177   21.885  4.853   1.00 28.35 ? 38  LEU B CB  1 
ATOM   1054 C CG  . LEU B 1 38 ? 2.639   20.552  5.343   1.00 29.78 ? 38  LEU B CG  1 
ATOM   1055 C CD1 . LEU B 1 38 ? 3.377   19.379  4.665   1.00 28.31 ? 38  LEU B CD1 1 
ATOM   1056 C CD2 . LEU B 1 38 ? 2.742   20.467  6.832   1.00 30.70 ? 38  LEU B CD2 1 
ATOM   1057 N N   . PRO B 1 39 ? 4.251   24.692  6.092   0.50 28.27 ? 39  PRO B N   1 
ATOM   1058 C CA  . PRO B 1 39 ? 5.241   25.760  5.929   0.50 28.53 ? 39  PRO B CA  1 
ATOM   1059 C C   . PRO B 1 39 ? 6.523   25.323  5.226   0.50 28.49 ? 39  PRO B C   1 
ATOM   1060 O O   . PRO B 1 39 ? 6.818   24.145  5.117   0.50 28.55 ? 39  PRO B O   1 
ATOM   1061 C CB  . PRO B 1 39 ? 5.553   26.183  7.379   0.50 28.24 ? 39  PRO B CB  1 
ATOM   1062 C CG  . PRO B 1 39 ? 4.538   25.434  8.235   0.50 28.55 ? 39  PRO B CG  1 
ATOM   1063 C CD  . PRO B 1 39 ? 4.235   24.201  7.473   0.50 28.02 ? 39  PRO B CD  1 
ATOM   1064 N N   . GLY B 1 40 ? 7.283   26.291  4.751   0.50 29.25 ? 40  GLY B N   1 
ATOM   1065 C CA  . GLY B 1 40 ? 8.557   25.977  4.137   0.50 29.17 ? 40  GLY B CA  1 
ATOM   1066 C C   . GLY B 1 40 ? 8.420   25.943  2.637   0.50 29.15 ? 40  GLY B C   1 
ATOM   1067 O O   . GLY B 1 40 ? 7.327   26.099  2.082   0.50 28.32 ? 40  GLY B O   1 
HETATM 1068 N N   . YCM B 1 41 ? 9.550   25.787  1.969   0.50 29.25 ? 41  YCM B N   1 
HETATM 1069 C CA  . YCM B 1 41 ? 9.530   25.729  0.538   0.50 29.55 ? 41  YCM B CA  1 
HETATM 1070 C CB  . YCM B 1 41 ? 10.908  26.079  -0.031  0.50 29.71 ? 41  YCM B CB  1 
HETATM 1071 S SG  . YCM B 1 41 ? 11.253  27.691  -0.009  0.50 31.65 ? 41  YCM B SG  1 
HETATM 1072 C CD  . YCM B 1 41 ? 12.818  27.999  0.352   0.50 30.44 ? 41  YCM B CD  1 
HETATM 1073 C CE  . YCM B 1 41 ? 13.210  29.488  0.366   0.50 31.53 ? 41  YCM B CE  1 
HETATM 1074 O OZ1 . YCM B 1 41 ? 13.739  29.980  1.372   0.50 31.74 ? 41  YCM B OZ1 1 
HETATM 1075 N NZ2 . YCM B 1 41 ? 13.257  30.085  -0.821  0.50 31.79 ? 41  YCM B NZ2 1 
HETATM 1076 C C   . YCM B 1 41 ? 9.091   24.314  0.159   0.50 28.73 ? 41  YCM B C   1 
HETATM 1077 O O   . YCM B 1 41 ? 9.137   23.371  0.972   0.50 29.13 ? 41  YCM B O   1 
ATOM   1078 N N   . TRP B 1 42 ? 8.623   24.162  -1.064  0.50 27.94 ? 42  TRP B N   1 
ATOM   1079 C CA  . TRP B 1 42 ? 8.374   22.827  -1.561  0.50 27.27 ? 42  TRP B CA  1 
ATOM   1080 C C   . TRP B 1 42 ? 9.032   22.705  -2.930  0.50 27.15 ? 42  TRP B C   1 
ATOM   1081 O O   . TRP B 1 42 ? 9.429   23.715  -3.516  0.50 26.59 ? 42  TRP B O   1 
ATOM   1082 C CB  . TRP B 1 42 ? 6.866   22.501  -1.563  1.00 27.55 ? 42  TRP B CB  1 
ATOM   1083 C CG  . TRP B 1 42 ? 5.964   23.549  -2.216  1.00 27.39 ? 42  TRP B CG  1 
ATOM   1084 C CD1 . TRP B 1 42 ? 5.359   24.618  -1.605  1.00 28.87 ? 42  TRP B CD1 1 
ATOM   1085 C CD2 . TRP B 1 42 ? 5.552   23.591  -3.588  1.00 26.54 ? 42  TRP B CD2 1 
ATOM   1086 N NE1 . TRP B 1 42 ? 4.611   25.336  -2.526  1.00 28.40 ? 42  TRP B NE1 1 
ATOM   1087 C CE2 . TRP B 1 42 ? 4.707   24.715  -3.743  1.00 27.86 ? 42  TRP B CE2 1 
ATOM   1088 C CE3 . TRP B 1 42 ? 5.810   22.785  -4.704  1.00 27.23 ? 42  TRP B CE3 1 
ATOM   1089 C CZ2 . TRP B 1 42 ? 4.129   25.044  -4.964  1.00 28.74 ? 42  TRP B CZ2 1 
ATOM   1090 C CZ3 . TRP B 1 42 ? 5.225   23.118  -5.924  1.00 28.19 ? 42  TRP B CZ3 1 
ATOM   1091 C CH2 . TRP B 1 42 ? 4.405   24.234  -6.042  1.00 28.94 ? 42  TRP B CH2 1 
ATOM   1092 N N   . LYS B 1 43 ? 9.231   21.470  -3.389  1.00 26.97 ? 43  LYS B N   1 
ATOM   1093 C CA  . LYS B 1 43 ? 9.725   21.209  -4.741  1.00 26.66 ? 43  LYS B CA  1 
ATOM   1094 C C   . LYS B 1 43 ? 8.605   20.466  -5.501  1.00 25.70 ? 43  LYS B C   1 
ATOM   1095 O O   . LYS B 1 43 ? 7.943   19.593  -4.925  1.00 24.50 ? 43  LYS B O   1 
ATOM   1096 C CB  . LYS B 1 43 ? 10.977  20.319  -4.716  1.00 27.13 ? 43  LYS B CB  1 
ATOM   1097 C CG  . LYS B 1 43 ? 11.872  20.450  -3.506  0.50 28.05 ? 43  LYS B CG  1 
ATOM   1098 C CD  . LYS B 1 43 ? 12.770  19.239  -3.428  0.50 28.79 ? 43  LYS B CD  1 
ATOM   1099 C CE  . LYS B 1 43 ? 13.371  19.078  -2.050  0.50 29.80 ? 43  LYS B CE  1 
ATOM   1100 N NZ  . LYS B 1 43 ? 14.411  18.005  -2.033  0.50 29.43 ? 43  LYS B NZ  1 
ATOM   1101 N N   . PRO B 1 44 ? 8.381   20.811  -6.779  1.00 24.48 ? 44  PRO B N   1 
ATOM   1102 C CA  . PRO B 1 44 ? 7.465   19.998  -7.590  1.00 24.79 ? 44  PRO B CA  1 
ATOM   1103 C C   . PRO B 1 44 ? 8.049   18.598  -7.861  1.00 24.53 ? 44  PRO B C   1 
ATOM   1104 O O   . PRO B 1 44 ? 9.231   18.474  -8.207  1.00 23.82 ? 44  PRO B O   1 
ATOM   1105 C CB  . PRO B 1 44 ? 7.381   20.771  -8.908  1.00 25.28 ? 44  PRO B CB  1 
ATOM   1106 C CG  . PRO B 1 44 ? 7.931   22.129  -8.597  1.00 24.54 ? 44  PRO B CG  1 
ATOM   1107 C CD  . PRO B 1 44 ? 8.938   21.943  -7.537  1.00 25.73 ? 44  PRO B CD  1 
ATOM   1108 N N   . LYS B 1 45 ? 7.223   17.566  -7.728  1.00 24.03 ? 45  LYS B N   1 
ATOM   1109 C CA  . LYS B 1 45 ? 7.619   16.203  -8.008  1.00 23.83 ? 45  LYS B CA  1 
ATOM   1110 C C   . LYS B 1 45 ? 6.440   15.477  -8.683  1.00 23.81 ? 45  LYS B C   1 
ATOM   1111 O O   . LYS B 1 45 ? 5.301   15.927  -8.549  1.00 25.08 ? 45  LYS B O   1 
ATOM   1112 C CB  . LYS B 1 45 ? 7.969   15.500  -6.696  1.00 24.97 ? 45  LYS B CB  1 
ATOM   1113 C CG  . LYS B 1 45 ? 8.224   14.013  -6.864  0.50 25.04 ? 45  LYS B CG  1 
ATOM   1114 C CD  . LYS B 1 45 ? 8.929   13.441  -5.674  0.50 27.29 ? 45  LYS B CD  1 
ATOM   1115 C CE  . LYS B 1 45 ? 9.123   11.937  -5.803  0.50 28.53 ? 45  LYS B CE  1 
ATOM   1116 N NZ  . LYS B 1 45 ? 9.903   11.516  -4.626  0.50 29.53 ? 45  LYS B NZ  1 
HETATM 1117 N N   . NLE B 1 46 ? 6.727   14.421  -9.456  1.00 22.93 ? 46  NLE B N   1 
HETATM 1118 C CA  . NLE B 1 46 ? 5.702   13.512  -9.973  1.00 22.82 ? 46  NLE B CA  1 
HETATM 1119 C C   . NLE B 1 46 ? 5.841   12.161  -9.281  1.00 22.38 ? 46  NLE B C   1 
HETATM 1120 O O   . NLE B 1 46 ? 6.948   11.694  -9.034  1.00 22.12 ? 46  NLE B O   1 
HETATM 1121 C CB  . NLE B 1 46 ? 5.797   13.323  -11.483 1.00 23.34 ? 46  NLE B CB  1 
HETATM 1122 C CG  . NLE B 1 46 ? 5.194   14.492  -12.273 1.00 24.89 ? 46  NLE B CG  1 
HETATM 1123 C CD  . NLE B 1 46 ? 5.200   14.259  -13.778 1.00 24.03 ? 46  NLE B CD  1 
HETATM 1124 C CE  . NLE B 1 46 ? 4.408   13.038  -14.170 1.00 23.60 ? 46  NLE B CE  1 
ATOM   1125 N N   . ILE B 1 47 ? 4.708   11.543  -8.953  1.00 21.25 ? 47  ILE B N   1 
ATOM   1126 C CA  . ILE B 1 47 ? 4.697   10.193  -8.398  1.00 21.61 ? 47  ILE B CA  1 
ATOM   1127 C C   . ILE B 1 47 ? 3.665   9.352   -9.115  1.00 21.23 ? 47  ILE B C   1 
ATOM   1128 O O   . ILE B 1 47 ? 2.746   9.903   -9.728  1.00 20.85 ? 47  ILE B O   1 
ATOM   1129 C CB  . ILE B 1 47 ? 4.357   10.174  -6.890  1.00 21.69 ? 47  ILE B CB  1 
ATOM   1130 C CG1 . ILE B 1 47 ? 2.998   10.852  -6.635  1.00 22.04 ? 47  ILE B CG1 1 
ATOM   1131 C CG2 . ILE B 1 47 ? 5.541   10.784  -6.123  1.00 22.00 ? 47  ILE B CG2 1 
ATOM   1132 C CD1 . ILE B 1 47 ? 2.406   10.631  -5.213  1.00 22.64 ? 47  ILE B CD1 1 
ATOM   1133 N N   . GLY B 1 48 ? 3.817   8.035   -9.001  1.00 20.35 ? 48  GLY B N   1 
ATOM   1134 C CA  . GLY B 1 48 ? 3.011   7.089   -9.742  1.00 21.09 ? 48  GLY B CA  1 
ATOM   1135 C C   . GLY B 1 48 ? 2.164   6.254   -8.833  1.00 21.30 ? 48  GLY B C   1 
ATOM   1136 O O   . GLY B 1 48 ? 2.516   6.044   -7.658  1.00 22.49 ? 48  GLY B O   1 
ATOM   1137 N N   . GLY B 1 49 ? 1.045   5.767   -9.356  1.00 21.15 ? 49  GLY B N   1 
ATOM   1138 C CA  . GLY B 1 49 ? 0.173   4.851   -8.606  1.00 21.56 ? 49  GLY B CA  1 
ATOM   1139 C C   . GLY B 1 49 ? -0.406  3.836   -9.584  1.00 22.14 ? 49  GLY B C   1 
ATOM   1140 O O   . GLY B 1 49 ? 0.037   3.738   -10.691 1.00 22.96 ? 49  GLY B O   1 
ATOM   1141 N N   . ILE B 1 50 ? -1.414  3.103   -9.160  1.00 22.40 ? 50  ILE B N   1 
ATOM   1142 C CA  . ILE B 1 50 ? -2.034  2.122   -10.004 1.00 23.15 ? 50  ILE B CA  1 
ATOM   1143 C C   . ILE B 1 50 ? -2.576  2.686   -11.297 1.00 21.89 ? 50  ILE B C   1 
ATOM   1144 O O   . ILE B 1 50 ? -2.617  1.978   -12.311 1.00 23.35 ? 50  ILE B O   1 
ATOM   1145 C CB  . ILE B 1 50 ? -3.159  1.378   -9.196  1.00 22.20 ? 50  ILE B CB  1 
ATOM   1146 C CG1 . ILE B 1 50 ? -3.548  0.041   -9.839  1.00 25.83 ? 50  ILE B CG1 1 
ATOM   1147 C CG2 . ILE B 1 50 ? -4.362  2.298   -8.972  1.00 22.49 ? 50  ILE B CG2 1 
ATOM   1148 C CD1 . ILE B 1 50 ? -2.446  -0.999  -9.721  1.00 26.58 ? 50  ILE B CD1 1 
ATOM   1149 N N   . GLY B 1 51 ? -3.002  3.942   -11.265 1.00 21.41 ? 51  GLY B N   1 
ATOM   1150 C CA  . GLY B 1 51 ? -3.774  4.545   -12.358 1.00 20.65 ? 51  GLY B CA  1 
ATOM   1151 C C   . GLY B 1 51 ? -2.970  5.445   -13.271 1.00 20.21 ? 51  GLY B C   1 
ATOM   1152 O O   . GLY B 1 51 ? -3.441  5.829   -14.336 1.00 21.57 ? 51  GLY B O   1 
ATOM   1153 N N   . GLY B 1 52 ? -1.755  5.773   -12.866 1.00 19.20 ? 52  GLY B N   1 
ATOM   1154 C CA  . GLY B 1 52 ? -0.916  6.695   -13.641 1.00 19.86 ? 52  GLY B CA  1 
ATOM   1155 C C   . GLY B 1 52 ? -0.117  7.574   -12.705 1.00 20.05 ? 52  GLY B C   1 
ATOM   1156 O O   . GLY B 1 52 ? 0.104   7.229   -11.548 1.00 19.36 ? 52  GLY B O   1 
ATOM   1157 N N   . PHE B 1 53 ? 0.267   8.741   -13.201 1.00 20.79 ? 53  PHE B N   1 
ATOM   1158 C CA  . PHE B 1 53 ? 1.121   9.658   -12.454 1.00 22.22 ? 53  PHE B CA  1 
ATOM   1159 C C   . PHE B 1 53 ? 0.404   10.932  -12.052 1.00 22.30 ? 53  PHE B C   1 
ATOM   1160 O O   . PHE B 1 53 ? -0.408  11.442  -12.807 1.00 22.55 ? 53  PHE B O   1 
ATOM   1161 C CB  . PHE B 1 53 ? 2.334   10.015  -13.337 1.00 21.82 ? 53  PHE B CB  1 
ATOM   1162 C CG  . PHE B 1 53 ? 3.365   8.929   -13.360 1.00 23.90 ? 53  PHE B CG  1 
ATOM   1163 C CD1 . PHE B 1 53 ? 3.232   7.831   -14.208 1.00 27.25 ? 53  PHE B CD1 1 
ATOM   1164 C CD2 . PHE B 1 53 ? 4.437   8.959   -12.482 1.00 26.58 ? 53  PHE B CD2 1 
ATOM   1165 C CE1 . PHE B 1 53 ? 4.162   6.783   -14.193 1.00 28.44 ? 53  PHE B CE1 1 
ATOM   1166 C CE2 . PHE B 1 53 ? 5.396   7.920   -12.477 1.00 28.40 ? 53  PHE B CE2 1 
ATOM   1167 C CZ  . PHE B 1 53 ? 5.254   6.841   -13.339 1.00 28.40 ? 53  PHE B CZ  1 
ATOM   1168 N N   . ILE B 1 54 ? 0.705   11.449  -10.864 1.00 21.92 ? 54  ILE B N   1 
ATOM   1169 C CA  . ILE B 1 54 ? 0.198   12.776  -10.481 1.00 21.64 ? 54  ILE B CA  1 
ATOM   1170 C C   . ILE B 1 54 ? 1.334   13.738  -10.134 1.00 21.51 ? 54  ILE B C   1 
ATOM   1171 O O   . ILE B 1 54 ? 2.451   13.304  -9.837  1.00 20.04 ? 54  ILE B O   1 
ATOM   1172 C CB  . ILE B 1 54 ? -0.847  12.687  -9.333  1.00 21.88 ? 54  ILE B CB  1 
ATOM   1173 C CG1 . ILE B 1 54 ? -0.201  12.269  -8.006  1.00 21.69 ? 54  ILE B CG1 1 
ATOM   1174 C CG2 . ILE B 1 54 ? -2.013  11.685  -9.724  1.00 24.12 ? 54  ILE B CG2 1 
ATOM   1175 C CD1 . ILE B 1 54 ? -1.165  12.417  -6.839  1.00 21.84 ? 54  ILE B CD1 1 
ATOM   1176 N N   . LYS B 1 55 ? 1.032   15.033  -10.167 1.00 20.29 ? 55  LYS B N   1 
ATOM   1177 C CA  . LYS B 1 55 ? 1.962   16.043  -9.713  1.00 20.65 ? 55  LYS B CA  1 
ATOM   1178 C C   . LYS B 1 55 ? 1.729   16.349  -8.207  1.00 20.86 ? 55  LYS B C   1 
ATOM   1179 O O   . LYS B 1 55 ? 0.591   16.474  -7.764  1.00 21.37 ? 55  LYS B O   1 
ATOM   1180 C CB  . LYS B 1 55 ? 1.777   17.296  -10.558 1.00 20.18 ? 55  LYS B CB  1 
ATOM   1181 C CG  . LYS B 1 55 ? 2.280   17.127  -11.981 1.00 24.68 ? 55  LYS B CG  1 
ATOM   1182 C CD  . LYS B 1 55 ? 1.663   18.160  -12.920 1.00 29.14 ? 55  LYS B CD  1 
ATOM   1183 C CE  . LYS B 1 55 ? 1.975   19.569  -12.522 1.00 29.46 ? 55  LYS B CE  1 
ATOM   1184 N NZ  . LYS B 1 55 ? 1.389   20.517  -13.528 1.00 32.20 ? 55  LYS B NZ  1 
ATOM   1185 N N   . VAL B 1 56 ? 2.806   16.437  -7.426  1.00 20.55 ? 56  VAL B N   1 
ATOM   1186 C CA  . VAL B 1 56 ? 2.717   16.730  -5.992  1.00 20.52 ? 56  VAL B CA  1 
ATOM   1187 C C   . VAL B 1 56 ? 3.712   17.838  -5.531  1.00 21.58 ? 56  VAL B C   1 
ATOM   1188 O O   . VAL B 1 56 ? 4.644   18.181  -6.265  1.00 22.07 ? 56  VAL B O   1 
ATOM   1189 C CB  . VAL B 1 56 ? 2.970   15.444  -5.136  1.00 19.67 ? 56  VAL B CB  1 
ATOM   1190 C CG1 . VAL B 1 56 ? 1.866   14.419  -5.328  1.00 20.12 ? 56  VAL B CG1 1 
ATOM   1191 C CG2 . VAL B 1 56 ? 4.355   14.830  -5.461  1.00 21.63 ? 56  VAL B CG2 1 
ATOM   1192 N N   . ARG B 1 57 ? 3.480   18.401  -4.345  1.00 20.20 ? 57  ARG B N   1 
ATOM   1193 C CA  . ARG B 1 57 ? 4.441   19.314  -3.683  1.00 21.12 ? 57  ARG B CA  1 
ATOM   1194 C C   . ARG B 1 57 ? 5.259   18.522  -2.686  1.00 20.55 ? 57  ARG B C   1 
ATOM   1195 O O   . ARG B 1 57 ? 4.697   17.892  -1.793  1.00 21.10 ? 57  ARG B O   1 
ATOM   1196 C CB  . ARG B 1 57 ? 3.724   20.430  -2.891  1.00 19.55 ? 57  ARG B CB  1 
ATOM   1197 C CG  . ARG B 1 57 ? 2.746   21.361  -3.646  1.00 24.00 ? 57  ARG B CG  1 
ATOM   1198 C CD  . ARG B 1 57 ? 2.200   22.449  -2.671  1.00 22.01 ? 57  ARG B CD  1 
ATOM   1199 N NE  . ARG B 1 57 ? 1.279   23.365  -3.349  1.00 30.56 ? 57  ARG B NE  1 
ATOM   1200 C CZ  . ARG B 1 57 ? 0.984   24.603  -2.924  1.00 31.71 ? 57  ARG B CZ  1 
ATOM   1201 N NH1 . ARG B 1 57 ? 1.516   25.088  -1.814  1.00 31.66 ? 57  ARG B NH1 1 
ATOM   1202 N NH2 . ARG B 1 57 ? 0.156   25.376  -3.622  1.00 32.75 ? 57  ARG B NH2 1 
ATOM   1203 N N   . GLN B 1 58 ? 6.570   18.538  -2.829  1.00 19.15 ? 58  GLN B N   1 
ATOM   1204 C CA  . GLN B 1 58 ? 7.397   17.824  -1.884  1.00 19.85 ? 58  GLN B CA  1 
ATOM   1205 C C   . GLN B 1 58 ? 7.908   18.759  -0.788  1.00 19.52 ? 58  GLN B C   1 
ATOM   1206 O O   . GLN B 1 58 ? 8.656   19.717  -1.078  1.00 18.49 ? 58  GLN B O   1 
ATOM   1207 C CB  . GLN B 1 58 ? 8.577   17.125  -2.602  1.00 19.42 ? 58  GLN B CB  1 
ATOM   1208 C CG  . GLN B 1 58 ? 9.516   16.492  -1.615  1.00 22.75 ? 58  GLN B CG  1 
ATOM   1209 C CD  . GLN B 1 58 ? 10.675  15.782  -2.238  1.00 26.39 ? 58  GLN B CD  1 
ATOM   1210 O OE1 . GLN B 1 58 ? 10.567  15.198  -3.301  1.00 30.03 ? 58  GLN B OE1 1 
ATOM   1211 N NE2 . GLN B 1 58 ? 11.789  15.791  -1.550  1.00 28.23 ? 58  GLN B NE2 1 
ATOM   1212 N N   . TYR B 1 59 ? 7.528   18.440  0.458   1.00 20.28 ? 59  TYR B N   1 
ATOM   1213 C CA  . TYR B 1 59 ? 8.026   19.100  1.660   1.00 21.63 ? 59  TYR B CA  1 
ATOM   1214 C C   . TYR B 1 59 ? 9.022   18.217  2.425   1.00 21.90 ? 59  TYR B C   1 
ATOM   1215 O O   . TYR B 1 59 ? 8.708   17.117  2.761   1.00 20.76 ? 59  TYR B O   1 
ATOM   1216 C CB  . TYR B 1 59 ? 6.864   19.473  2.592   1.00 22.66 ? 59  TYR B CB  1 
ATOM   1217 C CG  . TYR B 1 59 ? 5.904   20.504  2.018   1.00 21.73 ? 59  TYR B CG  1 
ATOM   1218 C CD1 . TYR B 1 59 ? 4.824   20.119  1.195   1.00 22.21 ? 59  TYR B CD1 1 
ATOM   1219 C CD2 . TYR B 1 59 ? 6.063   21.856  2.294   1.00 22.60 ? 59  TYR B CD2 1 
ATOM   1220 C CE1 . TYR B 1 59 ? 3.939   21.069  0.664   1.00 21.92 ? 59  TYR B CE1 1 
ATOM   1221 C CE2 . TYR B 1 59 ? 5.177   22.814  1.768   1.00 25.36 ? 59  TYR B CE2 1 
ATOM   1222 C CZ  . TYR B 1 59 ? 4.136   22.412  0.954   1.00 25.11 ? 59  TYR B CZ  1 
ATOM   1223 O OH  . TYR B 1 59 ? 3.270   23.351  0.446   1.00 25.35 ? 59  TYR B OH  1 
ATOM   1224 N N   . ASP B 1 60 ? 10.224  18.715  2.730   1.00 22.30 ? 60  ASP B N   1 
ATOM   1225 C CA  . ASP B 1 60 ? 11.218  17.910  3.447   1.00 23.09 ? 60  ASP B CA  1 
ATOM   1226 C C   . ASP B 1 60 ? 11.246  18.213  4.955   1.00 22.26 ? 60  ASP B C   1 
ATOM   1227 O O   . ASP B 1 60 ? 10.859  19.322  5.378   1.00 22.00 ? 60  ASP B O   1 
ATOM   1228 C CB  . ASP B 1 60 ? 12.623  18.104  2.847   1.00 25.31 ? 60  ASP B CB  1 
ATOM   1229 C CG  . ASP B 1 60 ? 12.769  17.462  1.489   1.00 27.68 ? 60  ASP B CG  1 
ATOM   1230 O OD1 . ASP B 1 60 ? 12.026  16.507  1.194   1.00 27.48 ? 60  ASP B OD1 1 
ATOM   1231 O OD2 . ASP B 1 60 ? 13.635  17.925  0.715   1.00 32.01 ? 60  ASP B OD2 1 
ATOM   1232 N N   . GLN B 1 61 ? 11.714  17.239  5.733   1.00 21.03 ? 61  GLN B N   1 
ATOM   1233 C CA  . GLN B 1 61 ? 11.949  17.371  7.177   1.00 21.54 ? 61  GLN B CA  1 
ATOM   1234 C C   . GLN B 1 61 ? 10.748  17.937  7.918   1.00 20.85 ? 61  GLN B C   1 
ATOM   1235 O O   . GLN B 1 61 ? 10.875  18.887  8.709   1.00 20.43 ? 61  GLN B O   1 
ATOM   1236 C CB  . GLN B 1 61 ? 13.203  18.234  7.466   1.00 23.20 ? 61  GLN B CB  1 
ATOM   1237 C CG  . GLN B 1 61 ? 14.477  17.715  6.841   1.00 30.85 ? 61  GLN B CG  1 
ATOM   1238 C CD  . GLN B 1 61 ? 14.829  16.332  7.355   1.00 38.80 ? 61  GLN B CD  1 
ATOM   1239 O OE1 . GLN B 1 61 ? 14.862  16.111  8.566   1.00 43.66 ? 61  GLN B OE1 1 
ATOM   1240 N NE2 . GLN B 1 61 ? 15.095  15.394  6.438   1.00 41.50 ? 61  GLN B NE2 1 
ATOM   1241 N N   . ILE B 1 62 ? 9.570   17.355  7.647   1.00 18.76 ? 62  ILE B N   1 
ATOM   1242 C CA  . ILE B 1 62 ? 8.325   17.734  8.340   1.00 18.71 ? 62  ILE B CA  1 
ATOM   1243 C C   . ILE B 1 62 ? 8.103   16.797  9.541   1.00 18.38 ? 62  ILE B C   1 
ATOM   1244 O O   . ILE B 1 62 ? 8.129   15.577  9.368   1.00 17.44 ? 62  ILE B O   1 
ATOM   1245 C CB  . ILE B 1 62 ? 7.114   17.593  7.400   1.00 18.12 ? 62  ILE B CB  1 
ATOM   1246 C CG1 . ILE B 1 62 ? 7.248   18.521  6.187   1.00 19.81 ? 62  ILE B CG1 1 
ATOM   1247 C CG2 . ILE B 1 62 ? 5.788   17.791  8.188   1.00 19.90 ? 62  ILE B CG2 1 
ATOM   1248 C CD1 . ILE B 1 62 ? 7.472   19.948  6.532   1.00 21.05 ? 62  ILE B CD1 1 
ATOM   1249 N N   . PRO B 1 63 ? 7.954   17.339  10.756  1.00 18.37 ? 63  PRO B N   1 
ATOM   1250 C CA  . PRO B 1 63 ? 7.576   16.473  11.878  1.00 18.27 ? 63  PRO B CA  1 
ATOM   1251 C C   . PRO B 1 63 ? 6.142   15.963  11.755  1.00 20.04 ? 63  PRO B C   1 
ATOM   1252 O O   . PRO B 1 63 ? 5.236   16.734  11.431  1.00 19.21 ? 63  PRO B O   1 
ATOM   1253 C CB  . PRO B 1 63 ? 7.717   17.390  13.102  1.00 19.43 ? 63  PRO B CB  1 
ATOM   1254 C CG  . PRO B 1 63 ? 8.676   18.467  12.649  1.00 19.12 ? 63  PRO B CG  1 
ATOM   1255 C CD  . PRO B 1 63 ? 8.279   18.710  11.212  1.00 18.37 ? 63  PRO B CD  1 
ATOM   1256 N N   . VAL B 1 64 ? 5.951   14.680  12.032  1.00 19.98 ? 64  VAL B N   1 
ATOM   1257 C CA  . VAL B 1 64 ? 4.637   14.038  11.906  1.00 21.67 ? 64  VAL B CA  1 
ATOM   1258 C C   . VAL B 1 64 ? 4.580   13.058  13.051  1.00 23.23 ? 64  VAL B C   1 
ATOM   1259 O O   . VAL B 1 64 ? 5.527   12.275  13.240  1.00 23.90 ? 64  VAL B O   1 
ATOM   1260 C CB  . VAL B 1 64 ? 4.537   13.204  10.603  1.00 21.97 ? 64  VAL B CB  1 
ATOM   1261 C CG1 . VAL B 1 64 ? 3.175   12.522  10.491  1.00 22.79 ? 64  VAL B CG1 1 
ATOM   1262 C CG2 . VAL B 1 64 ? 4.790   14.034  9.341   1.00 21.45 ? 64  VAL B CG2 1 
ATOM   1263 N N   . GLU B 1 65 ? 3.484   13.087  13.806  1.00 22.45 ? 65  GLU B N   1 
ATOM   1264 C CA  . GLU B 1 65 ? 3.296   12.184  14.916  1.00 23.13 ? 65  GLU B CA  1 
ATOM   1265 C C   . GLU B 1 65 ? 2.268   11.156  14.477  1.00 22.45 ? 65  GLU B C   1 
ATOM   1266 O O   . GLU B 1 65 ? 1.191   11.526  14.013  1.00 22.99 ? 65  GLU B O   1 
ATOM   1267 C CB  . GLU B 1 65 ? 2.778   12.948  16.119  1.00 24.13 ? 65  GLU B CB  1 
ATOM   1268 C CG  . GLU B 1 65 ? 3.049   12.281  17.421  1.00 29.34 ? 65  GLU B CG  1 
ATOM   1269 C CD  . GLU B 1 65 ? 2.773   13.239  18.557  1.00 36.35 ? 65  GLU B CD  1 
ATOM   1270 O OE1 . GLU B 1 65 ? 1.933   12.899  19.410  1.00 40.42 ? 65  GLU B OE1 1 
ATOM   1271 O OE2 . GLU B 1 65 ? 3.365   14.351  18.570  1.00 40.66 ? 65  GLU B OE2 1 
ATOM   1272 N N   . ILE B 1 66 ? 2.642   9.882   14.534  1.00 21.74 ? 66  ILE B N   1 
ATOM   1273 C CA  . ILE B 1 66 ? 1.782   8.822   13.987  1.00 22.52 ? 66  ILE B CA  1 
ATOM   1274 C C   . ILE B 1 66 ? 1.427   7.897   15.128  1.00 24.40 ? 66  ILE B C   1 
ATOM   1275 O O   . ILE B 1 66 ? 2.289   7.202   15.634  1.00 23.94 ? 66  ILE B O   1 
ATOM   1276 C CB  . ILE B 1 66 ? 2.523   8.011   12.893  1.00 22.58 ? 66  ILE B CB  1 
ATOM   1277 C CG1 . ILE B 1 66 ? 2.907   8.911   11.730  1.00 21.88 ? 66  ILE B CG1 1 
ATOM   1278 C CG2 . ILE B 1 66 ? 1.623   6.842   12.412  1.00 20.43 ? 66  ILE B CG2 1 
ATOM   1279 C CD1 . ILE B 1 66 ? 4.050   8.370   10.881  1.00 22.01 ? 66  ILE B CD1 1 
HETATM 1280 N N   . ABA B 1 67 ? 0.167   7.919   15.581  1.00 26.68 ? 67  ABA B N   1 
HETATM 1281 C CA  . ABA B 1 67 ? -0.241  7.077   16.699  1.00 28.23 ? 67  ABA B CA  1 
HETATM 1282 C C   . ABA B 1 67 ? 0.643   7.289   17.915  1.00 28.68 ? 67  ABA B C   1 
HETATM 1283 O O   . ABA B 1 67 ? 0.946   6.345   18.638  1.00 30.46 ? 67  ABA B O   1 
HETATM 1284 C CB  . ABA B 1 67 ? -0.229  5.565   16.323  1.00 29.38 ? 67  ABA B CB  1 
HETATM 1285 C CG  . ABA B 1 67 ? -1.304  5.192   15.352  1.00 28.35 ? 67  ABA B CG  1 
ATOM   1286 N N   . GLY B 1 68 ? 1.052   8.528   18.165  1.00 28.37 ? 68  GLY B N   1 
ATOM   1287 C CA  . GLY B 1 68 ? 1.928   8.816   19.276  1.00 27.41 ? 68  GLY B CA  1 
ATOM   1288 C C   . GLY B 1 68 ? 3.421   8.758   19.005  1.00 26.99 ? 68  GLY B C   1 
ATOM   1289 O O   . GLY B 1 68 ? 4.214   9.131   19.877  1.00 27.82 ? 68  GLY B O   1 
ATOM   1290 N N   . HIS B 1 69 ? 3.805   8.291   17.820  1.00 24.72 ? 69  HIS B N   1 
ATOM   1291 C CA  . HIS B 1 69 ? 5.218   8.041   17.497  1.00 24.41 ? 69  HIS B CA  1 
ATOM   1292 C C   . HIS B 1 69 ? 5.724   9.132   16.603  1.00 24.22 ? 69  HIS B C   1 
ATOM   1293 O O   . HIS B 1 69 ? 5.099   9.415   15.602  1.00 24.45 ? 69  HIS B O   1 
ATOM   1294 C CB  . HIS B 1 69 ? 5.349   6.704   16.762  1.00 24.37 ? 69  HIS B CB  1 
ATOM   1295 C CG  . HIS B 1 69 ? 5.232   5.526   17.676  1.00 24.76 ? 69  HIS B CG  1 
ATOM   1296 N ND1 . HIS B 1 69 ? 4.035   5.138   18.229  1.00 27.88 ? 69  HIS B ND1 1 
ATOM   1297 C CD2 . HIS B 1 69 ? 6.168   4.688   18.166  1.00 21.38 ? 69  HIS B CD2 1 
ATOM   1298 C CE1 . HIS B 1 69 ? 4.239   4.103   19.025  1.00 26.02 ? 69  HIS B CE1 1 
ATOM   1299 N NE2 . HIS B 1 69 ? 5.525   3.810   19.000  1.00 27.12 ? 69  HIS B NE2 1 
ATOM   1300 N N   . LYS B 1 70 ? 6.892   9.684   16.923  1.00 24.35 ? 70  LYS B N   1 
ATOM   1301 C CA  . LYS B 1 70 ? 7.440   10.843  16.204  1.00 25.45 ? 70  LYS B CA  1 
ATOM   1302 C C   . LYS B 1 70 ? 8.302   10.436  15.004  1.00 24.79 ? 70  LYS B C   1 
ATOM   1303 O O   . LYS B 1 70 ? 9.123   9.521   15.095  1.00 25.08 ? 70  LYS B O   1 
ATOM   1304 C CB  . LYS B 1 70 ? 8.275   11.726  17.129  1.00 25.89 ? 70  LYS B CB  1 
ATOM   1305 C CG  . LYS B 1 70 ? 7.436   12.573  18.093  1.00 28.74 ? 70  LYS B CG  1 
ATOM   1306 C CD  . LYS B 1 70 ? 8.289   13.199  19.199  1.00 29.53 ? 70  LYS B CD  1 
ATOM   1307 C CE  . LYS B 1 70 ? 7.452   14.205  19.988  1.00 36.39 ? 70  LYS B CE  1 
ATOM   1308 N NZ  . LYS B 1 70 ? 5.969   13.922  19.831  1.00 40.23 ? 70  LYS B NZ  1 
ATOM   1309 N N   . ALA B 1 71 ? 8.066   11.120  13.892  1.00 21.50 ? 71  ALA B N   1 
ATOM   1310 C CA  . ALA B 1 71 ? 8.857   10.967  12.690  1.00 20.43 ? 71  ALA B CA  1 
ATOM   1311 C C   . ALA B 1 71 ? 9.139   12.377  12.186  1.00 19.61 ? 71  ALA B C   1 
ATOM   1312 O O   . ALA B 1 71 ? 8.418   13.337  12.539  1.00 19.15 ? 71  ALA B O   1 
ATOM   1313 C CB  . ALA B 1 71 ? 8.091   10.185  11.660  1.00 20.61 ? 71  ALA B CB  1 
ATOM   1314 N N   . ILE B 1 72 ? 10.211  12.526  11.405  1.00 18.01 ? 72  ILE B N   1 
ATOM   1315 C CA  . ILE B 1 72 ? 10.528  13.828  10.808  1.00 17.23 ? 72  ILE B CA  1 
ATOM   1316 C C   . ILE B 1 72 ? 11.008  13.472  9.421   1.00 17.64 ? 72  ILE B C   1 
ATOM   1317 O O   . ILE B 1 72 ? 12.041  12.863  9.277   1.00 16.25 ? 72  ILE B O   1 
ATOM   1318 C CB  . ILE B 1 72 ? 11.616  14.627  11.521  1.00 17.83 ? 72  ILE B CB  1 
ATOM   1319 C CG1 . ILE B 1 72 ? 11.252  14.918  13.005  1.00 15.06 ? 72  ILE B CG1 1 
ATOM   1320 C CG2 . ILE B 1 72 ? 11.919  15.981  10.788  1.00 17.46 ? 72  ILE B CG2 1 
ATOM   1321 C CD1 . ILE B 1 72 ? 12.406  15.688  13.775  1.00 16.51 ? 72  ILE B CD1 1 
ATOM   1322 N N   . GLY B 1 73 ? 10.220  13.796  8.407   1.00 17.31 ? 73  GLY B N   1 
ATOM   1323 C CA  . GLY B 1 73 ? 10.600  13.367  7.076   1.00 18.68 ? 73  GLY B CA  1 
ATOM   1324 C C   . GLY B 1 73 ? 9.806   14.005  5.985   1.00 19.33 ? 73  GLY B C   1 
ATOM   1325 O O   . GLY B 1 73 ? 9.125   14.977  6.194   1.00 19.95 ? 73  GLY B O   1 
ATOM   1326 N N   . THR B 1 74 ? 9.938   13.457  4.796   1.00 19.41 ? 74  THR B N   1 
ATOM   1327 C CA  . THR B 1 74 ? 9.383   14.043  3.585   1.00 18.88 ? 74  THR B CA  1 
ATOM   1328 C C   . THR B 1 74 ? 7.903   13.753  3.509   1.00 19.02 ? 74  THR B C   1 
ATOM   1329 O O   . THR B 1 74 ? 7.466   12.611  3.720   1.00 17.13 ? 74  THR B O   1 
ATOM   1330 C CB  . THR B 1 74 ? 10.073  13.439  2.344   1.00 19.41 ? 74  THR B CB  1 
ATOM   1331 O OG1 . THR B 1 74 ? 11.465  13.820  2.333   1.00 22.08 ? 74  THR B OG1 1 
ATOM   1332 C CG2 . THR B 1 74 ? 9.415   13.921  1.082   1.00 19.15 ? 74  THR B CG2 1 
ATOM   1333 N N   . VAL B 1 75 ? 7.123   14.792  3.223   1.00 19.19 ? 75  VAL B N   1 
ATOM   1334 C CA  . VAL B 1 75 ? 5.675   14.626  3.037   1.00 18.56 ? 75  VAL B CA  1 
ATOM   1335 C C   . VAL B 1 75 ? 5.320   15.213  1.665   1.00 19.46 ? 75  VAL B C   1 
ATOM   1336 O O   . VAL B 1 75 ? 5.712   16.357  1.331   1.00 18.29 ? 75  VAL B O   1 
ATOM   1337 C CB  . VAL B 1 75 ? 4.861   15.408  4.126   1.00 19.58 ? 75  VAL B CB  1 
ATOM   1338 C CG1 . VAL B 1 75 ? 3.357   15.339  3.845   1.00 20.28 ? 75  VAL B CG1 1 
ATOM   1339 C CG2 . VAL B 1 75 ? 5.165   14.894  5.565   1.00 19.32 ? 75  VAL B CG2 1 
ATOM   1340 N N   . LEU B 1 76 ? 4.594   14.438  0.870   1.00 18.37 ? 76  LEU B N   1 
ATOM   1341 C CA  . LEU B 1 76 ? 4.144   14.910  -0.442  1.00 19.08 ? 76  LEU B CA  1 
ATOM   1342 C C   . LEU B 1 76 ? 2.700   15.371  -0.297  1.00 18.90 ? 76  LEU B C   1 
ATOM   1343 O O   . LEU B 1 76 ? 1.911   14.676  0.332   1.00 19.52 ? 76  LEU B O   1 
ATOM   1344 C CB  . LEU B 1 76 ? 4.244   13.760  -1.464  1.00 18.90 ? 76  LEU B CB  1 
ATOM   1345 C CG  . LEU B 1 76 ? 5.646   13.114  -1.547  1.00 19.64 ? 76  LEU B CG  1 
ATOM   1346 C CD1 . LEU B 1 76 ? 5.746   11.994  -2.612  1.00 21.63 ? 76  LEU B CD1 1 
ATOM   1347 C CD2 . LEU B 1 76 ? 6.744   14.178  -1.797  1.00 22.13 ? 76  LEU B CD2 1 
ATOM   1348 N N   . VAL B 1 77 ? 2.346   16.499  -0.924  1.00 18.29 ? 77  VAL B N   1 
ATOM   1349 C CA  . VAL B 1 77 ? 0.985   17.015  -0.873  1.00 18.58 ? 77  VAL B CA  1 
ATOM   1350 C C   . VAL B 1 77 ? 0.434   17.068  -2.288  1.00 19.60 ? 77  VAL B C   1 
ATOM   1351 O O   . VAL B 1 77 ? 1.038   17.662  -3.199  1.00 19.54 ? 77  VAL B O   1 
ATOM   1352 C CB  . VAL B 1 77 ? 0.888   18.416  -0.219  1.00 18.20 ? 77  VAL B CB  1 
ATOM   1353 C CG1 . VAL B 1 77 ? -0.556  18.919  -0.257  1.00 18.65 ? 77  VAL B CG1 1 
ATOM   1354 C CG2 . VAL B 1 77 ? 1.383   18.338  1.241   1.00 19.46 ? 77  VAL B CG2 1 
ATOM   1355 N N   . GLY B 1 78 ? -0.699  16.422  -2.468  1.00 20.25 ? 78  GLY B N   1 
ATOM   1356 C CA  . GLY B 1 78 ? -1.343  16.447  -3.778  1.00 20.90 ? 78  GLY B CA  1 
ATOM   1357 C C   . GLY B 1 78 ? -2.623  15.662  -3.766  1.00 22.26 ? 78  GLY B C   1 
ATOM   1358 O O   . GLY B 1 78 ? -3.055  15.205  -2.721  1.00 22.13 ? 78  GLY B O   1 
ATOM   1359 N N   . PRO B 1 79 ? -3.247  15.528  -4.947  1.00 23.15 ? 79  PRO B N   1 
ATOM   1360 C CA  . PRO B 1 79 ? -4.559  14.887  -5.171  1.00 24.03 ? 79  PRO B CA  1 
ATOM   1361 C C   . PRO B 1 79 ? -4.581  13.367  -5.079  1.00 24.16 ? 79  PRO B C   1 
ATOM   1362 O O   . PRO B 1 79 ? -5.051  12.689  -5.982  1.00 25.26 ? 79  PRO B O   1 
ATOM   1363 C CB  . PRO B 1 79 ? -4.965  15.414  -6.564  1.00 24.16 ? 79  PRO B CB  1 
ATOM   1364 C CG  . PRO B 1 79 ? -3.686  15.579  -7.270  1.00 24.53 ? 79  PRO B CG  1 
ATOM   1365 C CD  . PRO B 1 79 ? -2.714  16.115  -6.198  1.00 23.08 ? 79  PRO B CD  1 
ATOM   1366 N N   . THR B 1 80 ? -4.095  12.836  -3.956  1.00 24.16 ? 80  THR B N   1 
ATOM   1367 C CA  . THR B 1 80 ? -4.280  11.421  -3.654  1.00 23.50 ? 80  THR B CA  1 
ATOM   1368 C C   . THR B 1 80 ? -5.727  11.172  -3.190  1.00 23.32 ? 80  THR B C   1 
ATOM   1369 O O   . THR B 1 80 ? -6.344  12.022  -2.518  1.00 24.87 ? 80  THR B O   1 
ATOM   1370 C CB  . THR B 1 80 ? -3.231  10.907  -2.619  1.00 23.69 ? 80  THR B CB  1 
ATOM   1371 O OG1 . THR B 1 80 ? -3.566  9.557   -2.261  1.00 23.41 ? 80  THR B OG1 1 
ATOM   1372 C CG2 . THR B 1 80 ? -3.253  11.776  -1.340  1.00 23.63 ? 80  THR B CG2 1 
ATOM   1373 N N   . PRO B 1 81 ? -6.323  10.027  -3.584  1.00 23.65 ? 81  PRO B N   1 
ATOM   1374 C CA  . PRO B 1 81 ? -7.657  9.707   -3.043  1.00 23.15 ? 81  PRO B CA  1 
ATOM   1375 C C   . PRO B 1 81 ? -7.733  9.353   -1.563  1.00 22.99 ? 81  PRO B C   1 
ATOM   1376 O O   . PRO B 1 81 ? -8.837  9.392   -0.988  1.00 22.17 ? 81  PRO B O   1 
ATOM   1377 C CB  . PRO B 1 81 ? -8.103  8.505   -3.848  1.00 23.55 ? 81  PRO B CB  1 
ATOM   1378 C CG  . PRO B 1 81 ? -6.908  7.956   -4.458  1.00 25.39 ? 81  PRO B CG  1 
ATOM   1379 C CD  . PRO B 1 81 ? -5.863  9.044   -4.567  1.00 23.68 ? 81  PRO B CD  1 
ATOM   1380 N N   . VAL B 1 82 ? -6.601  8.954   -0.968  1.00 21.79 ? 82  VAL B N   1 
ATOM   1381 C CA  . VAL B 1 82 ? -6.540  8.521   0.438   1.00 21.45 ? 82  VAL B CA  1 
ATOM   1382 C C   . VAL B 1 82 ? -5.220  9.052   0.994   1.00 20.09 ? 82  VAL B C   1 
ATOM   1383 O O   . VAL B 1 82 ? -4.194  8.965   0.312   1.00 19.97 ? 82  VAL B O   1 
ATOM   1384 C CB  . VAL B 1 82 ? -6.505  6.954   0.522   1.00 21.65 ? 82  VAL B CB  1 
ATOM   1385 C CG1 . VAL B 1 82 ? -6.386  6.455   1.964   1.00 26.55 ? 82  VAL B CG1 1 
ATOM   1386 C CG2 . VAL B 1 82 ? -7.790  6.376   -0.143  1.00 25.81 ? 82  VAL B CG2 1 
ATOM   1387 N N   . ASN B 1 83 ? -5.239  9.692   2.165   1.00 18.11 ? 83  ASN B N   1 
ATOM   1388 C CA  . ASN B 1 83 ? -3.967  10.096  2.794   1.00 17.57 ? 83  ASN B CA  1 
ATOM   1389 C C   . ASN B 1 83 ? -3.184  8.818   3.188   1.00 17.94 ? 83  ASN B C   1 
ATOM   1390 O O   . ASN B 1 83 ? -3.761  7.884   3.813   1.00 16.43 ? 83  ASN B O   1 
ATOM   1391 C CB  . ASN B 1 83 ? -4.244  10.891  4.066   1.00 18.13 ? 83  ASN B CB  1 
ATOM   1392 C CG  . ASN B 1 83 ? -4.988  12.180  3.807   1.00 20.82 ? 83  ASN B CG  1 
ATOM   1393 O OD1 . ASN B 1 83 ? -4.901  12.746  2.703   1.00 20.53 ? 83  ASN B OD1 1 
ATOM   1394 N ND2 . ASN B 1 83 ? -5.707  12.691  4.850   1.00 18.64 ? 83  ASN B ND2 1 
ATOM   1395 N N   . ILE B 1 84 ? -1.908  8.751   2.835   1.00 17.96 ? 84  ILE B N   1 
ATOM   1396 C CA  . ILE B 1 84 ? -1.171  7.502   3.029   1.00 16.73 ? 84  ILE B CA  1 
ATOM   1397 C C   . ILE B 1 84 ? 0.163   7.807   3.736   1.00 18.72 ? 84  ILE B C   1 
ATOM   1398 O O   . ILE B 1 84 ? 0.791   8.820   3.477   1.00 19.56 ? 84  ILE B O   1 
ATOM   1399 C CB  . ILE B 1 84 ? -0.929  6.737   1.696   1.00 18.69 ? 84  ILE B CB  1 
ATOM   1400 C CG1 . ILE B 1 84 ? -0.228  7.632   0.642   1.00 19.77 ? 84  ILE B CG1 1 
ATOM   1401 C CG2 . ILE B 1 84 ? -2.284  6.109   1.176   1.00 20.23 ? 84  ILE B CG2 1 
ATOM   1402 C CD1 . ILE B 1 84 ? 0.077   6.873   -0.735  1.00 18.54 ? 84  ILE B CD1 1 
ATOM   1403 N N   . ILE B 1 85 ? 0.512   6.965   4.707   1.00 17.06 ? 85  ILE B N   1 
ATOM   1404 C CA  . ILE B 1 85 ? 1.822   7.040   5.359   1.00 18.38 ? 85  ILE B CA  1 
ATOM   1405 C C   . ILE B 1 85 ? 2.597   5.937   4.716   1.00 18.10 ? 85  ILE B C   1 
ATOM   1406 O O   . ILE B 1 85 ? 2.264   4.752   4.881   1.00 19.46 ? 85  ILE B O   1 
ATOM   1407 C CB  . ILE B 1 85 ? 1.714   6.725   6.858   1.00 18.54 ? 85  ILE B CB  1 
ATOM   1408 C CG1 . ILE B 1 85 ? 0.712   7.670   7.541   1.00 19.32 ? 85  ILE B CG1 1 
ATOM   1409 C CG2 . ILE B 1 85 ? 3.096   6.844   7.516   1.00 19.77 ? 85  ILE B CG2 1 
ATOM   1410 C CD1 . ILE B 1 85 ? 1.120   9.089   7.480   1.00 23.23 ? 85  ILE B CD1 1 
ATOM   1411 N N   . GLY B 1 86 ? 3.634   6.317   3.996   1.00 16.95 ? 86  GLY B N   1 
ATOM   1412 C CA  . GLY B 1 86 ? 4.429   5.321   3.268   1.00 18.24 ? 86  GLY B CA  1 
ATOM   1413 C C   . GLY B 1 86 ? 5.709   4.921   4.000   1.00 17.73 ? 86  GLY B C   1 
ATOM   1414 O O   . GLY B 1 86 ? 5.950   5.325   5.139   1.00 18.25 ? 86  GLY B O   1 
ATOM   1415 N N   . ARG B 1 87 ? 6.537   4.101   3.358   1.00 16.83 ? 87  ARG B N   1 
ATOM   1416 C CA  . ARG B 1 87 ? 7.680   3.502   4.067   1.00 17.60 ? 87  ARG B CA  1 
ATOM   1417 C C   . ARG B 1 87 ? 8.708   4.510   4.605   1.00 18.35 ? 87  ARG B C   1 
ATOM   1418 O O   . ARG B 1 87 ? 9.374   4.238   5.599   1.00 18.40 ? 87  ARG B O   1 
ATOM   1419 C CB  . ARG B 1 87 ? 8.373   2.489   3.129   1.00 16.57 ? 87  ARG B CB  1 
ATOM   1420 C CG  . ARG B 1 87 ? 7.459   1.283   2.877   1.00 17.57 ? 87  ARG B CG  1 
ATOM   1421 C CD  . ARG B 1 87 ? 8.216   0.216   2.010   1.00 18.45 ? 87  ARG B CD  1 
ATOM   1422 N NE  . ARG B 1 87 ? 8.668   0.730   0.730   1.00 20.22 ? 87  ARG B NE  1 
ATOM   1423 C CZ  . ARG B 1 87 ? 9.905   1.170   0.438   1.00 20.60 ? 87  ARG B CZ  1 
ATOM   1424 N NH1 . ARG B 1 87 ? 10.884  1.201   1.352   1.00 20.14 ? 87  ARG B NH1 1 
ATOM   1425 N NH2 . ARG B 1 87 ? 10.160  1.655   -0.768  1.00 21.98 ? 87  ARG B NH2 1 
ATOM   1426 N N   . ASN B 1 88 ? 8.821   5.677   3.971   1.00 18.07 ? 88  ASN B N   1 
ATOM   1427 C CA  . ASN B 1 88 ? 9.784   6.664   4.452   1.00 17.55 ? 88  ASN B CA  1 
ATOM   1428 C C   . ASN B 1 88 ? 9.501   7.025   5.931   1.00 17.53 ? 88  ASN B C   1 
ATOM   1429 O O   . ASN B 1 88 ? 10.427  7.214   6.695   1.00 17.70 ? 88  ASN B O   1 
ATOM   1430 C CB  . ASN B 1 88 ? 9.779   7.914   3.561   1.00 18.89 ? 88  ASN B CB  1 
ATOM   1431 C CG  . ASN B 1 88 ? 8.528   8.773   3.748   1.00 19.14 ? 88  ASN B CG  1 
ATOM   1432 O OD1 . ASN B 1 88 ? 7.385   8.303   3.614   1.00 19.74 ? 88  ASN B OD1 1 
ATOM   1433 N ND2 . ASN B 1 88 ? 8.743   10.064  4.046   1.00 20.13 ? 88  ASN B ND2 1 
ATOM   1434 N N   . LEU B 1 89 ? 8.241   7.062   6.341   1.00 16.66 ? 89  LEU B N   1 
ATOM   1435 C CA  . LEU B 1 89 ? 7.943   7.346   7.758   1.00 17.27 ? 89  LEU B CA  1 
ATOM   1436 C C   . LEU B 1 89 ? 7.669   6.091   8.545   1.00 17.47 ? 89  LEU B C   1 
ATOM   1437 O O   . LEU B 1 89 ? 7.854   6.107   9.757   1.00 17.25 ? 89  LEU B O   1 
ATOM   1438 C CB  . LEU B 1 89 ? 6.763   8.305   7.954   1.00 17.81 ? 89  LEU B CB  1 
ATOM   1439 C CG  . LEU B 1 89 ? 6.914   9.655   7.248   1.00 19.84 ? 89  LEU B CG  1 
ATOM   1440 C CD1 . LEU B 1 89 ? 5.703   10.567  7.510   1.00 19.12 ? 89  LEU B CD1 1 
ATOM   1441 C CD2 . LEU B 1 89 ? 8.212   10.356  7.657   1.00 20.59 ? 89  LEU B CD2 1 
ATOM   1442 N N   . LEU B 1 90 ? 7.113   5.045   7.919   1.00 17.48 ? 90  LEU B N   1 
ATOM   1443 C CA  . LEU B 1 90 ? 6.920   3.810   8.651   1.00 16.75 ? 90  LEU B CA  1 
ATOM   1444 C C   . LEU B 1 90 ? 8.236   3.262   9.205   1.00 15.85 ? 90  LEU B C   1 
ATOM   1445 O O   . LEU B 1 90 ? 8.246   2.730   10.292  1.00 16.67 ? 90  LEU B O   1 
ATOM   1446 C CB  . LEU B 1 90 ? 6.255   2.731   7.781   1.00 16.81 ? 90  LEU B CB  1 
ATOM   1447 C CG  . LEU B 1 90 ? 4.828   3.099   7.285   1.00 18.12 ? 90  LEU B CG  1 
ATOM   1448 C CD1 . LEU B 1 90 ? 4.404   2.042   6.303   1.00 19.32 ? 90  LEU B CD1 1 
ATOM   1449 C CD2 . LEU B 1 90 ? 3.860   3.197   8.374   1.00 18.46 ? 90  LEU B CD2 1 
ATOM   1450 N N   . THR B 1 91 ? 9.335   3.366   8.461   1.00 16.35 ? 91  THR B N   1 
ATOM   1451 C CA  . THR B 1 91 ? 10.626  2.902   8.995   1.00 17.82 ? 91  THR B CA  1 
ATOM   1452 C C   . THR B 1 91 ? 11.055  3.717   10.221  1.00 18.00 ? 91  THR B C   1 
ATOM   1453 O O   . THR B 1 91 ? 11.644  3.178   11.166  1.00 16.94 ? 91  THR B O   1 
ATOM   1454 C CB  . THR B 1 91 ? 11.745  3.005   7.932   1.00 18.11 ? 91  THR B CB  1 
ATOM   1455 O OG1 . THR B 1 91 ? 11.778  4.334   7.445   1.00 18.42 ? 91  THR B OG1 1 
ATOM   1456 C CG2 . THR B 1 91 ? 11.477  2.090   6.756   1.00 20.20 ? 91  THR B CG2 1 
ATOM   1457 N N   . GLN B 1 92 ? 10.725  5.012   10.213  1.00 17.63 ? 92  GLN B N   1 
ATOM   1458 C CA  . GLN B 1 92 ? 11.061  5.880   11.353  1.00 17.27 ? 92  GLN B CA  1 
ATOM   1459 C C   . GLN B 1 92 ? 10.357  5.527   12.658  1.00 17.47 ? 92  GLN B C   1 
ATOM   1460 O O   . GLN B 1 92 ? 10.903  5.788   13.740  1.00 18.56 ? 92  GLN B O   1 
ATOM   1461 C CB  . GLN B 1 92 ? 10.812  7.335   11.012  1.00 16.88 ? 92  GLN B CB  1 
ATOM   1462 C CG  . GLN B 1 92 ? 11.707  7.895   9.901   1.00 16.20 ? 92  GLN B CG  1 
ATOM   1463 C CD  . GLN B 1 92 ? 11.705  9.416   9.913   1.00 17.91 ? 92  GLN B CD  1 
ATOM   1464 O OE1 . GLN B 1 92 ? 11.302  10.017  10.903  1.00 19.19 ? 92  GLN B OE1 1 
ATOM   1465 N NE2 . GLN B 1 92 ? 12.160  10.026  8.835   1.00 16.33 ? 92  GLN B NE2 1 
ATOM   1466 N N   . ILE B 1 93 ? 9.162   4.965   12.582  1.00 18.25 ? 93  ILE B N   1 
ATOM   1467 C CA  . ILE B 1 93 ? 8.401   4.580   13.775  1.00 19.63 ? 93  ILE B CA  1 
ATOM   1468 C C   . ILE B 1 93 ? 8.615   3.107   14.120  1.00 20.22 ? 93  ILE B C   1 
ATOM   1469 O O   . ILE B 1 93 ? 7.954   2.564   15.019  1.00 21.50 ? 93  ILE B O   1 
ATOM   1470 C CB  . ILE B 1 93 ? 6.908   4.951   13.678  1.00 17.97 ? 93  ILE B CB  1 
ATOM   1471 C CG1 . ILE B 1 93 ? 6.189   4.141   12.576  1.00 18.79 ? 93  ILE B CG1 1 
ATOM   1472 C CG2 . ILE B 1 93 ? 6.725   6.494   13.396  1.00 19.69 ? 93  ILE B CG2 1 
ATOM   1473 C CD1 . ILE B 1 93 ? 4.683   4.377   12.538  1.00 20.25 ? 93  ILE B CD1 1 
ATOM   1474 N N   . GLY B 1 94 ? 9.503   2.482   13.359  1.00 20.00 ? 94  GLY B N   1 
ATOM   1475 C CA  . GLY B 1 94 ? 9.932   1.088   13.563  1.00 20.92 ? 94  GLY B CA  1 
ATOM   1476 C C   . GLY B 1 94 ? 8.855   0.052   13.235  1.00 20.24 ? 94  GLY B C   1 
ATOM   1477 O O   . GLY B 1 94 ? 8.810   -1.032  13.831  1.00 19.60 ? 94  GLY B O   1 
HETATM 1478 N N   . ABA B 1 95 ? 8.011   0.379   12.272  1.00 19.39 ? 95  ABA B N   1 
HETATM 1479 C CA  . ABA B 1 95 ? 6.984   -0.537  11.786  1.00 19.65 ? 95  ABA B CA  1 
HETATM 1480 C C   . ABA B 1 95 ? 7.571   -1.691  10.933  1.00 20.77 ? 95  ABA B C   1 
HETATM 1481 O O   . ABA B 1 95 ? 8.421   -1.474  10.043  1.00 20.41 ? 95  ABA B O   1 
HETATM 1482 C CB  . ABA B 1 95 ? 5.927   0.260   10.965  1.00 20.92 ? 95  ABA B CB  1 
HETATM 1483 C CG  . ABA B 1 95 ? 4.731   -0.590  10.565  1.00 21.59 ? 95  ABA B CG  1 
ATOM   1484 N N   . THR B 1 96 ? 7.088   -2.915  11.203  1.00 19.55 ? 96  THR B N   1 
ATOM   1485 C CA  . THR B 1 96 ? 7.399   -4.095  10.389  1.00 20.20 ? 96  THR B CA  1 
ATOM   1486 C C   . THR B 1 96 ? 6.078   -4.830  10.068  1.00 20.45 ? 96  THR B C   1 
ATOM   1487 O O   . THR B 1 96 ? 5.033   -4.601  10.722  1.00 19.70 ? 96  THR B O   1 
ATOM   1488 C CB  . THR B 1 96 ? 8.301   -5.120  11.116  1.00 20.98 ? 96  THR B CB  1 
ATOM   1489 O OG1 . THR B 1 96 ? 7.684   -5.488  12.361  1.00 23.14 ? 96  THR B OG1 1 
ATOM   1490 C CG2 . THR B 1 96 ? 9.703   -4.546  11.399  1.00 23.50 ? 96  THR B CG2 1 
ATOM   1491 N N   . LEU B 1 97 ? 6.141   -5.691  9.067   1.00 19.08 ? 97  LEU B N   1 
ATOM   1492 C CA  . LEU B 1 97 ? 5.053   -6.636  8.777   1.00 18.50 ? 97  LEU B CA  1 
ATOM   1493 C C   . LEU B 1 97 ? 5.440   -7.960  9.343   1.00 19.64 ? 97  LEU B C   1 
ATOM   1494 O O   . LEU B 1 97 ? 6.604   -8.353  9.250   1.00 19.71 ? 97  LEU B O   1 
ATOM   1495 C CB  . LEU B 1 97 ? 4.931   -6.825  7.275   1.00 19.92 ? 97  LEU B CB  1 
ATOM   1496 C CG  . LEU B 1 97 ? 4.238   -5.692  6.536   1.00 20.22 ? 97  LEU B CG  1 
ATOM   1497 C CD1 . LEU B 1 97 ? 4.472   -5.841  4.982   1.00 24.39 ? 97  LEU B CD1 1 
ATOM   1498 C CD2 . LEU B 1 97 ? 2.772   -5.734  6.846   1.00 23.33 ? 97  LEU B CD2 1 
ATOM   1499 N N   . ASN B 1 98 ? 4.453   -8.675  9.886   1.00 19.09 ? 98  ASN B N   1 
ATOM   1500 C CA  . ASN B 1 98 ? 4.752   -9.932  10.551  1.00 19.81 ? 98  ASN B CA  1 
ATOM   1501 C C   . ASN B 1 98 ? 3.679   -10.972 10.222  1.00 19.77 ? 98  ASN B C   1 
ATOM   1502 O O   . ASN B 1 98 ? 2.495   -10.678 10.302  1.00 20.67 ? 98  ASN B O   1 
ATOM   1503 C CB  . ASN B 1 98 ? 4.812   -9.680  12.056  1.00 18.72 ? 98  ASN B CB  1 
ATOM   1504 C CG  . ASN B 1 98 ? 5.977   -8.827  12.447  1.00 21.76 ? 98  ASN B CG  1 
ATOM   1505 O OD1 . ASN B 1 98 ? 7.068   -9.333  12.669  1.00 23.60 ? 98  ASN B OD1 1 
ATOM   1506 N ND2 . ASN B 1 98 ? 5.756   -7.514  12.545  1.00 21.41 ? 98  ASN B ND2 1 
ATOM   1507 N N   . PHE B 1 99 ? 4.086   -12.186 9.877   1.00 21.56 ? 99  PHE B N   1 
ATOM   1508 C CA  . PHE B 1 99 ? 3.139   -13.294 9.784   1.00 22.25 ? 99  PHE B CA  1 
ATOM   1509 C C   . PHE B 1 99 ? 3.889   -14.620 9.957   1.00 23.83 ? 99  PHE B C   1 
ATOM   1510 O O   . PHE B 1 99 ? 3.338   -15.709 9.787   1.00 25.04 ? 99  PHE B O   1 
ATOM   1511 C CB  . PHE B 1 99 ? 2.309   -13.228 8.470   1.00 22.48 ? 99  PHE B CB  1 
ATOM   1512 C CG  . PHE B 1 99 ? 3.130   -13.337 7.200   1.00 25.44 ? 99  PHE B CG  1 
ATOM   1513 C CD1 . PHE B 1 99 ? 3.739   -12.210 6.651   1.00 27.07 ? 99  PHE B CD1 1 
ATOM   1514 C CD2 . PHE B 1 99 ? 3.231   -14.552 6.519   1.00 25.24 ? 99  PHE B CD2 1 
ATOM   1515 C CE1 . PHE B 1 99 ? 4.464   -12.308 5.485   1.00 28.22 ? 99  PHE B CE1 1 
ATOM   1516 C CE2 . PHE B 1 99 ? 3.956   -14.658 5.339   1.00 25.00 ? 99  PHE B CE2 1 
ATOM   1517 C CZ  . PHE B 1 99 ? 4.584   -13.525 4.819   1.00 24.59 ? 99  PHE B CZ  1 
ATOM   1518 O OXT . PHE B 1 99 ? 5.077   -14.625 10.318  1.00 25.89 ? 99  PHE B OXT 1 
HETATM 1519 C C7  . KVI C 2 .  ? -8.937  3.631   -3.604  1.00 30.87 ? 101 KVI B C7  1 
HETATM 1520 O O2  . KVI C 2 .  ? -8.554  3.888   -2.449  1.00 32.88 ? 101 KVI B O2  1 
HETATM 1521 C C8  . KVI C 2 .  ? -9.460  4.717   -4.513  1.00 31.89 ? 101 KVI B C8  1 
HETATM 1522 N N10 . KVI C 2 .  ? -9.233  2.386   -3.968  1.00 28.52 ? 101 KVI B N10 1 
HETATM 1523 C C33 . KVI C 2 .  ? -9.023  1.219   -3.088  1.00 26.94 ? 101 KVI B C33 1 
HETATM 1524 C C34 . KVI C 2 .  ? -7.646  0.550   -3.178  1.00 25.14 ? 101 KVI B C34 1 
HETATM 1525 O O8  . KVI C 2 .  ? -7.308  -0.321  -2.330  1.00 24.40 ? 101 KVI B O8  1 
HETATM 1526 C C35 . KVI C 2 .  ? -10.051 0.116   -3.341  1.00 26.91 ? 101 KVI B C35 1 
HETATM 1527 O O9  . KVI C 2 .  ? -9.983  -0.315  -4.708  1.00 27.37 ? 101 KVI B O9  1 
HETATM 1528 C C36 . KVI C 2 .  ? -11.485 0.614   -3.013  1.00 29.09 ? 101 KVI B C36 1 
HETATM 1529 N N8  . KVI C 2 .  ? -6.858  0.943   -4.181  1.00 22.11 ? 101 KVI B N8  1 
HETATM 1530 C C14 . KVI C 2 .  ? -5.570  0.292   -4.393  1.00 20.35 ? 101 KVI B C14 1 
HETATM 1531 C C15 . KVI C 2 .  ? -4.433  1.319   -4.339  1.00 20.67 ? 101 KVI B C15 1 
HETATM 1532 O O5  . KVI C 2 .  ? -4.173  2.102   -5.263  1.00 20.58 ? 101 KVI B O5  1 
HETATM 1533 C C16 . KVI C 2 .  ? -5.502  -0.567  -5.723  1.00 19.96 ? 101 KVI B C16 1 
HETATM 1534 C C17 . KVI C 2 .  ? -6.646  -1.621  -5.787  1.00 22.81 ? 101 KVI B C17 1 
HETATM 1535 C C18 . KVI C 2 .  ? -4.102  -1.255  -5.872  1.00 20.04 ? 101 KVI B C18 1 
HETATM 1536 C C19 . KVI C 2 .  ? -6.609  -2.741  -4.727  1.00 26.49 ? 101 KVI B C19 1 
HETATM 1537 N N9  . KVI C 2 .  ? -3.786  1.490   -3.068  1.00 20.17 ? 101 KVI B N9  1 
HETATM 1538 C C20 . KVI C 2 .  ? -2.883  2.669   -2.969  1.00 21.62 ? 101 KVI B C20 1 
HETATM 1539 C C21 . KVI C 2 .  ? -3.200  3.412   -1.654  1.00 21.82 ? 101 KVI B C21 1 
HETATM 1540 C C22 . KVI C 2 .  ? -4.654  3.941   -1.550  1.00 19.83 ? 101 KVI B C22 1 
HETATM 1541 C C23 . KVI C 2 .  ? -5.118  4.871   -2.696  1.00 23.14 ? 101 KVI B C23 1 
HETATM 1542 C C24 . KVI C 2 .  ? -4.195  6.076   -2.814  1.00 21.76 ? 101 KVI B C24 1 
HETATM 1543 C C25 . KVI C 2 .  ? -1.453  2.195   -3.066  1.00 23.21 ? 101 KVI B C25 1 
HETATM 1544 O O6  . KVI C 2 .  ? -0.542  2.646   -2.333  1.00 26.61 ? 101 KVI B O6  1 
HETATM 1545 C C26 . KVI C 2 .  ? -1.028  1.226   -4.166  1.00 23.11 ? 101 KVI B C26 1 
HETATM 1546 C C27 . KVI C 2 .  ? 0.454   1.289   -4.424  1.00 22.10 ? 101 KVI B C27 1 
HETATM 1547 C C28 . KVI C 2 .  ? 0.756   0.353   -5.608  1.00 24.86 ? 101 KVI B C28 1 
HETATM 1548 C C29 . KVI C 2 .  ? 2.188   0.382   -6.160  1.00 33.34 ? 101 KVI B C29 1 
HETATM 1549 C C30 . KVI C 2 .  ? 2.217   0.921   -7.601  1.00 37.50 ? 101 KVI B C30 1 
HETATM 1550 C C31 . KVI C 2 .  ? 1.589   -0.071  -8.562  1.00 36.23 ? 101 KVI B C31 1 
HETATM 1551 C C32 . KVI C 2 .  ? 0.764   2.762   -4.669  1.00 23.62 ? 101 KVI B C32 1 
HETATM 1552 O O7  . KVI C 2 .  ? 0.092   3.553   -5.381  1.00 23.11 ? 101 KVI B O7  1 
HETATM 1553 N N6  . KVI C 2 .  ? 2.123   3.089   -4.387  1.00 21.68 ? 101 KVI B N6  1 
HETATM 1554 C C9  . KVI C 2 .  ? 2.614   4.443   -4.772  1.00 22.34 ? 101 KVI B C9  1 
HETATM 1555 C C10 . KVI C 2 .  ? 4.116   4.285   -4.943  1.00 22.61 ? 101 KVI B C10 1 
HETATM 1556 O O3  . KVI C 2 .  ? 4.776   3.635   -4.132  1.00 22.91 ? 101 KVI B O3  1 
HETATM 1557 C C11 . KVI C 2 .  ? 2.262   5.469   -3.700  1.00 21.92 ? 101 KVI B C11 1 
HETATM 1558 C C12 . KVI C 2 .  ? 2.846   6.895   -3.979  1.00 23.37 ? 101 KVI B C12 1 
HETATM 1559 C C13 . KVI C 2 .  ? 4.289   7.019   -3.472  1.00 25.48 ? 101 KVI B C13 1 
HETATM 1560 O O4  . KVI C 2 .  ? 4.662   6.350   -2.509  1.00 27.40 ? 101 KVI B O4  1 
HETATM 1561 N N7  . KVI C 2 .  ? 5.084   7.910   -4.085  1.00 21.93 ? 101 KVI B N7  1 
HETATM 1562 N N1  . KVI C 2 .  ? 4.777   4.882   -6.011  1.00 25.53 ? 101 KVI B N1  1 
HETATM 1563 C C1  . KVI C 2 .  ? 6.132   4.771   -6.482  1.00 28.26 ? 101 KVI B C1  1 
HETATM 1564 C C6  . KVI C 2 .  ? 6.612   6.187   -6.490  1.00 28.87 ? 101 KVI B C6  1 
HETATM 1565 O O1  . KVI C 2 .  ? 5.977   7.043   -7.108  1.00 28.87 ? 101 KVI B O1  1 
HETATM 1566 C C2  . KVI C 2 .  ? 6.028   4.224   -7.900  1.00 28.76 ? 101 KVI B C2  1 
HETATM 1567 C C3  . KVI C 2 .  ? 7.380   3.791   -8.452  1.00 34.77 ? 101 KVI B C3  1 
HETATM 1568 C C4  . KVI C 2 .  ? 7.207   3.229   -9.872  1.00 42.52 ? 101 KVI B C4  1 
HETATM 1569 N N2  . KVI C 2 .  ? 8.416   3.462   -10.655 1.00 46.32 ? 101 KVI B N2  1 
HETATM 1570 C C5  . KVI C 2 .  ? 9.409   2.563   -10.755 1.00 48.67 ? 101 KVI B C5  1 
HETATM 1571 N N4  . KVI C 2 .  ? 9.425   1.425   -10.040 1.00 49.39 ? 101 KVI B N4  1 
HETATM 1572 N N3  . KVI C 2 .  ? 10.404  2.831   -11.595 1.00 47.49 ? 101 KVI B N3  1 
HETATM 1573 N N5  . KVI C 2 .  ? 7.755   6.480   -5.848  1.00 29.66 ? 101 KVI B N5  1 
HETATM 1574 O O   . HOH D 3 .  ? -6.152  -0.838  3.052   1.00 17.34 ? 101 HOH A O   1 
HETATM 1575 O O   . HOH D 3 .  ? -4.597  -9.293  9.724   1.00 20.41 ? 102 HOH A O   1 
HETATM 1576 O O   . HOH D 3 .  ? -8.623  -9.113  -4.683  1.00 22.39 ? 103 HOH A O   1 
HETATM 1577 O O   . HOH D 3 .  ? -5.300  -11.935 10.114  1.00 23.01 ? 104 HOH A O   1 
HETATM 1578 O O   . HOH D 3 .  ? -7.114  0.550   0.657   1.00 23.71 ? 105 HOH A O   1 
HETATM 1579 O O   . HOH D 3 .  ? -0.939  -18.770 7.399   1.00 26.82 ? 106 HOH A O   1 
HETATM 1580 O O   . HOH D 3 .  ? -5.548  4.971   -16.000 1.00 25.53 ? 107 HOH A O   1 
HETATM 1581 O O   . HOH D 3 .  ? -3.793  -20.605 -8.440  1.00 30.56 ? 108 HOH A O   1 
HETATM 1582 O O   . HOH D 3 .  ? -11.570 -12.739 -0.726  1.00 29.65 ? 109 HOH A O   1 
HETATM 1583 O O   . HOH D 3 .  ? 13.894  -3.956  4.126   1.00 28.96 ? 110 HOH A O   1 
HETATM 1584 O O   . HOH D 3 .  ? -12.890 -15.194 -4.001  1.00 31.06 ? 111 HOH A O   1 
HETATM 1585 O O   . HOH D 3 .  ? 0.527   -16.456 10.363  1.00 33.68 ? 112 HOH A O   1 
HETATM 1586 O O   . HOH D 3 .  ? -5.363  -15.825 10.364  1.00 31.17 ? 113 HOH A O   1 
HETATM 1587 O O   . HOH D 3 .  ? -5.062  10.566  -8.335  1.00 34.82 ? 114 HOH A O   1 
HETATM 1588 O O   . HOH D 3 .  ? 4.700   -10.822 -12.632 1.00 33.67 ? 115 HOH A O   1 
HETATM 1589 O O   . HOH D 3 .  ? -0.026  -23.180 -14.536 1.00 39.62 ? 116 HOH A O   1 
HETATM 1590 O O   . HOH D 3 .  ? -0.528  -14.527 12.404  1.00 27.98 ? 117 HOH A O   1 
HETATM 1591 O O   . HOH D 3 .  ? 1.218   -11.505 12.988  1.00 35.78 ? 118 HOH A O   1 
HETATM 1592 O O   . HOH D 3 .  ? 9.921   -14.691 -0.343  1.00 36.77 ? 119 HOH A O   1 
HETATM 1593 O O   . HOH D 3 .  ? -4.958  -12.377 -21.665 1.00 38.49 ? 120 HOH A O   1 
HETATM 1594 O O   . HOH D 3 .  ? -7.158  0.074   -18.027 1.00 35.40 ? 121 HOH A O   1 
HETATM 1595 O O   . HOH D 3 .  ? 7.263   -18.727 8.295   1.00 37.00 ? 122 HOH A O   1 
HETATM 1596 O O   . HOH D 3 .  ? -10.492 -6.322  1.374   1.00 36.86 ? 123 HOH A O   1 
HETATM 1597 O O   . HOH D 3 .  ? -2.738  -18.770 5.667   1.00 35.00 ? 124 HOH A O   1 
HETATM 1598 O O   . HOH D 3 .  ? 5.335   -19.426 -2.391  1.00 39.41 ? 125 HOH A O   1 
HETATM 1599 O O   . HOH D 3 .  ? 7.402   -11.775 -10.674 1.00 40.68 ? 126 HOH A O   1 
HETATM 1600 O O   . HOH D 3 .  ? -8.246  2.638   -17.652 1.00 33.59 ? 127 HOH A O   1 
HETATM 1601 O O   . HOH D 3 .  ? 11.256  -5.127  2.614   1.00 38.99 ? 128 HOH A O   1 
HETATM 1602 O O   . HOH D 3 .  ? -2.841  10.064  -14.728 1.00 36.51 ? 129 HOH A O   1 
HETATM 1603 O O   . HOH D 3 .  ? 12.831  -0.812  -2.778  1.00 36.47 ? 130 HOH A O   1 
HETATM 1604 O O   . HOH D 3 .  ? -11.311 1.284   0.629   1.00 45.33 ? 131 HOH A O   1 
HETATM 1605 O O   . HOH D 3 .  ? 13.533  -9.026  8.873   1.00 37.67 ? 132 HOH A O   1 
HETATM 1606 O O   . HOH D 3 .  ? -0.089  -22.739 -8.067  1.00 43.58 ? 133 HOH A O   1 
HETATM 1607 O O   . HOH D 3 .  ? 3.643   -5.212  18.419  1.00 41.31 ? 134 HOH A O   1 
HETATM 1608 O O   . HOH D 3 .  ? 5.519   -6.298  -14.278 1.00 45.43 ? 135 HOH A O   1 
HETATM 1609 O O   . HOH D 3 .  ? 6.234   -7.586  -8.913  1.00 41.04 ? 136 HOH A O   1 
HETATM 1610 O O   . HOH D 3 .  ? -8.857  6.702   -15.878 1.00 37.39 ? 137 HOH A O   1 
HETATM 1611 O O   . HOH D 3 .  ? 12.304  -12.954 9.691   1.00 44.12 ? 138 HOH A O   1 
HETATM 1612 O O   . HOH D 3 .  ? 11.003  -1.456  8.854   1.00 22.97 ? 139 HOH A O   1 
HETATM 1613 O O   . HOH D 3 .  ? 12.874  -1.339  11.456  1.00 39.46 ? 140 HOH A O   1 
HETATM 1614 O O   . HOH E 3 .  ? 5.603   -13.461 13.202  1.00 41.14 ? 201 HOH B O   1 
HETATM 1615 O O   . HOH E 3 .  ? -5.693  22.401  5.872   1.00 49.29 ? 202 HOH B O   1 
HETATM 1616 O O   . HOH E 3 .  ? 6.580   -0.187  -0.843  1.00 15.78 ? 203 HOH B O   1 
HETATM 1617 O O   . HOH E 3 .  ? 6.078   0.967   -3.418  1.00 18.69 ? 204 HOH B O   1 
HETATM 1618 O O   . HOH E 3 .  ? 11.727  10.974  4.522   1.00 19.04 ? 205 HOH B O   1 
HETATM 1619 O O   . HOH E 3 .  ? 7.166   11.119  1.289   1.00 21.05 ? 206 HOH B O   1 
HETATM 1620 O O   . HOH E 3 .  ? -8.136  9.380   4.404   1.00 27.08 ? 207 HOH B O   1 
HETATM 1621 O O   . HOH E 3 .  ? -6.451  -2.209  10.257  1.00 27.41 ? 208 HOH B O   1 
HETATM 1622 O O   . HOH E 3 .  ? 12.853  14.945  4.782   1.00 25.14 ? 209 HOH B O   1 
HETATM 1623 O O   . HOH E 3 .  ? 12.773  8.609   6.233   1.00 25.94 ? 210 HOH B O   1 
HETATM 1624 O O   . HOH E 3 .  ? -8.534  -5.013  11.526  1.00 27.73 ? 211 HOH B O   1 
HETATM 1625 O O   . HOH E 3 .  ? 4.639   19.324  11.132  1.00 30.58 ? 212 HOH B O   1 
HETATM 1626 O O   . HOH E 3 .  ? 9.554   9.918   0.795   1.00 27.03 ? 213 HOH B O   1 
HETATM 1627 O O   . HOH E 3 .  ? -1.520  16.007  -11.416 1.00 31.58 ? 214 HOH B O   1 
HETATM 1628 O O   . HOH E 3 .  ? -8.276  13.634  7.377   1.00 29.45 ? 215 HOH B O   1 
HETATM 1629 O O   . HOH E 3 .  ? -7.881  14.513  -3.031  1.00 34.32 ? 216 HOH B O   1 
HETATM 1630 O O   . HOH E 3 .  ? 8.397   -3.765  14.524  1.00 30.56 ? 217 HOH B O   1 
HETATM 1631 O O   . HOH E 3 .  ? -6.215  -3.872  14.861  1.00 33.12 ? 218 HOH B O   1 
HETATM 1632 O O   . HOH E 3 .  ? 9.702   13.736  -10.188 1.00 33.15 ? 219 HOH B O   1 
HETATM 1633 O O   . HOH E 3 .  ? 10.888  5.481   0.535   1.00 37.87 ? 220 HOH B O   1 
HETATM 1634 O O   . HOH E 3 .  ? -8.445  3.074   0.459   1.00 32.34 ? 221 HOH B O   1 
HETATM 1635 O O   . HOH E 3 .  ? 9.733   7.287   16.161  1.00 33.21 ? 222 HOH B O   1 
HETATM 1636 O O   . HOH E 3 .  ? -4.967  6.689   15.964  1.00 36.90 ? 223 HOH B O   1 
HETATM 1637 O O   . HOH E 3 .  ? -10.628 1.373   9.304   1.00 35.18 ? 224 HOH B O   1 
HETATM 1638 O O   . HOH E 3 .  ? 15.898  12.816  6.480   1.00 42.28 ? 225 HOH B O   1 
HETATM 1639 O O   . HOH E 3 .  ? 7.464   -11.876 13.368  1.00 35.67 ? 226 HOH B O   1 
HETATM 1640 O O   . HOH E 3 .  ? 8.900   5.423   17.367  1.00 35.01 ? 227 HOH B O   1 
HETATM 1641 O O   . HOH E 3 .  ? 16.027  18.855  8.998   1.00 42.63 ? 228 HOH B O   1 
HETATM 1642 O O   . HOH E 3 .  ? 5.772   28.950  4.951   1.00 39.41 ? 229 HOH B O   1 
HETATM 1643 O O   . HOH E 3 .  ? 2.298   2.117   21.453  1.00 36.07 ? 230 HOH B O   1 
HETATM 1644 O O   . HOH E 3 .  ? 8.604   8.074   19.503  1.00 43.88 ? 231 HOH B O   1 
HETATM 1645 O O   . HOH E 3 .  ? 7.863   14.441  15.309  1.00 41.16 ? 232 HOH B O   1 
HETATM 1646 O O   . HOH E 3 .  ? 10.413  11.741  -2.239  1.00 39.09 ? 233 HOH B O   1 
HETATM 1647 O O   . HOH E 3 .  ? -12.125 -0.619  6.229   1.00 37.24 ? 234 HOH B O   1 
HETATM 1648 O O   . HOH E 3 .  ? 3.706   17.258  14.265  1.00 38.20 ? 235 HOH B O   1 
HETATM 1649 O O   . HOH E 3 .  ? 10.669  21.943  1.964   1.00 43.13 ? 236 HOH B O   1 
HETATM 1650 O O   . HOH E 3 .  ? 12.305  19.578  11.127  1.00 38.68 ? 237 HOH B O   1 
HETATM 1651 O O   . HOH E 3 .  ? 11.982  19.250  -7.556  1.00 40.64 ? 238 HOH B O   1 
HETATM 1652 O O   . HOH E 3 .  ? 3.063   21.027  -8.028  1.00 51.15 ? 239 HOH B O   1 
HETATM 1653 O O   . HOH E 3 .  ? 9.842   16.587  16.451  1.00 46.29 ? 240 HOH B O   1 
HETATM 1654 O O   . HOH E 3 .  ? -2.364  3.791   -6.362  1.00 18.53 ? 241 HOH B O   1 
HETATM 1655 O O   . HOH E 3 .  ? -10.891 1.231   -6.289  1.00 30.44 ? 242 HOH B O   1 
HETATM 1656 O O   . HOH E 3 .  ? -13.475 3.176   -5.992  1.00 51.76 ? 243 HOH B O   1 
# 
